data_8FPI
#
_entry.id   8FPI
#
_cell.length_a   1.00
_cell.length_b   1.00
_cell.length_c   1.00
_cell.angle_alpha   90.00
_cell.angle_beta   90.00
_cell.angle_gamma   90.00
#
_symmetry.space_group_name_H-M   'P 1'
#
loop_
_entity.id
_entity.type
_entity.pdbx_description
1 polymer 'RNA-directed RNA polymerase L'
2 polymer Phosphoprotein
3 non-polymer "4-(2-aminopropan-2-yl)-N'-[4-(cyclopropyloxy)-3-methoxybenzoyl]-6-(4-fluorophenyl)pyridine-2-carbohydrazide"
#
loop_
_entity_poly.entity_id
_entity_poly.type
_entity_poly.pdbx_seq_one_letter_code
_entity_poly.pdbx_strand_id
1 'polypeptide(L)'
;MGSDYKDHDGDYKDHDIDYKDDDDKGSGSLEVLFQGPMDPIINGNSANVYLTDSYLKGVISFSECNALGSYIFNGPYLKN
DYTNLISRQNPLIEHMNLKKLNITQSLISKYHKGEIKLEEPTYFQSLLMTYKSMTSSEQIATTNLLKKIIRRAIEISDVK
VYAILNKLGLKEKDKIKSNNGQDEDNSVITTIIKDDILSAVKDNQSHLKADKNHSTKQKDTIKTTLLKKLMCSMQHPPSW
LIHWFNLYTKLNNILTQYRSNEVKNHGFTLIDNQTLSGFQFILNQYGCIVYHKELKRITVTTYNQFLTWKDISLSRLNVC
LITWISNCLNTLNKSLGLRCGFNNVILTQLFLYGDCILKLFHNEGFYIIKEVEGFIMSLILNITEEDQFRKRFYNSMLNN
ITDAANKAQKNLLSRVCHTLLDKTVSDNIINGRWIILLSKFLKLIKLAGDNNLNNLSELYFLFRIFGHPMVDERQAMDAV
KINCNETKFYLLSSLSMLRGAFIYRIIKGFVNNYNRWPTLRNAIVLPLRWLTYYKLNTYPSLLELTERDLIVLSGLRFYR
EFRLPKKVDLEMIINDKAISPPKNLIWTSFPRNYMPSHIQNYIEHEKLKFSESDKSRRVLEYYLRDNKFNECDLYNCVVN
QSYLNNPNHVVSLTGKERELSVGRMFAMQPGMFRQVQILAEKMIAENILQFFPESLTRYGDLELQKILELKAGISNKSNR
YNDNYNNYISKCSIITDLSKFNQAFRYETSCICSDVLDELHGVQSLFSWLHLTIPHVTIICTYRHAPPYIGDHIVDLNNV
DEQSGLYRYHMGGIEGWCQKLWTIEAISLLDLISLKGKFSITALINGDNQSIDISKPIRLMEGQTHAQADYLLALNSLKL
LYKEYAGIGHKLKGTETYISRDMQFMSKTIQHNGVYYPASIKKVLRVGPWINTILDDFKVSLESIGSLTQELEYRGESLL
CSLIFRNVWLYNQIALQLKNHALCNNKLYLDILKVLKHLKTFFNLDNIDTALTLYMNLPMLFGGGDPNLLYRSFYRRTPD
FLTEAIVHSVFILSYYTNHDLKDKLQDLSDDRLNKFLTCIITFDKNPNAEFVTLMRDPQALGSERQAKITSEINRLAVTE
VLSTAPNKIFSKSAQHYTTTEIDLNDIMQNIEPTYPHGLRVVYESLPFYKAEKIVNLISGTKSITNILEKTSAIDLTDID
RATEMMRKNITLLIRILPLDCNRDKREILSMENLSITELSKYVRERSWSLSNIVGVTSPSIMYTMDIKYTTSTISSGIII
EKYNVNSLTRGERGPTKPWVGSSTQEKKTMPVYNRQVLTKKQRDQIDLLAKLDWVYASIDNKDEFMEELSIGTLGLTYEK
AKKLFPQYLSVNYLHRLTVSSRPCEFPASIPAYRTTNYHFDTSPINRILTEKYGDEDIDIVFQNCISFGLSLMSVVEQFT
NVCPNRIILIPKLNEIHLMKPPIFTGDVDIHKLKQVIQKQHMFLPDKISLTQYVELF
;
A
2 'polypeptide(L)'
;MEKFAPEFHGEDANNRATKFLESIKGKFTSPKDPKKKDSIISVNSIDIEVTKESPITSNSTIINPTNETDDTAGNKPNYQ
RKPLVSFKEDPTPSDNPFSKLYKETIETFDNNEEESSYSYEEINDQTNDNITARLDRIDEKLSEILGMLHTLVVASAGPT
SARDGIRDAMIGLREEMIEKIRTEALMTNDRLEAMARLRNEESEKMAKDTSDEVSLNPTSEKLNNLLEGNDSDNDLSLED
FKGENKYFQGHHHHHH
;
B,C,D,E
#
loop_
_chem_comp.id
_chem_comp.type
_chem_comp.name
_chem_comp.formula
Y6L non-polymer 4-(2-aminopropan-2-yl)-N'-[4-(cyclopropyloxy)-3-methoxybenzoyl]-6-(4-fluorophenyl)pyridine-2-carbohydrazide 'C26 H27 F N4 O4'
#
# COMPACT_ATOMS: atom_id res chain seq x y z
N ASN A 48 17.18 -29.16 -9.73
CA ASN A 48 16.68 -28.17 -8.78
C ASN A 48 17.81 -27.25 -8.32
N VAL A 49 17.65 -25.96 -8.62
CA VAL A 49 18.69 -24.96 -8.44
C VAL A 49 18.20 -23.98 -7.39
N TYR A 50 19.12 -23.33 -6.69
CA TYR A 50 18.77 -22.27 -5.77
C TYR A 50 19.43 -20.97 -6.21
N LEU A 51 18.62 -19.97 -6.51
CA LEU A 51 19.11 -18.66 -6.89
C LEU A 51 18.89 -17.73 -5.71
N THR A 52 19.96 -17.16 -5.18
CA THR A 52 19.88 -16.35 -3.98
C THR A 52 19.71 -14.88 -4.34
N ASP A 53 19.24 -14.12 -3.38
CA ASP A 53 18.97 -12.70 -3.60
C ASP A 53 20.26 -11.97 -3.96
N SER A 54 20.11 -10.98 -4.83
CA SER A 54 21.19 -10.07 -5.15
C SER A 54 21.05 -8.74 -4.43
N TYR A 55 19.88 -8.47 -3.86
CA TYR A 55 19.60 -7.29 -3.06
C TYR A 55 18.91 -7.75 -1.80
N LEU A 56 18.90 -6.88 -0.80
CA LEU A 56 18.14 -7.17 0.40
C LEU A 56 16.65 -7.12 0.08
N LYS A 57 15.99 -8.27 0.22
CA LYS A 57 14.55 -8.38 0.08
C LYS A 57 14.08 -9.16 1.29
N GLY A 58 13.94 -8.48 2.41
CA GLY A 58 13.73 -9.14 3.68
C GLY A 58 14.46 -8.39 4.78
N VAL A 59 14.66 -9.09 5.88
CA VAL A 59 15.18 -8.47 7.10
C VAL A 59 16.49 -9.13 7.51
N ILE A 60 17.40 -8.30 8.03
CA ILE A 60 18.59 -8.77 8.70
C ILE A 60 18.13 -9.30 10.05
N SER A 61 18.28 -10.59 10.28
CA SER A 61 17.74 -11.19 11.49
C SER A 61 18.75 -11.12 12.62
N PHE A 62 18.34 -10.48 13.72
CA PHE A 62 19.13 -10.47 14.93
C PHE A 62 19.29 -11.87 15.48
N SER A 63 18.20 -12.64 15.47
CA SER A 63 18.20 -14.00 15.98
C SER A 63 19.06 -14.94 15.16
N GLU A 64 19.05 -14.81 13.83
CA GLU A 64 19.92 -15.63 12.99
C GLU A 64 21.38 -15.36 13.25
N CYS A 65 21.76 -14.07 13.27
CA CYS A 65 23.13 -13.70 13.51
C CYS A 65 23.58 -14.13 14.90
N ASN A 66 22.71 -13.96 15.90
CA ASN A 66 23.02 -14.40 17.24
C ASN A 66 23.20 -15.91 17.32
N ALA A 67 22.30 -16.68 16.69
CA ALA A 67 22.44 -18.13 16.75
C ALA A 67 23.72 -18.62 16.08
N LEU A 68 24.02 -18.11 14.88
CA LEU A 68 25.23 -18.55 14.20
C LEU A 68 26.47 -18.16 14.99
N GLY A 69 26.60 -16.88 15.34
CA GLY A 69 27.79 -16.45 16.06
C GLY A 69 27.93 -17.10 17.42
N SER A 70 26.82 -17.33 18.11
CA SER A 70 26.88 -17.95 19.42
C SER A 70 27.31 -19.40 19.32
N TYR A 71 26.83 -20.14 18.32
CA TYR A 71 27.33 -21.49 18.14
C TYR A 71 28.80 -21.50 17.77
N ILE A 72 29.21 -20.58 16.89
CA ILE A 72 30.59 -20.61 16.39
C ILE A 72 31.56 -20.29 17.51
N PHE A 73 31.25 -19.30 18.35
CA PHE A 73 32.18 -18.84 19.37
C PHE A 73 31.88 -19.35 20.77
N ASN A 74 30.92 -20.26 20.96
CA ASN A 74 30.71 -20.92 22.25
C ASN A 74 30.49 -19.92 23.37
N GLY A 75 29.60 -18.97 23.13
CA GLY A 75 29.25 -18.01 24.15
C GLY A 75 28.31 -16.98 23.58
N PRO A 76 27.48 -16.37 24.42
CA PRO A 76 26.46 -15.45 23.91
C PRO A 76 27.12 -14.39 23.05
N TYR A 77 26.68 -14.30 21.81
CA TYR A 77 27.36 -13.44 20.88
C TYR A 77 26.77 -12.04 20.94
N LEU A 78 25.48 -11.91 20.68
CA LEU A 78 24.84 -10.61 20.66
C LEU A 78 23.96 -10.36 21.87
N LYS A 79 23.21 -11.36 22.30
CA LYS A 79 22.26 -11.23 23.39
C LYS A 79 22.20 -12.56 24.08
N ASN A 80 22.00 -12.53 25.39
CA ASN A 80 22.07 -13.74 26.21
C ASN A 80 20.70 -14.40 26.34
N ASP A 81 20.02 -14.59 25.22
CA ASP A 81 18.64 -15.06 25.18
C ASP A 81 18.63 -16.55 24.86
N TYR A 82 17.45 -17.09 24.55
CA TYR A 82 17.34 -18.51 24.24
C TYR A 82 17.84 -18.84 22.85
N THR A 83 17.92 -17.87 21.94
CA THR A 83 18.60 -18.10 20.67
C THR A 83 20.09 -17.87 20.81
N ASN A 84 20.67 -18.36 21.89
CA ASN A 84 22.11 -18.50 22.01
C ASN A 84 22.37 -19.80 22.72
N LEU A 85 21.35 -20.37 23.34
CA LEU A 85 21.46 -21.59 24.10
C LEU A 85 21.16 -22.80 23.23
N ILE A 86 19.99 -22.81 22.62
CA ILE A 86 19.60 -23.92 21.74
C ILE A 86 20.49 -23.94 20.51
N SER A 87 21.03 -22.79 20.12
CA SER A 87 21.94 -22.75 18.99
C SER A 87 23.21 -23.55 19.25
N ARG A 88 23.67 -23.59 20.50
CA ARG A 88 24.89 -24.31 20.82
C ARG A 88 24.65 -25.69 21.37
N GLN A 89 23.48 -25.97 21.96
CA GLN A 89 23.20 -27.36 22.34
C GLN A 89 22.92 -28.21 21.10
N ASN A 90 22.05 -27.72 20.23
CA ASN A 90 21.61 -28.46 19.05
C ASN A 90 21.71 -27.55 17.84
N PRO A 91 22.91 -27.41 17.28
CA PRO A 91 23.11 -26.45 16.18
C PRO A 91 22.51 -26.89 14.87
N LEU A 92 22.25 -25.91 14.00
CA LEU A 92 21.71 -26.14 12.68
C LEU A 92 22.79 -26.73 11.79
N ILE A 93 22.41 -27.60 10.87
CA ILE A 93 23.38 -28.22 9.98
C ILE A 93 24.09 -27.16 9.15
N GLU A 94 23.36 -26.13 8.73
CA GLU A 94 23.98 -25.06 7.96
C GLU A 94 25.04 -24.31 8.77
N HIS A 95 24.83 -24.16 10.07
CA HIS A 95 25.85 -23.57 10.95
C HIS A 95 27.01 -24.50 11.21
N MET A 96 26.73 -25.79 11.43
CA MET A 96 27.81 -26.76 11.58
C MET A 96 28.72 -26.73 10.37
N ASN A 97 28.16 -26.72 9.17
CA ASN A 97 29.01 -26.73 7.97
C ASN A 97 29.92 -25.51 7.90
N LEU A 98 29.41 -24.33 8.25
CA LEU A 98 30.22 -23.13 8.27
C LEU A 98 31.34 -23.24 9.29
N LYS A 99 31.04 -23.73 10.49
CA LYS A 99 32.05 -23.80 11.53
C LYS A 99 33.10 -24.86 11.25
N LYS A 100 32.73 -25.93 10.53
CA LYS A 100 33.67 -27.03 10.30
C LYS A 100 34.69 -26.71 9.23
N LEU A 101 34.55 -25.61 8.51
CA LEU A 101 35.50 -25.29 7.45
C LEU A 101 36.90 -25.15 8.02
N ASN A 102 37.90 -25.41 7.19
CA ASN A 102 39.28 -25.26 7.62
C ASN A 102 39.66 -23.81 7.85
N ILE A 103 39.10 -22.88 7.07
CA ILE A 103 39.40 -21.48 7.27
C ILE A 103 38.90 -21.01 8.62
N THR A 104 37.65 -21.35 8.94
CA THR A 104 37.04 -20.86 10.17
C THR A 104 37.55 -21.63 11.38
N GLN A 105 37.95 -22.87 11.19
CA GLN A 105 38.47 -23.64 12.32
C GLN A 105 39.77 -23.05 12.83
N SER A 106 40.43 -22.23 12.02
CA SER A 106 41.68 -21.57 12.41
C SER A 106 41.41 -20.20 13.02
N LEU A 107 40.44 -19.46 12.47
CA LEU A 107 40.02 -18.20 13.09
C LEU A 107 39.47 -18.46 14.48
N ILE A 108 38.65 -19.50 14.63
CA ILE A 108 38.17 -19.91 15.94
C ILE A 108 39.29 -20.19 16.92
N SER A 109 40.29 -20.97 16.53
CA SER A 109 41.42 -21.28 17.37
C SER A 109 42.21 -20.04 17.73
N LYS A 110 42.46 -19.15 16.77
CA LYS A 110 43.09 -17.89 17.09
C LYS A 110 42.30 -17.15 18.15
N TYR A 111 40.97 -17.16 18.03
CA TYR A 111 40.13 -16.43 18.96
C TYR A 111 40.23 -17.01 20.37
N HIS A 112 40.20 -18.33 20.51
CA HIS A 112 40.31 -18.87 21.85
C HIS A 112 41.65 -18.54 22.49
N LYS A 113 42.74 -18.59 21.75
CA LYS A 113 44.04 -18.15 22.25
C LYS A 113 44.11 -16.64 22.45
N GLY A 114 43.05 -15.91 22.15
CA GLY A 114 42.98 -14.50 22.45
C GLY A 114 43.62 -13.59 21.42
N GLU A 115 43.97 -14.10 20.24
CA GLU A 115 44.69 -13.28 19.28
C GLU A 115 43.76 -12.43 18.44
N ILE A 116 42.45 -12.66 18.48
CA ILE A 116 41.52 -11.90 17.65
C ILE A 116 40.30 -11.53 18.47
N LYS A 117 39.86 -10.28 18.32
CA LYS A 117 38.78 -9.70 19.10
C LYS A 117 37.45 -9.79 18.36
N LEU A 118 36.51 -10.51 18.96
CA LEU A 118 35.18 -10.66 18.40
C LEU A 118 34.43 -9.34 18.52
N GLU A 119 33.78 -8.93 17.43
CA GLU A 119 33.07 -7.65 17.39
C GLU A 119 31.70 -7.83 16.76
N GLU A 120 31.03 -6.70 16.52
CA GLU A 120 29.66 -6.60 16.06
C GLU A 120 29.63 -6.18 14.60
N PRO A 121 28.64 -6.64 13.83
CA PRO A 121 28.68 -6.33 12.39
C PRO A 121 28.65 -4.86 12.04
N THR A 122 28.25 -3.96 12.94
CA THR A 122 28.34 -2.54 12.63
C THR A 122 29.77 -2.02 12.70
N TYR A 123 30.60 -2.65 13.55
CA TYR A 123 32.02 -2.33 13.59
C TYR A 123 32.66 -2.60 12.24
N PHE A 124 32.35 -3.76 11.66
CA PHE A 124 32.92 -4.09 10.35
C PHE A 124 32.20 -3.37 9.23
N GLN A 125 30.96 -2.93 9.45
CA GLN A 125 30.36 -2.03 8.48
C GLN A 125 31.16 -0.74 8.39
N SER A 126 31.57 -0.21 9.54
CA SER A 126 32.39 0.99 9.55
C SER A 126 33.76 0.72 8.92
N LEU A 127 34.34 -0.46 9.20
CA LEU A 127 35.62 -0.81 8.58
C LEU A 127 35.52 -0.92 7.06
N LEU A 128 34.57 -1.72 6.57
CA LEU A 128 34.38 -1.85 5.14
C LEU A 128 34.15 -0.51 4.48
N MET A 129 33.24 0.30 5.03
CA MET A 129 32.86 1.50 4.30
C MET A 129 34.02 2.46 4.14
N THR A 130 34.91 2.54 5.13
CA THR A 130 36.10 3.39 5.02
C THR A 130 37.31 2.54 4.65
N TYR A 131 37.13 1.69 3.64
CA TYR A 131 38.19 0.82 3.15
C TYR A 131 38.85 1.57 2.01
N LYS A 132 40.02 2.18 2.28
CA LYS A 132 40.77 2.87 1.25
C LYS A 132 42.07 2.11 1.12
N SER A 133 42.03 1.03 0.36
CA SER A 133 43.19 0.23 0.04
C SER A 133 43.49 0.40 -1.45
N MET A 134 44.73 0.75 -1.74
CA MET A 134 45.10 1.21 -3.05
C MET A 134 46.36 0.46 -3.48
N THR A 135 46.56 0.36 -4.78
CA THR A 135 47.79 -0.14 -5.35
C THR A 135 48.02 0.57 -6.67
N SER A 136 48.88 0.01 -7.50
CA SER A 136 48.99 0.41 -8.90
C SER A 136 48.22 -0.60 -9.75
N SER A 137 47.39 -1.40 -9.09
CA SER A 137 46.65 -2.46 -9.76
C SER A 137 45.23 -2.60 -9.21
N GLU A 138 44.83 -1.72 -8.29
CA GLU A 138 43.45 -1.69 -7.83
C GLU A 138 42.80 -0.32 -7.92
N GLN A 139 43.55 0.76 -7.70
CA GLN A 139 43.03 2.10 -7.91
C GLN A 139 43.32 2.62 -9.30
N ILE A 140 44.03 1.85 -10.11
CA ILE A 140 44.17 2.14 -11.53
C ILE A 140 43.26 1.27 -12.38
N ALA A 141 42.84 0.11 -11.91
CA ALA A 141 41.93 -0.74 -12.64
C ALA A 141 40.50 -0.53 -12.15
N THR A 142 40.26 0.59 -11.47
CA THR A 142 38.91 0.97 -11.07
C THR A 142 38.67 2.39 -11.53
N THR A 143 39.70 3.23 -11.51
CA THR A 143 39.60 4.53 -12.15
C THR A 143 39.39 4.38 -13.64
N ASN A 144 40.12 3.46 -14.25
CA ASN A 144 40.01 3.21 -15.68
C ASN A 144 38.66 2.63 -16.07
N LEU A 145 38.07 1.77 -15.25
CA LEU A 145 36.76 1.24 -15.57
C LEU A 145 35.66 2.29 -15.40
N LEU A 146 35.75 3.10 -14.35
CA LEU A 146 34.80 4.19 -14.17
C LEU A 146 34.89 5.23 -15.28
N LYS A 147 36.10 5.59 -15.70
CA LYS A 147 36.22 6.56 -16.78
C LYS A 147 35.55 6.04 -18.05
N LYS A 148 35.71 4.75 -18.33
CA LYS A 148 35.04 4.15 -19.47
C LYS A 148 33.52 4.17 -19.31
N ILE A 149 33.00 3.78 -18.15
CA ILE A 149 31.56 3.79 -17.96
C ILE A 149 31.00 5.19 -18.20
N ILE A 150 31.66 6.21 -17.65
CA ILE A 150 31.14 7.56 -17.78
C ILE A 150 31.19 8.01 -19.24
N ARG A 151 32.30 7.75 -19.93
CA ARG A 151 32.40 8.14 -21.33
C ARG A 151 31.33 7.45 -22.15
N ARG A 152 31.14 6.15 -21.91
CA ARG A 152 30.16 5.40 -22.68
C ARG A 152 28.74 5.88 -22.42
N ALA A 153 28.40 6.15 -21.16
CA ALA A 153 27.05 6.62 -20.85
C ALA A 153 26.80 7.99 -21.47
N ILE A 154 27.79 8.87 -21.46
CA ILE A 154 27.61 10.15 -22.15
C ILE A 154 27.47 9.94 -23.66
N GLU A 155 28.23 9.01 -24.24
CA GLU A 155 28.15 8.77 -25.67
C GLU A 155 26.83 8.13 -26.08
N ILE A 156 26.25 7.30 -25.22
CA ILE A 156 24.92 6.75 -25.48
C ILE A 156 23.85 7.82 -25.33
N SER A 157 23.95 8.65 -24.30
CA SER A 157 23.01 9.74 -24.11
C SER A 157 23.09 10.76 -25.23
N ASP A 158 24.23 10.84 -25.90
CA ASP A 158 24.41 11.90 -26.88
C ASP A 158 23.40 11.80 -28.00
N VAL A 159 23.00 10.59 -28.40
CA VAL A 159 22.15 10.47 -29.57
C VAL A 159 20.72 10.91 -29.23
N LYS A 160 20.25 10.56 -28.03
CA LYS A 160 18.95 11.08 -27.57
C LYS A 160 18.98 12.57 -27.37
N VAL A 161 20.07 13.10 -26.82
CA VAL A 161 20.19 14.54 -26.66
C VAL A 161 20.18 15.22 -28.03
N TYR A 162 20.87 14.62 -29.00
CA TYR A 162 20.86 15.12 -30.37
C TYR A 162 19.45 15.12 -30.95
N ALA A 163 18.72 14.03 -30.75
CA ALA A 163 17.35 13.93 -31.23
C ALA A 163 16.46 15.00 -30.61
N ILE A 164 16.53 15.17 -29.29
CA ILE A 164 15.73 16.16 -28.62
C ILE A 164 16.10 17.57 -29.05
N LEU A 165 17.38 17.92 -29.11
CA LEU A 165 17.72 19.27 -29.54
C LEU A 165 17.35 19.50 -31.00
N ASN A 166 17.41 18.47 -31.82
CA ASN A 166 17.03 18.59 -33.21
C ASN A 166 15.53 18.84 -33.35
N LYS A 167 14.72 18.08 -32.60
CA LYS A 167 13.28 18.26 -32.63
C LYS A 167 12.88 19.62 -32.08
N LEU A 168 13.37 19.98 -30.89
CA LEU A 168 13.04 21.27 -30.33
C LEU A 168 13.62 22.42 -31.15
N GLY A 169 14.71 22.18 -31.87
CA GLY A 169 15.27 23.23 -32.70
C GLY A 169 16.20 24.15 -31.98
N LEU A 170 17.05 23.63 -31.11
CA LEU A 170 17.87 24.44 -30.24
C LEU A 170 19.33 24.49 -30.71
N THR A 221 32.44 11.01 -31.62
CA THR A 221 31.50 10.12 -30.94
C THR A 221 30.52 10.90 -30.07
N ILE A 222 30.83 12.17 -29.82
CA ILE A 222 29.92 13.12 -29.23
C ILE A 222 29.67 14.21 -30.27
N LYS A 223 28.43 14.35 -30.70
CA LYS A 223 28.05 15.37 -31.68
C LYS A 223 27.53 16.63 -31.02
N THR A 224 26.89 16.51 -29.86
CA THR A 224 26.29 17.65 -29.20
C THR A 224 27.35 18.36 -28.38
N THR A 225 27.53 19.66 -28.62
CA THR A 225 28.53 20.39 -27.87
C THR A 225 28.25 20.38 -26.39
N LEU A 226 27.01 20.16 -25.98
CA LEU A 226 26.70 20.08 -24.57
C LEU A 226 27.42 18.91 -23.92
N LEU A 227 27.25 17.71 -24.46
CA LEU A 227 27.89 16.53 -23.90
C LEU A 227 29.37 16.46 -24.24
N LYS A 228 29.81 17.27 -25.18
CA LYS A 228 31.23 17.48 -25.46
C LYS A 228 31.88 18.31 -24.36
N LYS A 229 31.18 19.33 -23.87
CA LYS A 229 31.62 20.04 -22.68
C LYS A 229 31.50 19.19 -21.43
N LEU A 230 30.43 18.42 -21.31
CA LEU A 230 30.25 17.54 -20.15
C LEU A 230 31.28 16.44 -20.09
N MET A 231 31.90 16.10 -21.21
CA MET A 231 32.92 15.07 -21.22
C MET A 231 34.27 15.57 -20.73
N CYS A 232 34.64 16.79 -21.07
CA CYS A 232 35.88 17.36 -20.55
C CYS A 232 35.80 17.64 -19.07
N SER A 233 34.60 17.58 -18.47
CA SER A 233 34.44 17.81 -17.05
C SER A 233 34.43 16.51 -16.25
N MET A 234 33.81 15.46 -16.78
CA MET A 234 33.71 14.21 -16.04
C MET A 234 34.86 13.28 -16.39
N GLN A 235 35.98 13.85 -16.84
CA GLN A 235 37.11 13.02 -17.25
C GLN A 235 37.76 12.30 -16.09
N HIS A 236 37.88 12.94 -14.93
CA HIS A 236 38.54 12.35 -13.76
C HIS A 236 37.55 12.19 -12.63
N PRO A 237 37.08 10.98 -12.32
CA PRO A 237 36.19 10.80 -11.17
C PRO A 237 36.88 11.23 -9.89
N PRO A 238 36.19 11.92 -9.00
CA PRO A 238 36.83 12.31 -7.74
C PRO A 238 37.08 11.15 -6.81
N SER A 239 38.08 11.26 -5.94
CA SER A 239 38.46 10.15 -5.09
C SER A 239 37.31 9.62 -4.24
N TRP A 240 36.39 10.48 -3.82
CA TRP A 240 35.25 9.97 -3.05
C TRP A 240 34.40 9.04 -3.87
N LEU A 241 34.21 9.36 -5.16
CA LEU A 241 33.39 8.51 -6.03
C LEU A 241 34.12 7.24 -6.40
N ILE A 242 35.41 7.34 -6.72
CA ILE A 242 36.20 6.13 -6.94
C ILE A 242 36.13 5.23 -5.72
N HIS A 243 36.07 5.81 -4.52
CA HIS A 243 36.05 5.00 -3.30
C HIS A 243 34.85 4.07 -3.26
N TRP A 244 33.65 4.61 -3.46
CA TRP A 244 32.44 3.80 -3.41
C TRP A 244 32.27 2.94 -4.65
N PHE A 245 32.71 3.40 -5.82
CA PHE A 245 32.68 2.53 -6.98
C PHE A 245 33.58 1.31 -6.79
N ASN A 246 34.78 1.51 -6.27
CA ASN A 246 35.66 0.39 -5.96
C ASN A 246 35.04 -0.54 -4.94
N LEU A 247 34.50 0.03 -3.85
CA LEU A 247 33.93 -0.81 -2.81
C LEU A 247 32.75 -1.61 -3.34
N TYR A 248 31.90 -0.97 -4.14
CA TYR A 248 30.73 -1.64 -4.69
C TYR A 248 31.13 -2.72 -5.67
N THR A 249 32.13 -2.46 -6.51
CA THR A 249 32.60 -3.50 -7.41
C THR A 249 33.13 -4.70 -6.65
N LYS A 250 33.95 -4.46 -5.62
CA LYS A 250 34.50 -5.59 -4.85
C LYS A 250 33.42 -6.38 -4.13
N LEU A 251 32.54 -5.68 -3.41
CA LEU A 251 31.48 -6.39 -2.70
C LEU A 251 30.55 -7.11 -3.66
N ASN A 252 30.17 -6.43 -4.74
CA ASN A 252 29.25 -7.00 -5.70
C ASN A 252 29.84 -8.22 -6.38
N ASN A 253 31.12 -8.19 -6.73
CA ASN A 253 31.67 -9.34 -7.42
C ASN A 253 32.25 -10.38 -6.48
N ILE A 254 32.18 -10.15 -5.16
CA ILE A 254 32.14 -11.27 -4.22
C ILE A 254 30.76 -11.92 -4.26
N LEU A 255 29.71 -11.11 -4.31
CA LEU A 255 28.35 -11.62 -4.31
C LEU A 255 28.04 -12.40 -5.59
N THR A 256 28.43 -11.86 -6.74
CA THR A 256 28.25 -12.56 -8.01
C THR A 256 29.01 -13.87 -8.03
N GLN A 257 30.25 -13.86 -7.55
CA GLN A 257 31.04 -15.07 -7.49
C GLN A 257 30.40 -16.10 -6.59
N TYR A 258 29.69 -15.67 -5.53
CA TYR A 258 28.99 -16.66 -4.73
C TYR A 258 27.73 -17.14 -5.44
N ARG A 259 26.97 -16.23 -6.05
CA ARG A 259 25.67 -16.58 -6.62
C ARG A 259 25.83 -17.54 -7.80
N SER A 260 26.70 -17.22 -8.74
CA SER A 260 26.91 -18.12 -9.85
C SER A 260 27.41 -19.48 -9.37
N ASN A 261 28.34 -19.50 -8.41
CA ASN A 261 28.92 -20.75 -7.93
C ASN A 261 27.94 -21.56 -7.12
N GLU A 262 26.93 -20.93 -6.56
CA GLU A 262 25.89 -21.65 -5.84
C GLU A 262 24.80 -22.14 -6.76
N VAL A 263 24.56 -21.44 -7.86
CA VAL A 263 23.73 -21.98 -8.92
C VAL A 263 24.39 -23.22 -9.50
N LYS A 264 25.69 -23.15 -9.77
CA LYS A 264 26.36 -24.28 -10.42
C LYS A 264 26.36 -25.51 -9.54
N ASN A 265 26.75 -25.37 -8.28
CA ASN A 265 26.70 -26.50 -7.36
C ASN A 265 26.16 -26.02 -6.02
N HIS A 266 25.39 -26.89 -5.37
CA HIS A 266 24.71 -26.54 -4.14
C HIS A 266 25.65 -26.70 -2.95
N GLY A 267 25.39 -25.92 -1.90
CA GLY A 267 26.22 -25.96 -0.71
C GLY A 267 27.48 -25.15 -0.80
N PHE A 268 27.67 -24.40 -1.88
CA PHE A 268 28.92 -23.67 -2.08
C PHE A 268 29.10 -22.64 -0.98
N THR A 269 30.32 -22.56 -0.44
CA THR A 269 30.69 -21.53 0.52
C THR A 269 31.86 -20.76 -0.07
N LEU A 270 31.65 -19.48 -0.35
CA LEU A 270 32.73 -18.67 -0.90
C LEU A 270 33.73 -18.29 0.19
N ILE A 271 34.99 -18.67 0.02
CA ILE A 271 36.05 -18.31 0.93
C ILE A 271 37.01 -17.41 0.18
N ASP A 272 36.99 -16.12 0.50
CA ASP A 272 37.62 -15.10 -0.32
C ASP A 272 38.45 -14.19 0.57
N ASN A 273 39.76 -14.13 0.35
CA ASN A 273 40.60 -13.21 1.09
C ASN A 273 41.42 -12.28 0.19
N GLN A 274 41.09 -12.20 -1.09
CA GLN A 274 41.86 -11.43 -2.05
C GLN A 274 41.09 -10.28 -2.68
N THR A 275 39.77 -10.39 -2.80
CA THR A 275 39.02 -9.34 -3.48
C THR A 275 39.14 -8.01 -2.75
N LEU A 276 38.88 -8.01 -1.45
CA LEU A 276 39.10 -6.85 -0.59
C LEU A 276 40.36 -7.11 0.21
N SER A 277 41.35 -6.24 0.03
CA SER A 277 42.64 -6.46 0.68
C SER A 277 42.51 -6.22 2.17
N GLY A 278 42.97 -7.18 2.97
CA GLY A 278 42.88 -7.09 4.40
C GLY A 278 41.72 -7.89 4.98
N PHE A 279 40.60 -7.91 4.28
CA PHE A 279 39.44 -8.63 4.75
C PHE A 279 39.47 -10.07 4.29
N GLN A 280 38.75 -10.93 5.01
CA GLN A 280 38.58 -12.32 4.61
C GLN A 280 37.16 -12.74 4.89
N PHE A 281 36.41 -13.00 3.83
CA PHE A 281 35.02 -13.41 3.92
C PHE A 281 34.91 -14.92 3.82
N ILE A 282 34.10 -15.50 4.69
CA ILE A 282 33.48 -16.80 4.49
C ILE A 282 32.00 -16.50 4.27
N LEU A 283 31.61 -16.35 3.00
CA LEU A 283 30.26 -15.96 2.63
C LEU A 283 29.47 -17.19 2.23
N ASN A 284 28.17 -17.16 2.49
CA ASN A 284 27.29 -18.28 2.27
C ASN A 284 25.88 -17.80 2.56
N GLN A 285 24.88 -18.43 1.94
CA GLN A 285 23.52 -17.94 2.16
C GLN A 285 23.05 -18.17 3.59
N TYR A 286 23.78 -18.98 4.35
CA TYR A 286 23.49 -19.22 5.75
C TYR A 286 24.45 -18.49 6.69
N GLY A 287 25.25 -17.56 6.19
CA GLY A 287 26.14 -16.82 7.07
C GLY A 287 27.28 -16.13 6.38
N CYS A 288 27.79 -15.07 7.00
CA CYS A 288 28.95 -14.34 6.51
C CYS A 288 29.90 -14.07 7.68
N ILE A 289 31.08 -14.67 7.62
CA ILE A 289 32.10 -14.47 8.64
C ILE A 289 33.20 -13.60 8.07
N VAL A 290 33.38 -12.40 8.61
CA VAL A 290 34.44 -11.52 8.15
C VAL A 290 35.53 -11.48 9.21
N TYR A 291 36.78 -11.63 8.75
CA TYR A 291 37.95 -11.56 9.59
C TYR A 291 38.89 -10.51 9.02
N HIS A 292 39.28 -9.55 9.84
CA HIS A 292 40.26 -8.54 9.48
C HIS A 292 41.56 -8.83 10.23
N LYS A 293 42.63 -9.11 9.49
CA LYS A 293 43.87 -9.56 10.10
C LYS A 293 44.65 -8.42 10.72
N GLU A 294 44.89 -7.35 9.97
CA GLU A 294 45.70 -6.25 10.50
C GLU A 294 45.16 -5.74 11.81
N LEU A 295 43.84 -5.82 12.02
CA LEU A 295 43.23 -5.38 13.26
C LEU A 295 42.90 -6.54 14.20
N LYS A 296 42.96 -7.77 13.71
CA LYS A 296 42.65 -8.95 14.52
C LYS A 296 41.22 -8.96 15.01
N ARG A 297 40.25 -8.88 14.11
CA ARG A 297 38.86 -8.83 14.50
C ARG A 297 38.03 -9.78 13.66
N ILE A 298 36.98 -10.32 14.26
CA ILE A 298 36.05 -11.24 13.60
C ILE A 298 34.63 -10.78 13.88
N THR A 299 33.80 -10.76 12.84
CA THR A 299 32.37 -10.69 13.03
C THR A 299 31.73 -11.87 12.33
N VAL A 300 30.67 -12.37 12.96
CA VAL A 300 29.75 -13.32 12.35
C VAL A 300 28.48 -12.57 12.04
N THR A 301 27.92 -12.78 10.86
CA THR A 301 26.68 -12.12 10.50
C THR A 301 25.95 -13.00 9.49
N THR A 302 24.94 -12.43 8.85
CA THR A 302 24.09 -13.21 7.98
C THR A 302 24.26 -12.78 6.53
N TYR A 303 23.76 -13.61 5.62
CA TYR A 303 23.85 -13.30 4.20
C TYR A 303 23.12 -12.00 3.89
N ASN A 304 22.01 -11.76 4.57
CA ASN A 304 21.26 -10.52 4.39
C ASN A 304 22.02 -9.30 4.82
N GLN A 305 22.86 -9.41 5.85
CA GLN A 305 23.69 -8.29 6.26
C GLN A 305 24.79 -8.00 5.25
N PHE A 306 25.35 -9.03 4.60
CA PHE A 306 26.25 -8.78 3.48
C PHE A 306 25.52 -8.13 2.33
N LEU A 307 24.33 -8.62 2.00
CA LEU A 307 23.51 -7.95 0.99
C LEU A 307 23.31 -6.49 1.35
N THR A 308 23.12 -6.21 2.63
CA THR A 308 22.91 -4.84 3.09
C THR A 308 24.17 -4.01 2.96
N TRP A 309 25.34 -4.58 3.23
CA TRP A 309 26.59 -3.86 3.01
C TRP A 309 26.76 -3.51 1.54
N LYS A 310 26.49 -4.49 0.67
CA LYS A 310 26.54 -4.24 -0.76
C LYS A 310 25.54 -3.16 -1.15
N ASP A 311 24.35 -3.18 -0.54
CA ASP A 311 23.36 -2.15 -0.82
C ASP A 311 23.81 -0.78 -0.34
N ILE A 312 24.49 -0.71 0.80
CA ILE A 312 25.00 0.57 1.29
C ILE A 312 26.03 1.12 0.32
N SER A 313 26.97 0.28 -0.10
CA SER A 313 28.00 0.73 -1.04
C SER A 313 27.39 1.14 -2.37
N LEU A 314 26.40 0.39 -2.85
CA LEU A 314 25.69 0.77 -4.07
C LEU A 314 24.96 2.09 -3.89
N SER A 315 24.32 2.29 -2.74
CA SER A 315 23.52 3.48 -2.49
C SER A 315 24.39 4.71 -2.37
N ARG A 316 25.54 4.58 -1.73
CA ARG A 316 26.45 5.71 -1.63
C ARG A 316 27.14 5.97 -2.95
N LEU A 317 27.42 4.93 -3.72
CA LEU A 317 27.89 5.11 -5.09
C LEU A 317 26.85 5.88 -5.90
N ASN A 318 25.59 5.52 -5.75
CA ASN A 318 24.54 6.20 -6.49
C ASN A 318 24.37 7.64 -6.03
N VAL A 319 24.43 7.89 -4.72
CA VAL A 319 24.32 9.26 -4.24
C VAL A 319 25.47 10.10 -4.81
N CYS A 320 26.68 9.58 -4.76
CA CYS A 320 27.83 10.27 -5.33
C CYS A 320 27.74 10.44 -6.84
N LEU A 321 27.29 9.40 -7.55
CA LEU A 321 27.12 9.49 -9.00
C LEU A 321 26.10 10.53 -9.37
N ILE A 322 24.92 10.47 -8.77
CA ILE A 322 23.87 11.45 -9.06
C ILE A 322 24.40 12.85 -8.75
N THR A 323 25.04 13.00 -7.60
CA THR A 323 25.49 14.31 -7.17
C THR A 323 26.55 14.86 -8.10
N TRP A 324 27.47 14.02 -8.57
CA TRP A 324 28.61 14.54 -9.32
C TRP A 324 28.30 14.62 -10.82
N ILE A 325 27.35 13.84 -11.32
CA ILE A 325 26.76 14.12 -12.63
C ILE A 325 26.02 15.45 -12.57
N SER A 326 25.25 15.67 -11.52
CA SER A 326 24.40 16.84 -11.39
C SER A 326 25.19 18.12 -11.20
N ASN A 327 26.29 18.06 -10.44
CA ASN A 327 27.12 19.24 -10.22
C ASN A 327 27.84 19.65 -11.48
N CYS A 328 28.25 18.69 -12.30
CA CYS A 328 28.87 19.01 -13.58
C CYS A 328 27.85 19.60 -14.55
N LEU A 329 26.67 18.97 -14.62
CA LEU A 329 25.57 19.55 -15.36
C LEU A 329 25.33 20.99 -14.96
N ASN A 330 25.28 21.26 -13.64
CA ASN A 330 24.98 22.59 -13.14
C ASN A 330 26.15 23.56 -13.24
N THR A 331 27.36 23.06 -13.39
CA THR A 331 28.44 23.93 -13.80
C THR A 331 28.30 24.35 -15.25
N LEU A 332 27.66 23.51 -16.06
CA LEU A 332 27.37 23.90 -17.45
C LEU A 332 26.15 24.81 -17.53
N ASN A 333 25.00 24.34 -17.06
CA ASN A 333 23.78 25.15 -16.95
C ASN A 333 23.20 24.98 -15.56
N LYS A 334 22.94 26.09 -14.90
CA LYS A 334 22.37 25.96 -13.56
C LYS A 334 21.02 25.32 -13.58
N SER A 335 20.34 25.30 -14.73
CA SER A 335 19.02 24.72 -14.83
C SER A 335 19.01 23.37 -15.54
N LEU A 336 20.16 22.73 -15.71
CA LEU A 336 20.28 21.49 -16.44
C LEU A 336 20.37 20.30 -15.51
N GLY A 337 20.83 20.51 -14.28
CA GLY A 337 20.93 19.44 -13.31
C GLY A 337 19.77 19.45 -12.34
N LEU A 338 19.96 18.72 -11.25
CA LEU A 338 18.91 18.63 -10.24
C LEU A 338 18.78 19.94 -9.48
N ARG A 339 17.76 20.00 -8.62
CA ARG A 339 17.49 21.21 -7.84
C ARG A 339 18.49 21.37 -6.70
N CYS A 340 18.94 20.25 -6.14
CA CYS A 340 19.90 20.25 -5.03
C CYS A 340 21.32 20.58 -5.52
N GLY A 341 22.18 20.96 -4.57
CA GLY A 341 23.53 21.39 -4.88
C GLY A 341 24.61 20.80 -3.99
N PHE A 342 24.53 19.53 -3.63
CA PHE A 342 25.37 18.98 -2.58
C PHE A 342 26.86 19.08 -2.89
N ASN A 343 27.65 19.17 -1.83
CA ASN A 343 29.10 19.07 -1.87
C ASN A 343 29.49 17.70 -1.31
N ASN A 344 30.33 16.98 -2.03
CA ASN A 344 30.46 15.55 -1.77
C ASN A 344 31.55 15.21 -0.76
N VAL A 345 32.45 16.14 -0.46
CA VAL A 345 33.34 15.89 0.68
C VAL A 345 32.53 15.93 1.97
N ILE A 346 31.62 16.90 2.10
CA ILE A 346 30.70 16.92 3.23
C ILE A 346 29.86 15.66 3.25
N LEU A 347 29.39 15.20 2.10
CA LEU A 347 28.53 14.02 2.09
C LEU A 347 29.29 12.77 2.52
N THR A 348 30.54 12.64 2.09
CA THR A 348 31.31 11.47 2.52
C THR A 348 31.64 11.55 3.99
N GLN A 349 31.92 12.75 4.50
CA GLN A 349 32.09 12.92 5.94
C GLN A 349 30.81 12.54 6.68
N LEU A 350 29.66 12.93 6.15
CA LEU A 350 28.38 12.49 6.68
C LEU A 350 28.31 10.98 6.78
N PHE A 351 28.67 10.29 5.69
CA PHE A 351 28.65 8.84 5.69
C PHE A 351 29.56 8.29 6.77
N LEU A 352 30.75 8.85 6.89
CA LEU A 352 31.72 8.30 7.84
C LEU A 352 31.32 8.59 9.28
N TYR A 353 30.67 9.72 9.55
CA TYR A 353 30.28 10.03 10.93
C TYR A 353 29.04 9.23 11.34
N GLY A 354 28.10 9.03 10.44
CA GLY A 354 27.06 8.08 10.74
C GLY A 354 27.56 6.68 10.96
N ASP A 355 28.56 6.26 10.21
CA ASP A 355 29.25 4.99 10.43
C ASP A 355 29.94 4.94 11.77
N CYS A 356 30.59 6.03 12.18
CA CYS A 356 31.18 6.11 13.51
C CYS A 356 30.12 5.99 14.60
N ILE A 357 28.98 6.64 14.42
CA ILE A 357 27.88 6.51 15.37
C ILE A 357 27.45 5.05 15.48
N LEU A 358 27.25 4.39 14.34
CA LEU A 358 26.89 2.98 14.39
C LEU A 358 28.03 2.11 14.89
N LYS A 359 29.26 2.62 14.91
CA LYS A 359 30.36 1.84 15.45
C LYS A 359 30.39 1.92 16.97
N LEU A 360 30.23 3.13 17.54
CA LEU A 360 30.12 3.28 18.98
C LEU A 360 28.90 2.56 19.51
N PHE A 361 27.73 3.06 19.17
CA PHE A 361 26.51 2.33 19.40
C PHE A 361 26.39 1.14 18.47
N HIS A 362 26.24 -0.05 19.00
CA HIS A 362 26.17 -1.25 18.18
C HIS A 362 24.85 -1.17 17.43
N ASN A 363 24.21 -2.30 17.17
CA ASN A 363 22.88 -2.28 16.58
C ASN A 363 22.08 -1.08 17.08
N GLU A 364 22.08 -0.84 18.38
CA GLU A 364 21.37 0.28 19.00
C GLU A 364 21.55 1.60 18.27
N GLY A 365 22.70 1.80 17.63
CA GLY A 365 22.98 3.07 17.00
C GLY A 365 21.93 3.48 16.02
N PHE A 366 21.19 2.52 15.45
CA PHE A 366 20.17 2.87 14.48
C PHE A 366 19.04 3.67 15.11
N TYR A 367 18.71 3.40 16.38
CA TYR A 367 17.84 4.31 17.13
C TYR A 367 18.23 5.75 16.88
N ILE A 368 19.50 6.08 17.08
CA ILE A 368 19.92 7.46 16.90
C ILE A 368 19.75 7.87 15.44
N ILE A 369 20.17 7.03 14.51
CA ILE A 369 20.08 7.39 13.10
C ILE A 369 18.63 7.64 12.72
N LYS A 370 17.71 6.86 13.28
CA LYS A 370 16.29 7.02 12.98
C LYS A 370 15.75 8.39 13.37
N GLU A 371 16.37 9.07 14.33
CA GLU A 371 15.97 10.43 14.69
C GLU A 371 16.50 11.47 13.73
N VAL A 372 17.26 11.06 12.72
CA VAL A 372 17.77 11.99 11.73
C VAL A 372 16.62 12.69 11.01
N GLU A 373 15.61 11.91 10.60
CA GLU A 373 14.43 12.52 10.02
C GLU A 373 14.00 13.73 10.84
N GLY A 374 13.73 13.50 12.13
CA GLY A 374 13.39 14.60 13.01
C GLY A 374 14.28 15.80 12.81
N PHE A 375 15.59 15.60 12.93
CA PHE A 375 16.48 16.76 12.84
C PHE A 375 16.28 17.48 11.52
N ILE A 376 16.22 16.74 10.41
CA ILE A 376 16.03 17.40 9.12
C ILE A 376 14.70 18.14 9.12
N MET A 377 13.66 17.53 9.66
CA MET A 377 12.37 18.22 9.77
C MET A 377 12.55 19.58 10.40
N SER A 378 13.26 19.64 11.53
CA SER A 378 13.44 20.91 12.20
C SER A 378 14.11 21.91 11.28
N LEU A 379 15.14 21.47 10.56
CA LEU A 379 15.84 22.40 9.69
C LEU A 379 14.92 22.94 8.61
N ILE A 380 13.96 22.14 8.18
CA ILE A 380 12.95 22.64 7.26
C ILE A 380 12.01 23.60 7.97
N LEU A 381 11.56 23.23 9.17
CA LEU A 381 10.65 24.09 9.92
C LEU A 381 11.30 25.42 10.23
N ASN A 382 12.58 25.41 10.57
CA ASN A 382 13.27 26.66 10.87
C ASN A 382 13.21 27.63 9.71
N ILE A 383 12.97 27.13 8.50
CA ILE A 383 12.86 28.02 7.33
C ILE A 383 11.41 28.44 7.10
N THR A 384 10.47 27.53 7.41
CA THR A 384 9.11 27.72 6.93
C THR A 384 8.18 28.25 8.01
N GLU A 385 8.50 28.04 9.28
CA GLU A 385 7.60 28.33 10.37
C GLU A 385 7.95 29.62 11.09
N GLU A 386 7.01 30.10 11.91
CA GLU A 386 7.26 31.22 12.79
C GLU A 386 7.84 30.73 14.10
N ASP A 387 8.22 31.68 14.95
CA ASP A 387 9.12 31.38 16.07
C ASP A 387 8.59 30.28 16.96
N GLN A 388 7.37 30.40 17.45
CA GLN A 388 6.90 29.45 18.45
C GLN A 388 6.73 28.04 17.91
N PHE A 389 6.27 27.89 16.68
CA PHE A 389 6.10 26.55 16.14
C PHE A 389 7.45 25.86 15.98
N ARG A 390 8.43 26.56 15.39
CA ARG A 390 9.71 25.95 15.11
C ARG A 390 10.54 25.78 16.39
N LYS A 391 10.45 26.74 17.31
CA LYS A 391 11.14 26.61 18.59
C LYS A 391 10.66 25.37 19.34
N ARG A 392 9.35 25.19 19.41
CA ARG A 392 8.79 24.03 20.05
C ARG A 392 9.17 22.73 19.35
N PHE A 393 9.10 22.70 18.01
CA PHE A 393 9.49 21.49 17.31
C PHE A 393 10.97 21.18 17.53
N TYR A 394 11.81 22.22 17.51
CA TYR A 394 13.24 22.06 17.69
C TYR A 394 13.57 21.49 19.06
N ASN A 395 12.91 22.02 20.11
CA ASN A 395 13.17 21.53 21.44
C ASN A 395 12.69 20.08 21.61
N SER A 396 11.47 19.80 21.16
CA SER A 396 11.01 18.41 21.24
C SER A 396 11.90 17.48 20.43
N MET A 397 12.51 17.98 19.35
CA MET A 397 13.36 17.16 18.49
C MET A 397 14.70 16.88 19.15
N LEU A 398 15.31 17.88 19.75
CA LEU A 398 16.52 17.62 20.51
C LEU A 398 16.25 16.67 21.66
N ASN A 399 15.11 16.82 22.34
CA ASN A 399 14.77 15.84 23.38
C ASN A 399 14.63 14.45 22.79
N ASN A 400 14.00 14.33 21.63
CA ASN A 400 13.83 13.02 21.02
C ASN A 400 15.18 12.39 20.69
N ILE A 401 16.07 13.16 20.06
CA ILE A 401 17.37 12.64 19.67
C ILE A 401 18.15 12.20 20.88
N THR A 402 18.16 13.02 21.92
CA THR A 402 18.98 12.70 23.08
C THR A 402 18.37 11.62 23.96
N ASP A 403 17.05 11.50 24.04
CA ASP A 403 16.46 10.34 24.69
C ASP A 403 16.72 9.08 23.88
N ALA A 404 16.73 9.18 22.55
CA ALA A 404 17.14 8.05 21.73
C ALA A 404 18.57 7.63 22.04
N ALA A 405 19.49 8.59 22.15
CA ALA A 405 20.87 8.29 22.49
C ALA A 405 21.00 7.67 23.88
N ASN A 406 20.29 8.21 24.87
CA ASN A 406 20.38 7.67 26.22
C ASN A 406 19.79 6.27 26.29
N LYS A 407 18.66 6.05 25.61
CA LYS A 407 18.08 4.72 25.56
C LYS A 407 19.02 3.76 24.83
N ALA A 408 19.71 4.25 23.80
CA ALA A 408 20.65 3.43 23.07
C ALA A 408 21.80 2.98 23.97
N GLN A 409 22.37 3.90 24.75
CA GLN A 409 23.41 3.50 25.68
C GLN A 409 22.89 2.54 26.72
N LYS A 410 21.72 2.81 27.26
CA LYS A 410 21.15 1.91 28.27
C LYS A 410 21.00 0.50 27.72
N ASN A 411 20.40 0.36 26.54
CA ASN A 411 20.17 -0.95 25.98
C ASN A 411 21.47 -1.62 25.57
N LEU A 412 22.42 -0.85 25.07
CA LEU A 412 23.71 -1.42 24.69
C LEU A 412 24.41 -2.02 25.90
N LEU A 413 24.54 -1.24 26.98
CA LEU A 413 25.22 -1.76 28.15
C LEU A 413 24.42 -2.85 28.85
N SER A 414 23.10 -2.87 28.74
CA SER A 414 22.33 -3.94 29.34
C SER A 414 22.42 -5.23 28.52
N ARG A 415 22.48 -5.12 27.20
CA ARG A 415 22.56 -6.28 26.33
C ARG A 415 23.95 -6.90 26.34
N VAL A 416 24.97 -6.06 26.28
CA VAL A 416 26.32 -6.51 26.00
C VAL A 416 26.97 -7.01 27.28
N CYS A 417 26.30 -6.88 28.41
CA CYS A 417 26.94 -7.13 29.70
C CYS A 417 27.34 -8.58 29.85
N HIS A 418 26.47 -9.51 29.48
CA HIS A 418 26.69 -10.93 29.73
C HIS A 418 27.09 -11.71 28.48
N THR A 419 27.37 -11.03 27.38
CA THR A 419 27.70 -11.70 26.14
C THR A 419 29.21 -11.73 25.94
N LEU A 420 29.62 -12.27 24.78
CA LEU A 420 31.02 -12.23 24.39
C LEU A 420 31.47 -10.85 23.96
N LEU A 421 30.53 -9.94 23.72
CA LEU A 421 30.83 -8.58 23.29
C LEU A 421 31.03 -7.63 24.46
N ASP A 422 31.26 -8.14 25.67
CA ASP A 422 31.21 -7.32 26.88
C ASP A 422 32.25 -6.21 26.87
N LYS A 423 33.47 -6.53 26.43
CA LYS A 423 34.55 -5.54 26.42
C LYS A 423 34.73 -4.89 25.06
N THR A 424 33.68 -4.84 24.24
CA THR A 424 33.72 -4.15 22.97
C THR A 424 33.03 -2.80 23.03
N VAL A 425 32.57 -2.39 24.21
CA VAL A 425 31.89 -1.11 24.39
C VAL A 425 32.94 -0.04 24.60
N SER A 426 32.89 1.01 23.80
CA SER A 426 33.91 2.03 23.87
C SER A 426 33.86 2.78 25.19
N ASP A 427 34.94 3.49 25.49
CA ASP A 427 34.96 4.36 26.66
C ASP A 427 34.29 5.70 26.37
N ASN A 428 34.09 6.02 25.09
CA ASN A 428 33.33 7.20 24.73
C ASN A 428 31.84 7.02 24.98
N ILE A 429 31.40 5.81 25.28
CA ILE A 429 30.02 5.61 25.69
C ILE A 429 29.85 5.78 27.19
N ILE A 430 30.75 5.19 27.97
CA ILE A 430 30.63 5.26 29.42
C ILE A 430 30.88 6.68 29.92
N ASN A 431 31.85 7.38 29.34
CA ASN A 431 32.21 8.72 29.81
C ASN A 431 31.49 9.83 29.08
N GLY A 432 30.48 9.52 28.28
CA GLY A 432 29.62 10.52 27.71
C GLY A 432 30.24 11.38 26.63
N ARG A 433 31.41 11.02 26.12
CA ARG A 433 32.01 11.81 25.05
C ARG A 433 31.29 11.65 23.72
N TRP A 434 30.46 10.62 23.57
CA TRP A 434 29.76 10.42 22.31
C TRP A 434 28.95 11.65 21.92
N ILE A 435 28.56 12.46 22.90
CA ILE A 435 27.74 13.63 22.61
C ILE A 435 28.45 14.51 21.61
N ILE A 436 29.79 14.55 21.67
CA ILE A 436 30.55 15.34 20.70
C ILE A 436 30.40 14.74 19.31
N LEU A 437 30.60 13.43 19.19
CA LEU A 437 30.41 12.77 17.90
C LEU A 437 29.05 13.09 17.32
N LEU A 438 27.99 12.88 18.11
CA LEU A 438 26.66 13.29 17.68
C LEU A 438 26.64 14.74 17.25
N SER A 439 27.16 15.64 18.09
CA SER A 439 27.15 17.05 17.73
C SER A 439 27.80 17.28 16.38
N LYS A 440 28.82 16.49 16.06
CA LYS A 440 29.52 16.65 14.78
C LYS A 440 28.73 16.02 13.64
N PHE A 441 28.06 14.91 13.89
CA PHE A 441 27.17 14.32 12.90
C PHE A 441 26.06 15.29 12.51
N LEU A 442 25.23 15.67 13.48
CA LEU A 442 24.15 16.61 13.17
C LEU A 442 24.69 17.88 12.57
N LYS A 443 25.80 18.40 13.09
CA LYS A 443 26.32 19.64 12.57
C LYS A 443 26.75 19.51 11.10
N LEU A 444 27.08 18.29 10.67
CA LEU A 444 27.34 18.04 9.26
C LEU A 444 26.05 18.03 8.46
N ILE A 445 24.99 17.42 8.99
CA ILE A 445 23.71 17.42 8.28
C ILE A 445 23.27 18.84 7.98
N LYS A 446 23.26 19.72 8.99
CA LYS A 446 22.88 21.10 8.75
C LYS A 446 23.79 21.76 7.73
N LEU A 447 25.00 21.24 7.56
CA LEU A 447 25.92 21.80 6.56
C LEU A 447 25.66 21.21 5.18
N ALA A 448 25.22 19.96 5.12
CA ALA A 448 24.81 19.38 3.85
C ALA A 448 23.53 20.02 3.35
N GLY A 449 22.63 20.36 4.26
CA GLY A 449 21.40 21.05 3.88
C GLY A 449 21.63 22.45 3.35
N ASP A 450 22.61 23.16 3.87
CA ASP A 450 22.94 24.51 3.41
C ASP A 450 21.80 25.49 3.59
N ASN A 451 20.88 25.25 4.53
CA ASN A 451 19.76 26.15 4.76
C ASN A 451 18.98 26.40 3.46
N ASN A 452 18.94 25.38 2.62
CA ASN A 452 18.28 25.42 1.32
C ASN A 452 17.29 24.27 1.31
N LEU A 453 16.05 24.55 0.93
CA LEU A 453 14.99 23.58 1.14
C LEU A 453 15.09 22.41 0.16
N ASN A 454 15.69 22.62 -1.02
CA ASN A 454 15.95 21.53 -1.95
C ASN A 454 16.92 20.52 -1.36
N ASN A 455 18.08 21.00 -0.90
CA ASN A 455 19.04 20.10 -0.26
C ASN A 455 18.39 19.38 0.89
N LEU A 456 17.66 20.11 1.74
CA LEU A 456 17.09 19.51 2.93
C LEU A 456 16.07 18.44 2.60
N SER A 457 15.16 18.70 1.66
CA SER A 457 14.16 17.71 1.28
C SER A 457 14.79 16.50 0.61
N GLU A 458 15.79 16.71 -0.26
CA GLU A 458 16.44 15.57 -0.87
C GLU A 458 17.32 14.83 0.11
N LEU A 459 17.66 15.45 1.23
CA LEU A 459 18.59 14.88 2.20
C LEU A 459 17.96 13.72 2.95
N TYR A 460 16.71 13.39 2.62
CA TYR A 460 16.06 12.28 3.27
C TYR A 460 16.60 10.93 2.82
N PHE A 461 17.42 10.91 1.77
CA PHE A 461 18.09 9.67 1.39
C PHE A 461 19.03 9.21 2.49
N LEU A 462 19.43 10.13 3.37
CA LEU A 462 20.31 9.80 4.47
C LEU A 462 19.72 8.75 5.37
N PHE A 463 18.41 8.76 5.55
CA PHE A 463 17.75 7.82 6.45
C PHE A 463 17.83 6.39 5.93
N ARG A 464 18.26 6.22 4.68
CA ARG A 464 18.31 4.91 4.07
C ARG A 464 19.72 4.46 3.69
N ILE A 465 20.73 5.28 3.96
CA ILE A 465 22.06 5.08 3.41
C ILE A 465 23.03 4.53 4.43
N PHE A 466 22.55 4.14 5.60
CA PHE A 466 23.39 3.63 6.67
C PHE A 466 23.09 2.17 6.97
N GLY A 467 22.30 1.54 6.15
CA GLY A 467 22.01 0.14 6.33
C GLY A 467 20.71 -0.04 7.06
N HIS A 468 20.56 -1.22 7.63
CA HIS A 468 19.36 -1.57 8.33
C HIS A 468 19.71 -2.25 9.64
N PRO A 469 18.92 -2.02 10.69
CA PRO A 469 19.27 -2.63 11.98
C PRO A 469 18.95 -4.11 11.98
N MET A 470 19.67 -4.84 12.81
CA MET A 470 19.36 -6.23 13.07
C MET A 470 18.23 -6.27 14.09
N VAL A 471 16.99 -6.27 13.61
CA VAL A 471 15.84 -6.05 14.46
C VAL A 471 15.67 -7.27 15.37
N ASP A 472 15.53 -7.02 16.66
CA ASP A 472 15.31 -8.07 17.66
C ASP A 472 13.82 -8.41 17.72
N GLU A 473 13.49 -9.66 17.41
CA GLU A 473 12.09 -10.05 17.26
C GLU A 473 11.37 -10.26 18.58
N ARG A 474 11.99 -10.95 19.52
CA ARG A 474 11.39 -11.14 20.83
C ARG A 474 11.23 -9.86 21.63
N GLN A 475 12.14 -8.90 21.49
CA GLN A 475 12.06 -7.62 22.20
C GLN A 475 10.98 -6.73 21.62
N ALA A 476 10.80 -6.71 20.30
CA ALA A 476 9.76 -5.91 19.71
C ALA A 476 8.38 -6.39 20.10
N MET A 477 8.23 -7.68 20.44
CA MET A 477 6.98 -8.20 20.98
C MET A 477 6.79 -7.82 22.43
N ASP A 478 7.88 -7.79 23.20
CA ASP A 478 7.78 -7.41 24.60
C ASP A 478 7.41 -5.95 24.75
N ALA A 479 7.89 -5.09 23.84
CA ALA A 479 7.51 -3.70 23.87
C ALA A 479 6.05 -3.47 23.55
N VAL A 480 5.36 -4.49 23.06
CA VAL A 480 3.99 -4.37 22.58
C VAL A 480 3.06 -5.14 23.50
N LYS A 481 3.63 -6.06 24.28
CA LYS A 481 2.82 -6.77 25.26
C LYS A 481 2.24 -5.83 26.30
N ILE A 482 3.01 -4.82 26.72
CA ILE A 482 2.55 -3.93 27.77
C ILE A 482 1.44 -3.04 27.27
N ASN A 483 1.59 -2.47 26.08
CA ASN A 483 0.58 -1.56 25.55
C ASN A 483 -0.71 -2.27 25.21
N CYS A 484 -0.72 -3.59 25.14
CA CYS A 484 -1.88 -4.35 24.72
C CYS A 484 -2.52 -5.17 25.84
N ASN A 485 -1.90 -5.29 26.99
CA ASN A 485 -2.56 -5.89 28.14
C ASN A 485 -3.13 -4.83 29.07
N GLU A 486 -2.73 -3.58 28.90
CA GLU A 486 -3.07 -2.51 29.82
C GLU A 486 -4.59 -2.29 29.87
N THR A 487 -5.13 -2.17 31.08
CA THR A 487 -6.55 -1.91 31.24
C THR A 487 -6.86 -0.45 30.96
N LYS A 488 -8.00 -0.21 30.33
CA LYS A 488 -8.42 1.12 29.92
C LYS A 488 -9.70 1.50 30.67
N PHE A 489 -9.80 2.78 31.00
CA PHE A 489 -10.92 3.30 31.77
C PHE A 489 -11.58 4.43 30.99
N TYR A 490 -12.84 4.21 30.60
CA TYR A 490 -13.58 5.19 29.82
C TYR A 490 -14.79 5.65 30.60
N LEU A 491 -15.16 6.90 30.41
CA LEU A 491 -16.47 7.39 30.83
C LEU A 491 -17.52 6.85 29.88
N LEU A 492 -18.59 6.27 30.43
CA LEU A 492 -19.61 5.69 29.57
C LEU A 492 -20.10 6.74 28.59
N SER A 493 -20.07 8.00 29.00
CA SER A 493 -20.40 9.11 28.12
C SER A 493 -19.40 9.29 27.00
N SER A 494 -18.15 8.89 27.18
CA SER A 494 -17.16 9.03 26.12
C SER A 494 -17.40 8.00 25.02
N LEU A 495 -17.85 6.82 25.41
CA LEU A 495 -18.16 5.76 24.45
C LEU A 495 -19.44 6.07 23.70
N SER A 496 -20.44 6.60 24.41
CA SER A 496 -21.68 7.00 23.76
C SER A 496 -21.43 8.08 22.72
N MET A 497 -20.60 9.06 23.03
CA MET A 497 -20.37 10.13 22.07
C MET A 497 -19.61 9.63 20.85
N LEU A 498 -18.64 8.75 21.03
CA LEU A 498 -17.94 8.19 19.88
C LEU A 498 -18.90 7.39 19.01
N ARG A 499 -19.66 6.49 19.62
CA ARG A 499 -20.65 5.72 18.87
C ARG A 499 -21.61 6.64 18.13
N GLY A 500 -22.11 7.67 18.81
CA GLY A 500 -23.07 8.56 18.18
C GLY A 500 -22.48 9.36 17.06
N ALA A 501 -21.24 9.83 17.23
CA ALA A 501 -20.59 10.56 16.17
C ALA A 501 -20.31 9.67 14.97
N PHE A 502 -20.11 8.39 15.21
CA PHE A 502 -19.99 7.45 14.10
C PHE A 502 -21.34 7.27 13.40
N ILE A 503 -22.40 7.05 14.18
CA ILE A 503 -23.73 6.83 13.63
C ILE A 503 -24.16 8.05 12.84
N TYR A 504 -23.74 9.23 13.28
CA TYR A 504 -24.01 10.46 12.55
C TYR A 504 -23.36 10.48 11.19
N ARG A 505 -22.11 10.02 11.09
CA ARG A 505 -21.47 9.92 9.79
C ARG A 505 -22.22 8.98 8.87
N ILE A 506 -22.73 7.87 9.40
CA ILE A 506 -23.44 6.90 8.59
C ILE A 506 -24.79 7.45 8.12
N ILE A 507 -25.52 8.11 9.01
CA ILE A 507 -26.78 8.74 8.61
C ILE A 507 -26.53 9.83 7.58
N LYS A 508 -25.51 10.65 7.80
CA LYS A 508 -25.17 11.69 6.84
C LYS A 508 -24.80 11.12 5.49
N GLY A 509 -23.98 10.07 5.46
CA GLY A 509 -23.59 9.49 4.19
C GLY A 509 -24.73 8.82 3.48
N PHE A 510 -25.60 8.13 4.21
CA PHE A 510 -26.79 7.57 3.58
C PHE A 510 -27.64 8.65 2.96
N VAL A 511 -27.95 9.72 3.71
CA VAL A 511 -28.78 10.77 3.14
C VAL A 511 -28.10 11.40 1.93
N ASN A 512 -26.77 11.48 1.95
CA ASN A 512 -26.08 12.10 0.81
C ASN A 512 -26.02 11.19 -0.41
N ASN A 513 -25.93 9.87 -0.20
CA ASN A 513 -25.83 8.94 -1.31
C ASN A 513 -27.19 8.39 -1.72
N TYR A 514 -27.88 7.77 -0.77
CA TYR A 514 -29.12 7.07 -1.07
C TYR A 514 -30.35 7.92 -0.85
N ASN A 515 -30.14 9.22 -0.65
CA ASN A 515 -31.25 10.17 -0.51
C ASN A 515 -32.23 9.73 0.56
N ARG A 516 -31.72 9.15 1.63
CA ARG A 516 -32.55 8.45 2.59
C ARG A 516 -31.78 8.32 3.89
N TRP A 517 -32.50 8.11 4.99
CA TRP A 517 -31.90 7.66 6.24
C TRP A 517 -31.80 6.16 6.16
N PRO A 518 -30.81 5.54 6.79
CA PRO A 518 -30.81 4.08 6.88
C PRO A 518 -32.04 3.60 7.63
N THR A 519 -32.52 2.44 7.23
CA THR A 519 -33.72 1.88 7.86
C THR A 519 -33.45 1.60 9.33
N LEU A 520 -34.20 2.25 10.21
CA LEU A 520 -33.98 2.17 11.64
C LEU A 520 -34.81 1.05 12.25
N ARG A 521 -34.16 0.23 13.06
CA ARG A 521 -34.83 -0.77 13.87
C ARG A 521 -35.46 -0.17 15.11
N ASN A 522 -35.19 1.10 15.39
CA ASN A 522 -35.39 1.69 16.72
C ASN A 522 -36.08 3.04 16.72
N ALA A 523 -36.74 3.46 15.66
CA ALA A 523 -37.19 4.85 15.52
C ALA A 523 -37.84 5.40 16.77
N ILE A 524 -38.39 4.51 17.62
CA ILE A 524 -39.02 4.94 18.86
C ILE A 524 -38.02 5.55 19.83
N VAL A 525 -36.73 5.45 19.55
CA VAL A 525 -35.70 5.95 20.46
C VAL A 525 -35.52 7.45 20.31
N LEU A 526 -35.81 8.00 19.14
CA LEU A 526 -35.48 9.38 18.91
C LEU A 526 -36.51 10.30 19.58
N PRO A 527 -36.13 11.54 19.88
CA PRO A 527 -37.11 12.54 20.25
C PRO A 527 -37.80 13.13 19.02
N LEU A 528 -38.76 14.02 19.28
CA LEU A 528 -39.49 14.65 18.19
C LEU A 528 -38.57 15.46 17.29
N ARG A 529 -37.61 16.17 17.88
CA ARG A 529 -36.68 16.96 17.08
C ARG A 529 -35.88 16.06 16.14
N TRP A 530 -35.57 14.85 16.56
CA TRP A 530 -34.78 13.93 15.73
C TRP A 530 -35.70 13.08 14.85
N LEU A 531 -36.75 12.54 15.44
CA LEU A 531 -37.66 11.67 14.70
C LEU A 531 -38.29 12.45 13.55
N THR A 532 -38.24 13.77 13.63
CA THR A 532 -38.62 14.62 12.51
C THR A 532 -37.53 14.72 11.46
N TYR A 533 -36.29 14.43 11.82
CA TYR A 533 -35.22 14.29 10.84
C TYR A 533 -35.25 12.95 10.14
N TYR A 534 -35.79 11.91 10.79
CA TYR A 534 -35.97 10.64 10.13
C TYR A 534 -36.95 10.75 8.97
N LYS A 535 -38.09 11.43 9.20
CA LYS A 535 -39.15 11.43 8.20
C LYS A 535 -38.81 12.36 7.04
N LEU A 536 -38.16 13.47 7.31
CA LEU A 536 -37.76 14.37 6.23
C LEU A 536 -36.52 13.88 5.50
N ASN A 537 -35.87 12.81 5.98
CA ASN A 537 -34.63 12.32 5.39
C ASN A 537 -33.62 13.44 5.22
N THR A 538 -33.43 14.21 6.30
CA THR A 538 -32.37 15.21 6.34
C THR A 538 -31.71 15.18 7.70
N TYR A 539 -30.55 15.82 7.83
CA TYR A 539 -29.73 15.73 9.04
C TYR A 539 -29.32 17.14 9.43
N PRO A 540 -29.04 17.37 10.71
CA PRO A 540 -28.50 18.67 11.13
C PRO A 540 -27.01 18.74 10.83
N SER A 541 -26.52 19.95 10.62
CA SER A 541 -25.09 20.12 10.38
C SER A 541 -24.32 20.04 11.69
N LEU A 542 -23.00 19.98 11.58
CA LEU A 542 -22.16 19.97 12.77
C LEU A 542 -22.44 21.18 13.65
N LEU A 543 -22.75 22.33 13.04
CA LEU A 543 -23.02 23.54 13.81
C LEU A 543 -24.27 23.40 14.67
N GLU A 544 -25.36 22.85 14.13
CA GLU A 544 -26.56 22.65 14.92
C GLU A 544 -26.50 21.40 15.78
N LEU A 545 -25.46 20.59 15.60
CA LEU A 545 -25.36 19.36 16.35
C LEU A 545 -24.86 19.62 17.77
N THR A 546 -25.37 18.84 18.71
CA THR A 546 -25.06 19.00 20.13
C THR A 546 -24.61 17.66 20.68
N GLU A 547 -23.85 17.69 21.77
CA GLU A 547 -23.32 16.44 22.31
C GLU A 547 -24.43 15.58 22.88
N ARG A 548 -25.52 16.19 23.35
CA ARG A 548 -26.72 15.41 23.67
C ARG A 548 -27.24 14.70 22.44
N ASP A 549 -27.20 15.37 21.28
CA ASP A 549 -27.60 14.70 20.04
C ASP A 549 -26.75 13.47 19.78
N LEU A 550 -25.44 13.58 19.97
CA LEU A 550 -24.57 12.44 19.77
C LEU A 550 -24.81 11.34 20.78
N ILE A 551 -25.25 11.67 21.99
CA ILE A 551 -25.59 10.61 22.96
C ILE A 551 -26.87 9.89 22.54
N VAL A 552 -27.86 10.65 22.07
CA VAL A 552 -29.14 10.06 21.69
C VAL A 552 -29.00 9.22 20.43
N LEU A 553 -28.15 9.64 19.49
CA LEU A 553 -27.94 8.85 18.28
C LEU A 553 -27.35 7.48 18.58
N SER A 554 -26.60 7.37 19.68
CA SER A 554 -25.91 6.12 19.96
C SER A 554 -26.87 4.99 20.32
N GLY A 555 -28.15 5.27 20.42
CA GLY A 555 -29.13 4.24 20.69
C GLY A 555 -29.75 3.63 19.46
N LEU A 556 -29.60 4.29 18.32
CA LEU A 556 -30.18 3.80 17.08
C LEU A 556 -29.55 2.49 16.66
N ARG A 557 -30.41 1.58 16.21
CA ARG A 557 -29.98 0.33 15.59
C ARG A 557 -30.58 0.24 14.21
N PHE A 558 -29.78 -0.24 13.27
CA PHE A 558 -30.13 -0.22 11.87
C PHE A 558 -30.60 -1.60 11.42
N TYR A 559 -31.37 -1.61 10.34
CA TYR A 559 -31.65 -2.82 9.58
C TYR A 559 -30.61 -2.93 8.48
N ARG A 560 -30.41 -4.16 7.99
CA ARG A 560 -29.39 -4.44 6.99
C ARG A 560 -29.61 -3.54 5.78
N GLU A 561 -28.53 -2.93 5.28
CA GLU A 561 -28.62 -2.11 4.09
C GLU A 561 -27.73 -2.66 2.98
N PHE A 562 -26.61 -3.27 3.35
CA PHE A 562 -25.77 -3.94 2.38
C PHE A 562 -25.84 -5.45 2.59
N ARG A 563 -25.28 -6.18 1.64
CA ARG A 563 -25.34 -7.63 1.62
C ARG A 563 -23.94 -8.20 1.48
N LEU A 564 -23.70 -9.32 2.13
CA LEU A 564 -22.43 -10.01 1.94
C LEU A 564 -22.38 -10.64 0.54
N PRO A 565 -21.26 -10.52 -0.16
CA PRO A 565 -21.04 -11.37 -1.35
C PRO A 565 -21.10 -12.83 -0.95
N LYS A 566 -21.93 -13.59 -1.66
CA LYS A 566 -22.20 -14.96 -1.27
C LYS A 566 -21.16 -15.94 -1.79
N LYS A 567 -20.31 -15.53 -2.72
CA LYS A 567 -19.31 -16.40 -3.29
C LYS A 567 -17.96 -15.71 -3.23
N VAL A 568 -16.94 -16.44 -2.79
CA VAL A 568 -15.63 -15.84 -2.55
C VAL A 568 -15.11 -15.19 -3.82
N ASP A 569 -14.49 -14.03 -3.65
CA ASP A 569 -13.67 -13.43 -4.71
C ASP A 569 -12.27 -14.00 -4.55
N LEU A 570 -11.88 -14.89 -5.47
CA LEU A 570 -10.59 -15.53 -5.35
C LEU A 570 -9.44 -14.57 -5.64
N GLU A 571 -9.73 -13.45 -6.28
CA GLU A 571 -8.67 -12.49 -6.55
C GLU A 571 -8.27 -11.72 -5.30
N MET A 572 -9.07 -11.77 -4.24
CA MET A 572 -8.74 -11.03 -3.03
C MET A 572 -8.17 -11.92 -1.95
N ILE A 573 -8.34 -13.25 -2.07
CA ILE A 573 -7.87 -14.17 -1.05
C ILE A 573 -6.59 -14.90 -1.45
N ILE A 574 -6.01 -14.60 -2.60
CA ILE A 574 -4.87 -15.34 -3.12
C ILE A 574 -3.72 -14.35 -3.35
N ASN A 575 -2.54 -14.71 -2.86
CA ASN A 575 -1.36 -13.87 -3.03
C ASN A 575 -0.11 -14.71 -2.84
N ASP A 576 1.04 -14.05 -2.97
CA ASP A 576 2.33 -14.75 -2.99
C ASP A 576 2.90 -14.98 -1.61
N LYS A 577 2.29 -14.44 -0.56
CA LYS A 577 2.92 -14.43 0.75
C LYS A 577 2.59 -15.70 1.52
N ALA A 578 3.09 -15.79 2.75
CA ALA A 578 3.03 -17.00 3.55
C ALA A 578 1.83 -17.00 4.48
N ILE A 579 1.59 -18.14 5.09
CA ILE A 579 0.40 -18.37 5.90
C ILE A 579 0.82 -19.05 7.20
N SER A 580 0.30 -18.58 8.31
CA SER A 580 0.61 -19.20 9.59
C SER A 580 -0.02 -20.59 9.65
N PRO A 581 0.69 -21.58 10.17
CA PRO A 581 0.07 -22.87 10.38
C PRO A 581 -1.13 -22.73 11.30
N PRO A 582 -1.97 -23.76 11.39
CA PRO A 582 -2.91 -23.81 12.51
C PRO A 582 -2.15 -23.90 13.82
N LYS A 583 -2.86 -23.65 14.91
CA LYS A 583 -2.21 -23.58 16.22
C LYS A 583 -1.41 -24.85 16.51
N ASN A 584 -2.04 -26.01 16.37
CA ASN A 584 -1.36 -27.24 16.74
C ASN A 584 -0.14 -27.52 15.89
N LEU A 585 0.01 -26.87 14.75
CA LEU A 585 1.17 -27.03 13.90
C LEU A 585 2.07 -25.82 13.92
N ILE A 586 1.94 -24.94 14.91
CA ILE A 586 2.77 -23.74 14.92
C ILE A 586 4.23 -24.12 15.11
N TRP A 587 4.51 -25.22 15.81
CA TRP A 587 5.88 -25.64 16.00
C TRP A 587 6.54 -26.06 14.70
N THR A 588 5.79 -26.17 13.60
CA THR A 588 6.44 -26.44 12.33
C THR A 588 7.12 -25.20 11.76
N SER A 589 6.99 -24.05 12.41
CA SER A 589 7.66 -22.86 11.93
C SER A 589 9.07 -22.72 12.48
N PHE A 590 9.55 -23.69 13.24
CA PHE A 590 10.88 -23.66 13.81
C PHE A 590 11.68 -24.89 13.39
N PRO A 591 12.99 -24.77 13.18
CA PRO A 591 13.76 -25.93 12.73
C PRO A 591 13.69 -27.07 13.72
N ARG A 592 13.71 -28.29 13.18
CA ARG A 592 13.53 -29.48 14.00
C ARG A 592 14.62 -29.60 15.06
N ASN A 593 15.73 -28.90 14.87
CA ASN A 593 16.84 -29.01 15.82
C ASN A 593 16.64 -28.08 17.01
N TYR A 594 15.86 -27.02 16.82
CA TYR A 594 15.60 -26.05 17.87
C TYR A 594 14.42 -26.43 18.75
N MET A 595 13.71 -27.49 18.42
CA MET A 595 12.57 -27.98 19.17
C MET A 595 12.93 -29.23 19.95
N PRO A 596 12.42 -29.39 21.17
CA PRO A 596 12.75 -30.58 21.94
C PRO A 596 12.08 -31.83 21.37
N SER A 597 12.59 -32.98 21.79
CA SER A 597 12.17 -34.24 21.17
C SER A 597 10.67 -34.45 21.29
N HIS A 598 10.10 -34.15 22.45
CA HIS A 598 8.68 -34.36 22.65
C HIS A 598 7.84 -33.49 21.73
N ILE A 599 8.37 -32.41 21.19
CA ILE A 599 7.68 -31.56 20.24
C ILE A 599 7.85 -32.07 18.82
N GLN A 600 9.05 -32.56 18.50
CA GLN A 600 9.28 -33.14 17.19
C GLN A 600 8.36 -34.34 16.98
N ASN A 601 8.36 -35.28 17.91
CA ASN A 601 7.54 -36.47 17.72
C ASN A 601 6.11 -36.27 18.18
N TYR A 602 5.73 -35.03 18.50
CA TYR A 602 4.33 -34.67 18.63
C TYR A 602 3.83 -34.11 17.31
N ILE A 603 4.67 -33.32 16.64
CA ILE A 603 4.23 -32.71 15.40
C ILE A 603 4.41 -33.64 14.22
N GLU A 604 5.11 -34.75 14.41
CA GLU A 604 5.02 -35.81 13.41
C GLU A 604 3.70 -36.57 13.48
N HIS A 605 2.99 -36.52 14.60
CA HIS A 605 1.70 -37.17 14.75
C HIS A 605 0.55 -36.20 14.55
N GLU A 606 0.76 -34.92 14.78
CA GLU A 606 -0.29 -33.94 14.56
C GLU A 606 -0.48 -33.60 13.10
N LYS A 607 0.47 -33.96 12.23
CA LYS A 607 0.28 -33.76 10.80
C LYS A 607 -0.64 -34.81 10.22
N LEU A 608 -0.62 -36.02 10.78
CA LEU A 608 -1.49 -37.09 10.32
C LEU A 608 -2.96 -36.80 10.59
N LYS A 609 -3.30 -35.65 11.15
CA LYS A 609 -4.69 -35.27 11.37
C LYS A 609 -4.95 -33.83 10.94
N PHE A 610 -4.26 -33.35 9.93
CA PHE A 610 -4.56 -32.08 9.29
C PHE A 610 -4.60 -32.28 7.78
N SER A 611 -5.43 -31.50 7.11
CA SER A 611 -5.51 -31.59 5.67
C SER A 611 -4.26 -31.00 5.04
N GLU A 612 -3.99 -31.39 3.80
CA GLU A 612 -2.83 -30.88 3.09
C GLU A 612 -2.89 -29.37 2.93
N SER A 613 -4.07 -28.77 3.02
CA SER A 613 -4.21 -27.32 2.97
C SER A 613 -3.79 -26.66 4.28
N ASP A 614 -4.10 -27.27 5.42
CA ASP A 614 -3.66 -26.74 6.71
C ASP A 614 -2.15 -26.80 6.86
N LYS A 615 -1.52 -27.86 6.35
CA LYS A 615 -0.07 -27.99 6.47
C LYS A 615 0.65 -27.19 5.38
N SER A 616 -0.06 -26.30 4.69
CA SER A 616 0.43 -25.83 3.40
C SER A 616 1.61 -24.86 3.54
N ARG A 617 1.54 -23.92 4.47
CA ARG A 617 2.63 -22.98 4.71
C ARG A 617 2.67 -21.79 3.76
N ARG A 618 1.80 -21.74 2.76
CA ARG A 618 1.67 -20.56 1.93
C ARG A 618 0.23 -20.39 1.50
N VAL A 619 -0.14 -19.15 1.18
CA VAL A 619 -1.52 -18.84 0.82
C VAL A 619 -1.91 -19.53 -0.48
N LEU A 620 -1.15 -19.28 -1.54
CA LEU A 620 -1.42 -19.91 -2.82
C LEU A 620 -1.52 -21.42 -2.67
N GLU A 621 -0.52 -22.03 -2.03
CA GLU A 621 -0.56 -23.45 -1.78
C GLU A 621 -1.72 -23.83 -0.89
N TYR A 622 -2.09 -22.95 0.04
CA TYR A 622 -3.19 -23.24 0.96
C TYR A 622 -4.47 -23.46 0.19
N TYR A 623 -4.73 -22.64 -0.82
CA TYR A 623 -5.96 -22.78 -1.58
C TYR A 623 -5.85 -23.85 -2.66
N LEU A 624 -4.73 -23.89 -3.39
CA LEU A 624 -4.54 -24.89 -4.43
C LEU A 624 -4.64 -26.31 -3.91
N ARG A 625 -4.39 -26.54 -2.62
CA ARG A 625 -4.40 -27.88 -2.06
C ARG A 625 -5.71 -28.21 -1.39
N ASP A 626 -6.72 -27.36 -1.53
CA ASP A 626 -7.99 -27.54 -0.83
C ASP A 626 -8.94 -28.32 -1.73
N ASN A 627 -9.03 -29.60 -1.47
CA ASN A 627 -9.88 -30.46 -2.26
C ASN A 627 -11.31 -30.48 -1.79
N LYS A 628 -11.67 -29.75 -0.74
CA LYS A 628 -13.05 -29.61 -0.29
C LYS A 628 -13.48 -28.16 -0.34
N PHE A 629 -12.74 -27.35 -1.09
CA PHE A 629 -13.07 -25.94 -1.26
C PHE A 629 -14.42 -25.79 -1.93
N ASN A 630 -15.16 -24.75 -1.53
CA ASN A 630 -16.31 -24.33 -2.32
C ASN A 630 -16.49 -22.84 -2.12
N GLU A 631 -17.16 -22.21 -3.08
CA GLU A 631 -17.16 -20.76 -3.15
C GLU A 631 -17.94 -20.13 -2.02
N CYS A 632 -18.76 -20.91 -1.33
CA CYS A 632 -19.64 -20.39 -0.29
C CYS A 632 -19.17 -20.72 1.11
N ASP A 633 -17.91 -21.13 1.27
CA ASP A 633 -17.37 -21.48 2.58
C ASP A 633 -16.99 -20.26 3.40
N LEU A 634 -16.51 -19.18 2.78
CA LEU A 634 -16.23 -17.95 3.52
C LEU A 634 -17.55 -17.40 4.05
N TYR A 635 -18.53 -17.28 3.17
CA TYR A 635 -19.82 -16.72 3.52
C TYR A 635 -20.49 -17.49 4.63
N ASN A 636 -20.42 -18.82 4.60
CA ASN A 636 -21.01 -19.59 5.69
C ASN A 636 -20.30 -19.38 7.01
N CYS A 637 -19.02 -19.05 6.99
CA CYS A 637 -18.29 -18.78 8.23
C CYS A 637 -18.74 -17.46 8.86
N VAL A 638 -18.84 -16.41 8.05
CA VAL A 638 -19.24 -15.11 8.57
C VAL A 638 -20.68 -15.13 9.06
N VAL A 639 -21.49 -16.06 8.56
CA VAL A 639 -22.87 -16.14 9.02
C VAL A 639 -22.98 -17.05 10.24
N ASN A 640 -22.31 -18.18 10.24
CA ASN A 640 -22.32 -19.09 11.38
C ASN A 640 -21.34 -18.67 12.46
N GLN A 641 -20.45 -17.73 12.18
CA GLN A 641 -19.46 -17.26 13.14
C GLN A 641 -18.63 -18.43 13.67
N SER A 642 -18.06 -19.17 12.72
CA SER A 642 -17.22 -20.29 13.06
C SER A 642 -15.79 -19.88 13.36
N TYR A 643 -15.49 -18.60 13.22
CA TYR A 643 -14.23 -17.99 13.61
C TYR A 643 -14.19 -17.57 15.06
N LEU A 644 -15.19 -17.90 15.86
CA LEU A 644 -15.22 -17.55 17.27
C LEU A 644 -14.89 -18.78 18.08
N ASN A 645 -14.01 -18.61 19.06
CA ASN A 645 -13.61 -19.69 19.95
C ASN A 645 -13.12 -20.89 19.14
N ASN A 646 -12.39 -20.56 18.07
CA ASN A 646 -11.88 -21.56 17.15
C ASN A 646 -10.53 -22.07 17.64
N PRO A 647 -10.40 -23.34 18.00
CA PRO A 647 -9.14 -23.81 18.60
C PRO A 647 -7.97 -23.85 17.65
N ASN A 648 -8.10 -23.36 16.43
CA ASN A 648 -6.99 -23.32 15.49
C ASN A 648 -6.37 -21.94 15.40
N HIS A 649 -6.71 -21.02 16.29
CA HIS A 649 -6.32 -19.64 16.13
C HIS A 649 -5.00 -19.35 16.81
N VAL A 650 -4.13 -18.64 16.10
CA VAL A 650 -2.87 -18.13 16.64
C VAL A 650 -2.58 -16.82 15.94
N VAL A 651 -1.64 -16.08 16.50
CA VAL A 651 -1.00 -14.97 15.80
C VAL A 651 0.50 -15.22 15.85
N SER A 652 1.11 -15.23 14.67
CA SER A 652 2.53 -15.52 14.51
C SER A 652 3.20 -14.27 13.97
N LEU A 653 4.11 -13.71 14.74
CA LEU A 653 4.81 -12.50 14.37
C LEU A 653 6.09 -12.87 13.65
N THR A 654 6.36 -12.21 12.53
CA THR A 654 7.55 -12.48 11.74
C THR A 654 8.15 -11.17 11.24
N PHE A 666 5.21 -7.75 11.20
CA PHE A 666 4.27 -8.45 10.32
C PHE A 666 3.62 -9.61 11.03
N ALA A 667 2.29 -9.60 11.10
CA ALA A 667 1.53 -10.61 11.82
C ALA A 667 0.77 -11.48 10.82
N MET A 668 0.48 -12.71 11.22
CA MET A 668 -0.26 -13.61 10.36
C MET A 668 -0.95 -14.66 11.20
N GLN A 669 -2.02 -15.22 10.64
CA GLN A 669 -2.86 -16.19 11.33
C GLN A 669 -3.30 -17.22 10.31
N PRO A 670 -3.85 -18.35 10.76
CA PRO A 670 -4.30 -19.37 9.81
C PRO A 670 -5.23 -18.81 8.75
N GLY A 671 -5.46 -19.60 7.71
CA GLY A 671 -6.18 -19.10 6.55
C GLY A 671 -7.64 -18.82 6.84
N MET A 672 -8.25 -19.62 7.70
CA MET A 672 -9.68 -19.48 7.95
C MET A 672 -10.01 -18.15 8.60
N PHE A 673 -9.06 -17.54 9.31
CA PHE A 673 -9.27 -16.24 9.94
C PHE A 673 -8.73 -15.11 9.11
N ARG A 674 -7.66 -15.36 8.36
CA ARG A 674 -7.21 -14.40 7.38
C ARG A 674 -8.28 -14.10 6.36
N GLN A 675 -9.05 -15.11 5.97
CA GLN A 675 -10.20 -14.92 5.10
C GLN A 675 -11.16 -13.90 5.68
N VAL A 676 -11.57 -14.09 6.93
CA VAL A 676 -12.52 -13.20 7.58
C VAL A 676 -11.94 -11.82 7.75
N GLN A 677 -10.66 -11.73 8.09
CA GLN A 677 -10.02 -10.43 8.21
C GLN A 677 -10.07 -9.66 6.90
N ILE A 678 -9.74 -10.33 5.79
CA ILE A 678 -9.76 -9.66 4.49
C ILE A 678 -11.18 -9.30 4.07
N LEU A 679 -12.15 -10.19 4.31
CA LEU A 679 -13.53 -9.88 3.99
C LEU A 679 -14.02 -8.67 4.78
N ALA A 680 -13.71 -8.62 6.08
CA ALA A 680 -14.14 -7.50 6.88
C ALA A 680 -13.52 -6.20 6.42
N GLU A 681 -12.23 -6.21 6.06
CA GLU A 681 -11.64 -5.00 5.52
C GLU A 681 -12.27 -4.62 4.19
N LYS A 682 -12.63 -5.63 3.38
CA LYS A 682 -13.14 -5.37 2.04
C LYS A 682 -14.54 -4.79 2.08
N MET A 683 -15.38 -5.28 2.99
CA MET A 683 -16.72 -4.74 3.10
C MET A 683 -16.70 -3.29 3.55
N ILE A 684 -15.80 -2.94 4.46
CA ILE A 684 -15.65 -1.54 4.83
C ILE A 684 -15.14 -0.72 3.65
N ALA A 685 -14.22 -1.29 2.86
CA ALA A 685 -13.70 -0.54 1.73
C ALA A 685 -14.77 -0.29 0.68
N GLU A 686 -15.64 -1.27 0.45
CA GLU A 686 -16.63 -1.17 -0.63
C GLU A 686 -17.83 -0.36 -0.18
N ASN A 687 -18.40 -0.71 0.95
CA ASN A 687 -19.70 -0.23 1.37
C ASN A 687 -19.65 0.96 2.31
N ILE A 688 -18.58 1.16 3.06
CA ILE A 688 -18.59 2.06 4.20
C ILE A 688 -17.62 3.23 4.05
N LEU A 689 -16.63 3.14 3.18
CA LEU A 689 -15.68 4.25 3.08
C LEU A 689 -16.26 5.37 2.23
N GLN A 690 -17.40 5.12 1.60
CA GLN A 690 -18.08 6.19 0.87
C GLN A 690 -18.52 7.30 1.81
N PHE A 691 -18.85 6.94 3.05
CA PHE A 691 -19.27 7.89 4.07
C PHE A 691 -18.12 8.64 4.69
N PHE A 692 -16.88 8.23 4.45
CA PHE A 692 -15.70 8.81 5.08
C PHE A 692 -14.67 9.20 4.01
N PRO A 693 -14.93 10.24 3.23
CA PRO A 693 -14.02 10.60 2.14
C PRO A 693 -12.65 11.09 2.58
N GLU A 694 -12.40 11.23 3.89
CA GLU A 694 -11.09 11.68 4.34
C GLU A 694 -10.07 10.55 4.37
N SER A 695 -10.51 9.31 4.28
CA SER A 695 -9.62 8.16 4.15
C SER A 695 -8.76 8.30 2.90
N TYR A 728 -10.73 37.35 12.89
CA TYR A 728 -9.66 36.59 12.27
C TYR A 728 -9.97 35.09 12.30
N ILE A 729 -9.72 34.41 11.18
CA ILE A 729 -9.94 32.97 11.11
C ILE A 729 -8.65 32.24 11.47
N SER A 730 -8.45 31.98 12.76
CA SER A 730 -7.20 31.38 13.22
C SER A 730 -7.11 29.92 12.78
N LYS A 731 -6.09 29.63 11.99
CA LYS A 731 -5.91 28.31 11.39
C LYS A 731 -4.69 27.65 12.02
N CYS A 732 -4.62 26.33 11.87
CA CYS A 732 -3.62 25.53 12.57
C CYS A 732 -3.57 24.15 11.95
N SER A 733 -2.52 23.40 12.28
CA SER A 733 -2.36 22.05 11.79
C SER A 733 -1.76 21.19 12.89
N ILE A 734 -2.25 19.97 13.04
CA ILE A 734 -1.75 19.04 14.04
C ILE A 734 -1.51 17.71 13.36
N ILE A 735 -0.26 17.25 13.38
CA ILE A 735 0.13 16.03 12.69
C ILE A 735 0.41 14.96 13.73
N THR A 736 -0.23 13.80 13.56
CA THR A 736 -0.12 12.69 14.49
C THR A 736 0.25 11.43 13.74
N ASP A 737 1.07 10.59 14.35
CA ASP A 737 1.44 9.30 13.79
C ASP A 737 0.60 8.24 14.48
N LEU A 738 -0.16 7.48 13.70
CA LEU A 738 -1.07 6.48 14.22
C LEU A 738 -0.49 5.07 14.15
N SER A 739 0.83 4.94 14.17
CA SER A 739 1.43 3.62 14.07
C SER A 739 1.06 2.75 15.25
N LYS A 740 1.26 3.23 16.47
CA LYS A 740 0.88 2.50 17.68
C LYS A 740 -0.60 2.63 17.99
N PHE A 741 -1.30 3.52 17.28
CA PHE A 741 -2.68 3.88 17.57
C PHE A 741 -3.60 2.67 17.58
N ASN A 742 -3.29 1.63 16.82
CA ASN A 742 -4.04 0.38 16.87
C ASN A 742 -3.87 -0.36 18.17
N GLN A 743 -2.76 -0.14 18.87
CA GLN A 743 -2.45 -0.86 20.09
C GLN A 743 -3.37 -0.46 21.23
N ALA A 744 -3.85 0.78 21.22
CA ALA A 744 -4.62 1.31 22.34
C ALA A 744 -6.10 0.93 22.22
N PHE A 745 -6.54 0.54 21.04
CA PHE A 745 -7.94 0.19 20.84
C PHE A 745 -8.28 -1.03 21.67
N ARG A 746 -9.52 -1.10 22.12
CA ARG A 746 -10.04 -2.27 22.81
C ARG A 746 -11.41 -2.58 22.24
N TYR A 747 -11.99 -3.69 22.71
CA TYR A 747 -13.33 -4.01 22.25
C TYR A 747 -14.30 -2.89 22.58
N GLU A 748 -14.15 -2.24 23.74
CA GLU A 748 -15.12 -1.22 24.14
C GLU A 748 -15.04 0.01 23.28
N THR A 749 -13.90 0.28 22.64
CA THR A 749 -13.74 1.44 21.79
C THR A 749 -13.80 1.11 20.30
N SER A 750 -13.47 -0.11 19.90
CA SER A 750 -13.55 -0.52 18.51
C SER A 750 -14.97 -0.94 18.15
N CYS A 751 -15.51 -1.93 18.86
CA CYS A 751 -16.78 -2.53 18.50
C CYS A 751 -17.94 -1.85 19.18
N ILE A 752 -18.00 -0.53 19.09
CA ILE A 752 -19.23 0.22 19.30
C ILE A 752 -19.55 0.89 17.98
N CYS A 753 -18.50 1.22 17.24
CA CYS A 753 -18.61 1.71 15.88
C CYS A 753 -18.64 0.56 14.88
N SER A 754 -17.92 -0.51 15.18
CA SER A 754 -17.89 -1.68 14.31
C SER A 754 -19.15 -2.49 14.46
N ASP A 755 -19.88 -2.29 15.56
CA ASP A 755 -21.18 -2.94 15.73
C ASP A 755 -22.27 -2.27 14.92
N VAL A 756 -22.06 -1.02 14.49
CA VAL A 756 -23.01 -0.38 13.60
C VAL A 756 -22.84 -0.88 12.17
N LEU A 757 -21.65 -1.31 11.78
CA LEU A 757 -21.43 -1.91 10.47
C LEU A 757 -21.89 -3.36 10.44
N ASP A 758 -21.90 -4.05 11.58
CA ASP A 758 -22.48 -5.38 11.61
C ASP A 758 -23.95 -5.35 11.29
N GLU A 759 -24.67 -4.34 11.76
CA GLU A 759 -26.10 -4.26 11.56
C GLU A 759 -26.42 -3.87 10.13
N LEU A 760 -25.64 -2.95 9.57
CA LEU A 760 -25.81 -2.56 8.17
C LEU A 760 -25.65 -3.74 7.22
N HIS A 761 -24.74 -4.68 7.51
CA HIS A 761 -24.56 -5.82 6.63
C HIS A 761 -25.33 -7.02 7.12
N GLY A 762 -26.16 -6.83 8.13
CA GLY A 762 -27.02 -7.90 8.62
C GLY A 762 -26.26 -9.02 9.29
N VAL A 763 -24.98 -8.83 9.58
CA VAL A 763 -24.15 -9.89 10.12
C VAL A 763 -23.99 -9.67 11.61
N GLN A 764 -23.55 -10.73 12.28
CA GLN A 764 -23.08 -10.64 13.64
C GLN A 764 -21.57 -10.80 13.62
N SER A 765 -20.86 -9.83 14.18
CA SER A 765 -19.47 -9.93 14.61
C SER A 765 -18.48 -9.93 13.47
N LEU A 766 -18.89 -9.78 12.21
CA LEU A 766 -17.89 -9.80 11.15
C LEU A 766 -16.89 -8.69 11.34
N PHE A 767 -17.37 -7.48 11.62
CA PHE A 767 -16.48 -6.34 11.78
C PHE A 767 -15.93 -6.24 13.19
N SER A 768 -16.37 -7.11 14.08
CA SER A 768 -15.91 -7.15 15.46
C SER A 768 -15.05 -8.38 15.70
N TRP A 769 -14.58 -9.00 14.63
CA TRP A 769 -13.97 -10.32 14.74
C TRP A 769 -12.70 -10.28 15.59
N LEU A 770 -11.91 -9.22 15.45
CA LEU A 770 -10.59 -9.13 16.05
C LEU A 770 -10.64 -9.16 17.57
N HIS A 771 -11.25 -8.15 18.19
CA HIS A 771 -11.24 -8.06 19.64
C HIS A 771 -12.08 -9.13 20.30
N LEU A 772 -12.88 -9.88 19.55
CA LEU A 772 -13.65 -10.96 20.11
C LEU A 772 -12.94 -12.30 20.06
N THR A 773 -11.85 -12.40 19.30
CA THR A 773 -11.17 -13.66 19.04
C THR A 773 -9.73 -13.67 19.51
N ILE A 774 -9.01 -12.57 19.29
CA ILE A 774 -7.58 -12.52 19.55
C ILE A 774 -7.27 -12.53 21.04
N PRO A 775 -8.10 -11.96 21.90
CA PRO A 775 -7.84 -12.08 23.34
C PRO A 775 -7.73 -13.51 23.82
N HIS A 776 -8.18 -14.49 23.04
CA HIS A 776 -8.16 -15.88 23.49
C HIS A 776 -7.06 -16.70 22.85
N VAL A 777 -6.21 -16.09 22.05
CA VAL A 777 -5.17 -16.79 21.33
C VAL A 777 -3.81 -16.35 21.85
N THR A 778 -2.80 -17.16 21.58
CA THR A 778 -1.44 -16.86 21.99
C THR A 778 -0.72 -16.13 20.87
N ILE A 779 -0.05 -15.02 21.20
CA ILE A 779 0.76 -14.29 20.25
C ILE A 779 2.19 -14.76 20.42
N ILE A 780 2.80 -15.24 19.35
CA ILE A 780 4.10 -15.90 19.42
C ILE A 780 5.00 -15.39 18.31
N CYS A 781 6.27 -15.18 18.64
CA CYS A 781 7.28 -14.91 17.63
C CYS A 781 7.66 -16.22 16.97
N THR A 782 7.29 -16.38 15.71
CA THR A 782 7.53 -17.63 14.99
C THR A 782 8.65 -17.50 13.98
N TYR A 783 9.51 -16.49 14.11
CA TYR A 783 10.68 -16.43 13.25
C TYR A 783 11.58 -17.64 13.54
N ARG A 784 12.24 -18.11 12.48
CA ARG A 784 12.87 -19.43 12.48
C ARG A 784 13.80 -19.64 13.66
N HIS A 785 14.71 -18.69 13.89
CA HIS A 785 15.79 -18.89 14.84
C HIS A 785 15.42 -18.44 16.24
N ALA A 786 14.21 -17.91 16.40
CA ALA A 786 13.77 -17.40 17.70
C ALA A 786 12.67 -18.29 18.24
N PRO A 787 12.95 -19.56 18.54
CA PRO A 787 11.93 -20.42 19.10
C PRO A 787 11.64 -20.03 20.54
N PRO A 788 10.53 -20.48 21.10
CA PRO A 788 10.29 -20.28 22.52
C PRO A 788 10.83 -21.46 23.30
N TYR A 789 11.11 -21.22 24.57
CA TYR A 789 11.47 -22.33 25.42
C TYR A 789 10.19 -23.06 25.83
N ILE A 790 10.10 -24.34 25.53
CA ILE A 790 8.91 -25.14 25.78
C ILE A 790 9.23 -26.10 26.91
N GLY A 791 8.48 -25.98 27.99
CA GLY A 791 8.70 -26.86 29.12
C GLY A 791 8.36 -28.29 28.78
N ASP A 792 9.00 -29.22 29.48
CA ASP A 792 8.85 -30.63 29.15
C ASP A 792 7.38 -31.00 29.08
N HIS A 793 7.03 -31.74 28.03
CA HIS A 793 5.70 -32.31 27.89
C HIS A 793 4.62 -31.25 27.86
N ILE A 794 4.91 -30.12 27.23
CA ILE A 794 3.90 -29.13 26.86
C ILE A 794 3.90 -29.03 25.34
N VAL A 795 2.78 -29.40 24.73
CA VAL A 795 2.69 -29.50 23.28
C VAL A 795 1.79 -28.41 22.74
N ASP A 796 0.80 -28.01 23.54
CA ASP A 796 -0.12 -26.94 23.20
C ASP A 796 0.54 -25.62 23.59
N LEU A 797 0.42 -24.58 22.77
CA LEU A 797 1.05 -23.32 23.13
C LEU A 797 0.13 -22.39 23.87
N ASN A 798 -1.14 -22.76 24.05
CA ASN A 798 -1.95 -22.09 25.03
C ASN A 798 -1.54 -22.49 26.45
N ASN A 799 -0.82 -23.60 26.59
CA ASN A 799 -0.29 -24.03 27.87
C ASN A 799 1.19 -23.72 28.02
N VAL A 800 1.84 -23.24 26.97
CA VAL A 800 3.22 -22.84 27.06
C VAL A 800 3.30 -21.55 27.85
N ASP A 801 4.10 -21.55 28.91
CA ASP A 801 4.14 -20.40 29.79
C ASP A 801 4.73 -19.19 29.08
N GLU A 802 4.24 -18.01 29.45
CA GLU A 802 4.66 -16.80 28.77
C GLU A 802 6.13 -16.51 29.05
N GLN A 803 6.76 -15.82 28.11
CA GLN A 803 8.19 -15.57 28.15
C GLN A 803 8.47 -14.50 27.13
N SER A 804 9.75 -14.26 26.85
CA SER A 804 10.08 -13.32 25.81
C SER A 804 9.68 -13.88 24.45
N GLY A 805 8.94 -13.09 23.68
CA GLY A 805 8.48 -13.51 22.38
C GLY A 805 7.33 -14.49 22.38
N LEU A 806 6.56 -14.57 23.47
CA LEU A 806 5.37 -15.42 23.51
C LEU A 806 4.52 -14.99 24.68
N TYR A 807 3.32 -14.48 24.41
CA TYR A 807 2.42 -14.07 25.49
C TYR A 807 0.98 -14.31 25.10
N ARG A 808 0.09 -14.02 26.03
CA ARG A 808 -1.34 -14.22 25.87
C ARG A 808 -2.09 -12.94 26.24
N TYR A 809 -3.42 -13.00 26.16
CA TYR A 809 -4.30 -11.90 26.55
C TYR A 809 -3.91 -10.59 25.86
N HIS A 810 -3.68 -10.68 24.57
CA HIS A 810 -3.46 -9.48 23.78
C HIS A 810 -4.80 -8.85 23.48
N MET A 811 -5.18 -7.87 24.26
CA MET A 811 -6.30 -7.01 23.92
C MET A 811 -5.76 -5.93 23.02
N GLY A 812 -6.51 -5.52 22.02
CA GLY A 812 -6.17 -4.30 21.34
C GLY A 812 -5.36 -4.26 20.05
N GLY A 813 -5.80 -4.96 19.02
CA GLY A 813 -5.48 -4.49 17.69
C GLY A 813 -4.14 -4.83 17.05
N ILE A 814 -3.93 -6.10 16.70
CA ILE A 814 -2.86 -6.42 15.77
C ILE A 814 -2.94 -5.48 14.59
N GLU A 815 -1.81 -4.89 14.22
CA GLU A 815 -1.83 -3.79 13.26
C GLU A 815 -1.99 -4.30 11.84
N GLY A 816 -2.58 -3.47 10.99
CA GLY A 816 -2.94 -3.86 9.65
C GLY A 816 -4.33 -4.44 9.62
N TRP A 817 -4.57 -5.45 10.45
CA TRP A 817 -5.90 -6.00 10.58
C TRP A 817 -6.83 -4.90 11.05
N CYS A 818 -7.98 -4.73 10.42
CA CYS A 818 -8.95 -3.72 10.85
C CYS A 818 -8.39 -2.31 10.75
N GLN A 819 -7.34 -2.09 9.97
CA GLN A 819 -6.82 -0.75 9.84
C GLN A 819 -7.87 0.23 9.33
N LYS A 820 -8.80 -0.23 8.50
CA LYS A 820 -9.85 0.62 7.95
C LYS A 820 -10.95 0.93 8.95
N LEU A 821 -11.28 -0.01 9.83
CA LEU A 821 -12.22 0.26 10.90
C LEU A 821 -11.70 1.33 11.83
N TRP A 822 -10.43 1.27 12.20
CA TRP A 822 -9.84 2.25 13.09
C TRP A 822 -9.66 3.61 12.45
N THR A 823 -9.52 3.68 11.13
CA THR A 823 -9.46 4.96 10.46
C THR A 823 -10.77 5.74 10.54
N ILE A 824 -11.89 5.07 10.34
CA ILE A 824 -13.18 5.75 10.35
C ILE A 824 -13.66 6.05 11.75
N GLU A 825 -13.29 5.25 12.75
CA GLU A 825 -13.45 5.62 14.14
C GLU A 825 -12.60 6.83 14.51
N ALA A 826 -11.38 6.92 13.99
CA ALA A 826 -10.56 8.10 14.24
C ALA A 826 -11.18 9.34 13.61
N ILE A 827 -11.71 9.22 12.39
CA ILE A 827 -12.38 10.38 11.78
C ILE A 827 -13.64 10.76 12.53
N SER A 828 -14.37 9.77 13.06
CA SER A 828 -15.51 10.05 13.91
C SER A 828 -15.10 10.82 15.16
N LEU A 829 -14.00 10.39 15.78
CA LEU A 829 -13.44 11.12 16.91
C LEU A 829 -13.10 12.55 16.53
N LEU A 830 -12.55 12.75 15.34
CA LEU A 830 -12.23 14.10 14.91
C LEU A 830 -13.49 14.94 14.79
N ASP A 831 -14.57 14.36 14.29
CA ASP A 831 -15.85 15.06 14.23
C ASP A 831 -16.42 15.38 15.60
N LEU A 832 -16.19 14.52 16.59
CA LEU A 832 -16.60 14.78 17.96
C LEU A 832 -15.77 15.86 18.64
N ILE A 833 -14.46 15.87 18.37
CA ILE A 833 -13.60 16.92 18.88
C ILE A 833 -13.99 18.26 18.27
N SER A 834 -14.22 18.30 16.96
CA SER A 834 -14.63 19.53 16.31
C SER A 834 -15.88 20.10 16.96
N LEU A 835 -16.76 19.24 17.45
CA LEU A 835 -17.97 19.67 18.13
C LEU A 835 -17.65 20.19 19.52
N LYS A 836 -16.78 19.48 20.25
CA LYS A 836 -16.48 19.86 21.62
C LYS A 836 -15.69 21.15 21.69
N GLY A 837 -14.83 21.40 20.70
CA GLY A 837 -13.97 22.56 20.76
C GLY A 837 -14.36 23.70 19.85
N LYS A 838 -15.44 23.54 19.09
CA LYS A 838 -15.97 24.58 18.23
C LYS A 838 -14.96 25.05 17.18
N PHE A 839 -14.28 24.11 16.53
CA PHE A 839 -13.46 24.44 15.37
C PHE A 839 -13.78 23.49 14.23
N SER A 840 -13.37 23.89 13.03
CA SER A 840 -13.71 23.18 11.81
C SER A 840 -12.57 22.25 11.41
N ILE A 841 -12.59 21.04 11.96
CA ILE A 841 -11.53 20.09 11.66
C ILE A 841 -11.71 19.57 10.24
N THR A 842 -10.77 19.91 9.37
CA THR A 842 -10.52 19.12 8.18
C THR A 842 -9.48 18.05 8.52
N ALA A 843 -9.55 16.92 7.84
CA ALA A 843 -8.71 15.79 8.20
C ALA A 843 -8.19 15.13 6.95
N LEU A 844 -7.12 14.36 7.14
CA LEU A 844 -6.51 13.61 6.05
C LEU A 844 -5.69 12.49 6.65
N ILE A 845 -6.18 11.27 6.50
CA ILE A 845 -5.50 10.09 7.05
C ILE A 845 -4.96 9.28 5.88
N ASN A 846 -3.66 9.01 5.91
CA ASN A 846 -3.04 8.17 4.90
C ASN A 846 -2.00 7.29 5.58
N GLY A 847 -2.35 6.02 5.78
CA GLY A 847 -1.47 5.12 6.48
C GLY A 847 -1.28 5.51 7.93
N ASP A 848 -0.02 5.67 8.33
CA ASP A 848 0.32 5.98 9.71
C ASP A 848 0.62 7.47 9.92
N ASN A 849 -0.13 8.36 9.29
CA ASN A 849 0.06 9.79 9.51
C ASN A 849 -1.27 10.49 9.33
N GLN A 850 -1.81 11.01 10.42
CA GLN A 850 -3.07 11.74 10.40
C GLN A 850 -2.77 13.23 10.46
N SER A 851 -3.18 13.95 9.42
CA SER A 851 -2.84 15.36 9.25
C SER A 851 -4.11 16.19 9.46
N ILE A 852 -4.39 16.49 10.72
CA ILE A 852 -5.53 17.35 11.05
C ILE A 852 -5.25 18.77 10.58
N ASP A 853 -6.29 19.42 10.09
CA ASP A 853 -6.27 20.86 9.86
C ASP A 853 -7.42 21.48 10.64
N ILE A 854 -7.15 22.61 11.28
CA ILE A 854 -8.11 23.20 12.21
C ILE A 854 -8.28 24.66 11.84
N SER A 855 -9.51 25.13 11.89
CA SER A 855 -9.83 26.54 11.77
C SER A 855 -10.79 26.90 12.87
N LYS A 856 -10.72 28.14 13.32
CA LYS A 856 -11.67 28.58 14.32
C LYS A 856 -11.84 30.08 14.22
N PRO A 857 -12.95 30.58 13.66
CA PRO A 857 -13.08 32.02 13.49
C PRO A 857 -13.09 32.72 14.85
N ILE A 858 -12.16 33.66 15.01
CA ILE A 858 -12.08 34.53 16.17
C ILE A 858 -11.89 35.95 15.68
N ARG A 859 -11.92 36.89 16.61
CA ARG A 859 -11.39 38.22 16.35
C ARG A 859 -10.49 38.58 17.52
N LEU A 860 -9.24 38.89 17.18
CA LEU A 860 -8.17 38.94 18.15
C LEU A 860 -8.15 40.28 18.89
N MET A 861 -7.64 40.25 20.11
CA MET A 861 -7.56 41.46 20.92
C MET A 861 -6.46 42.36 20.40
N GLU A 862 -6.19 43.45 21.10
CA GLU A 862 -5.15 44.41 20.71
C GLU A 862 -3.81 43.87 21.14
N GLY A 863 -2.82 43.94 20.24
CA GLY A 863 -1.50 43.46 20.55
C GLY A 863 -1.27 41.98 20.30
N GLN A 864 -2.32 41.24 19.95
CA GLN A 864 -2.19 39.84 19.61
C GLN A 864 -2.14 39.70 18.10
N THR A 865 -1.12 39.00 17.62
CA THR A 865 -0.87 38.88 16.19
C THR A 865 -1.46 37.59 15.64
N HIS A 866 -1.59 37.55 14.31
CA HIS A 866 -2.10 36.36 13.65
C HIS A 866 -1.29 35.13 14.05
N ALA A 867 0.03 35.25 14.06
CA ALA A 867 0.87 34.12 14.43
C ALA A 867 0.64 33.72 15.88
N GLN A 868 0.53 34.68 16.77
CA GLN A 868 0.26 34.37 18.16
C GLN A 868 -1.08 33.69 18.32
N ALA A 869 -2.10 34.17 17.60
CA ALA A 869 -3.43 33.56 17.64
C ALA A 869 -3.40 32.13 17.13
N ASP A 870 -2.73 31.90 16.00
CA ASP A 870 -2.64 30.55 15.46
C ASP A 870 -1.91 29.63 16.42
N TYR A 871 -0.82 30.11 17.04
CA TYR A 871 -0.13 29.27 18.00
C TYR A 871 -1.01 28.94 19.19
N LEU A 872 -1.76 29.93 19.68
CA LEU A 872 -2.66 29.69 20.80
C LEU A 872 -3.74 28.68 20.45
N LEU A 873 -4.32 28.84 19.25
CA LEU A 873 -5.33 27.90 18.79
C LEU A 873 -4.75 26.50 18.66
N ALA A 874 -3.52 26.39 18.15
CA ALA A 874 -2.87 25.09 18.04
C ALA A 874 -2.66 24.47 19.40
N LEU A 875 -2.19 25.25 20.37
CA LEU A 875 -1.95 24.73 21.70
C LEU A 875 -3.23 24.32 22.40
N ASN A 876 -4.32 25.08 22.19
CA ASN A 876 -5.61 24.75 22.79
C ASN A 876 -6.21 23.51 22.16
N SER A 877 -6.22 23.45 20.83
CA SER A 877 -6.75 22.28 20.13
C SER A 877 -5.93 21.04 20.42
N LEU A 878 -4.62 21.20 20.61
CA LEU A 878 -3.77 20.09 21.01
C LEU A 878 -4.13 19.56 22.37
N LYS A 879 -4.42 20.46 23.32
CA LYS A 879 -4.89 20.03 24.63
C LYS A 879 -6.15 19.19 24.52
N LEU A 880 -7.10 19.67 23.71
CA LEU A 880 -8.39 19.00 23.53
C LEU A 880 -8.22 17.67 22.83
N LEU A 881 -7.42 17.64 21.77
CA LEU A 881 -7.12 16.42 21.05
C LEU A 881 -6.57 15.38 22.02
N TYR A 882 -5.61 15.78 22.85
CA TYR A 882 -5.04 14.90 23.85
C TYR A 882 -6.09 14.38 24.81
N LYS A 883 -6.91 15.29 25.36
CA LYS A 883 -7.90 14.86 26.34
C LYS A 883 -8.90 13.89 25.74
N GLU A 884 -9.36 14.14 24.53
CA GLU A 884 -10.38 13.31 23.93
C GLU A 884 -9.84 11.98 23.44
N TYR A 885 -8.60 11.95 22.93
CA TYR A 885 -7.98 10.67 22.65
C TYR A 885 -7.80 9.87 23.94
N ALA A 886 -7.39 10.53 25.02
CA ALA A 886 -7.23 9.82 26.28
C ALA A 886 -8.57 9.33 26.80
N GLY A 887 -9.64 10.05 26.50
CA GLY A 887 -10.96 9.65 26.92
C GLY A 887 -11.31 8.26 26.45
N ILE A 888 -10.76 7.87 25.31
CA ILE A 888 -10.86 6.50 24.85
C ILE A 888 -9.47 5.89 24.79
N GLY A 889 -8.99 5.38 25.91
CA GLY A 889 -7.85 4.47 25.93
C GLY A 889 -6.58 4.84 25.18
N HIS A 890 -6.47 6.05 24.63
CA HIS A 890 -5.33 6.41 23.78
C HIS A 890 -4.55 7.56 24.38
N LYS A 891 -3.30 7.30 24.74
CA LYS A 891 -2.41 8.31 25.31
C LYS A 891 -1.43 8.75 24.25
N LEU A 892 -1.63 9.93 23.70
CA LEU A 892 -0.73 10.45 22.69
C LEU A 892 0.64 10.65 23.33
N LYS A 893 1.62 11.02 22.51
CA LYS A 893 2.99 11.17 22.99
C LYS A 893 3.59 12.38 22.31
N GLY A 894 4.16 13.29 23.08
CA GLY A 894 4.69 14.51 22.54
C GLY A 894 5.67 14.27 21.41
N THR A 895 6.32 13.12 21.42
CA THR A 895 7.31 12.81 20.40
C THR A 895 6.65 12.63 19.03
N GLU A 896 5.63 11.80 18.94
CA GLU A 896 5.02 11.45 17.67
C GLU A 896 4.01 12.47 17.17
N THR A 897 3.58 13.39 18.01
CA THR A 897 2.66 14.46 17.63
C THR A 897 3.40 15.78 17.59
N TYR A 898 2.98 16.65 16.68
CA TYR A 898 3.49 18.01 16.66
C TYR A 898 2.46 18.91 15.98
N ILE A 899 2.72 20.20 16.02
CA ILE A 899 1.80 21.21 15.54
C ILE A 899 2.55 22.12 14.58
N SER A 900 1.91 22.45 13.47
CA SER A 900 2.44 23.42 12.53
C SER A 900 1.31 24.33 12.13
N ARG A 901 1.65 25.47 11.54
CA ARG A 901 0.64 26.35 10.98
C ARG A 901 0.31 25.99 9.55
N ASP A 902 1.22 25.30 8.85
CA ASP A 902 1.00 24.99 7.43
C ASP A 902 1.47 23.56 7.14
N MET A 903 0.57 22.59 7.37
CA MET A 903 0.52 21.34 6.63
C MET A 903 1.86 20.77 6.15
N GLN A 904 2.86 20.75 7.02
CA GLN A 904 4.19 20.30 6.61
C GLN A 904 4.25 18.78 6.52
N PHE A 905 5.10 18.30 5.60
CA PHE A 905 5.41 16.88 5.48
C PHE A 905 4.14 16.05 5.44
N MET A 906 3.15 16.51 4.68
CA MET A 906 1.84 15.87 4.70
C MET A 906 1.92 14.44 4.17
N SER A 907 2.63 14.24 3.07
CA SER A 907 2.73 12.91 2.48
C SER A 907 4.18 12.46 2.38
N LYS A 908 4.97 12.74 3.41
CA LYS A 908 6.42 12.59 3.29
C LYS A 908 6.84 13.31 2.02
N THR A 909 6.37 14.54 1.87
CA THR A 909 6.44 15.26 0.61
C THR A 909 6.47 16.75 0.87
N ILE A 910 7.66 17.36 0.85
CA ILE A 910 7.78 18.74 1.31
C ILE A 910 7.19 19.65 0.23
N GLN A 911 5.95 20.06 0.41
CA GLN A 911 5.34 21.12 -0.37
C GLN A 911 5.39 22.40 0.46
N HIS A 912 5.92 23.46 -0.11
CA HIS A 912 6.02 24.73 0.60
C HIS A 912 5.67 25.86 -0.35
N ASN A 913 4.59 26.57 -0.03
CA ASN A 913 4.06 27.64 -0.87
C ASN A 913 3.67 27.09 -2.22
N GLY A 914 3.03 25.92 -2.23
CA GLY A 914 2.57 25.31 -3.46
C GLY A 914 3.67 24.69 -4.29
N VAL A 915 4.91 25.14 -4.11
CA VAL A 915 6.05 24.56 -4.79
C VAL A 915 6.30 23.20 -4.19
N TYR A 916 6.99 22.34 -4.90
CA TYR A 916 7.18 20.95 -4.52
C TYR A 916 8.66 20.68 -4.41
N TYR A 917 9.07 20.06 -3.31
CA TYR A 917 10.46 19.75 -3.04
C TYR A 917 10.61 18.25 -2.98
N PRO A 918 11.12 17.61 -4.02
CA PRO A 918 11.10 16.15 -4.07
C PRO A 918 12.25 15.50 -3.33
N ALA A 919 12.04 14.23 -3.03
CA ALA A 919 13.04 13.33 -2.49
C ALA A 919 13.47 12.35 -3.58
N SER A 920 13.71 12.89 -4.77
CA SER A 920 13.95 12.05 -5.95
C SER A 920 15.14 11.13 -5.75
N ILE A 921 16.24 11.65 -5.21
CA ILE A 921 17.43 10.82 -5.05
C ILE A 921 17.13 9.60 -4.20
N LYS A 922 16.29 9.75 -3.18
CA LYS A 922 15.92 8.62 -2.34
C LYS A 922 15.32 7.48 -3.15
N LYS A 923 14.61 7.80 -4.22
CA LYS A 923 13.92 6.78 -5.01
C LYS A 923 14.89 5.95 -5.82
N VAL A 924 16.13 6.43 -5.97
CA VAL A 924 17.02 5.90 -6.98
C VAL A 924 18.27 5.28 -6.37
N LEU A 925 18.30 5.09 -5.06
CA LEU A 925 19.50 4.61 -4.40
C LEU A 925 19.86 3.21 -4.87
N ARG A 926 18.87 2.34 -5.01
CA ARG A 926 19.15 0.96 -5.32
C ARG A 926 19.01 0.63 -6.81
N VAL A 927 19.32 1.58 -7.69
CA VAL A 927 19.37 1.32 -9.12
C VAL A 927 20.68 0.59 -9.44
N GLY A 928 20.58 -0.59 -10.03
CA GLY A 928 21.75 -1.41 -10.24
C GLY A 928 21.48 -2.51 -11.26
N PRO A 929 22.37 -3.48 -11.32
CA PRO A 929 22.30 -4.48 -12.40
C PRO A 929 21.00 -5.26 -12.53
N TRP A 930 20.59 -6.01 -11.52
CA TRP A 930 19.53 -7.01 -11.76
C TRP A 930 18.30 -6.73 -10.90
N ILE A 931 17.85 -5.49 -10.87
CA ILE A 931 16.84 -5.06 -9.91
C ILE A 931 15.45 -5.44 -10.40
N ASN A 932 14.62 -5.89 -9.47
CA ASN A 932 13.18 -6.02 -9.67
C ASN A 932 12.84 -7.03 -10.77
N THR A 933 13.56 -8.14 -10.79
CA THR A 933 13.34 -9.17 -11.79
C THR A 933 12.99 -10.48 -11.10
N ILE A 934 12.71 -11.49 -11.91
CA ILE A 934 12.58 -12.87 -11.46
C ILE A 934 13.53 -13.70 -12.30
N LEU A 935 14.42 -14.44 -11.64
CA LEU A 935 15.48 -15.17 -12.34
C LEU A 935 16.37 -14.24 -13.15
N ASP A 936 16.61 -13.04 -12.66
CA ASP A 936 17.56 -12.12 -13.26
C ASP A 936 17.21 -11.82 -14.71
N ASP A 937 15.93 -11.66 -15.01
CA ASP A 937 15.50 -11.40 -16.37
C ASP A 937 16.09 -10.10 -16.89
N PHE A 938 16.80 -10.20 -18.01
CA PHE A 938 17.52 -9.06 -18.55
C PHE A 938 16.60 -7.92 -18.97
N LYS A 939 15.39 -8.22 -19.42
CA LYS A 939 14.50 -7.19 -19.93
C LYS A 939 13.72 -6.49 -18.81
N VAL A 940 13.25 -7.25 -17.83
CA VAL A 940 12.59 -6.63 -16.69
C VAL A 940 13.56 -5.76 -15.90
N SER A 941 14.81 -6.19 -15.79
CA SER A 941 15.82 -5.36 -15.12
C SER A 941 16.01 -4.04 -15.85
N LEU A 942 16.11 -4.09 -17.18
CA LEU A 942 16.20 -2.87 -17.95
C LEU A 942 14.97 -1.99 -17.73
N GLU A 943 13.79 -2.62 -17.69
CA GLU A 943 12.56 -1.88 -17.50
C GLU A 943 12.56 -1.14 -16.17
N SER A 944 13.00 -1.81 -15.10
CA SER A 944 13.02 -1.17 -13.79
C SER A 944 14.11 -0.12 -13.67
N ILE A 945 15.29 -0.35 -14.24
CA ILE A 945 16.29 0.72 -14.29
C ILE A 945 15.70 1.96 -14.95
N GLY A 946 15.08 1.79 -16.11
CA GLY A 946 14.55 2.93 -16.84
C GLY A 946 13.41 3.61 -16.11
N SER A 947 12.54 2.81 -15.48
CA SER A 947 11.40 3.39 -14.79
C SER A 947 11.82 4.16 -13.54
N LEU A 948 12.65 3.54 -12.71
CA LEU A 948 13.14 4.22 -11.52
C LEU A 948 13.97 5.45 -11.87
N THR A 949 14.64 5.45 -13.01
CA THR A 949 15.56 6.53 -13.29
C THR A 949 14.89 7.79 -13.82
N GLN A 950 13.60 7.75 -14.16
CA GLN A 950 12.91 8.99 -14.54
C GLN A 950 12.16 9.62 -13.37
N GLU A 951 12.41 9.14 -12.15
CA GLU A 951 12.09 9.94 -10.97
C GLU A 951 13.02 11.14 -10.89
N LEU A 952 14.21 11.06 -11.49
CA LEU A 952 15.11 12.19 -11.57
C LEU A 952 14.67 13.18 -12.63
N GLU A 953 13.68 12.83 -13.44
CA GLU A 953 13.09 13.75 -14.40
C GLU A 953 11.69 14.16 -14.03
N TYR A 954 10.83 13.22 -13.69
CA TYR A 954 9.46 13.56 -13.34
C TYR A 954 9.37 14.37 -12.06
N ARG A 955 10.16 14.01 -11.04
CA ARG A 955 10.20 14.76 -9.79
C ARG A 955 11.44 15.63 -9.68
N GLY A 956 12.62 15.08 -9.94
CA GLY A 956 13.83 15.88 -9.90
C GLY A 956 13.85 16.98 -10.94
N GLU A 957 13.09 16.81 -12.02
CA GLU A 957 12.99 17.81 -13.08
C GLU A 957 14.31 18.00 -13.82
N SER A 958 15.13 16.97 -13.91
CA SER A 958 16.30 16.97 -14.78
C SER A 958 16.14 15.87 -15.80
N LEU A 959 15.90 16.24 -17.06
CA LEU A 959 15.91 15.28 -18.13
C LEU A 959 17.29 14.65 -18.29
N LEU A 960 18.32 15.50 -18.37
CA LEU A 960 19.64 15.02 -18.74
C LEU A 960 20.32 14.24 -17.62
N CYS A 961 20.17 14.65 -16.37
CA CYS A 961 20.67 13.87 -15.25
C CYS A 961 20.00 12.51 -15.15
N SER A 962 18.71 12.43 -15.43
CA SER A 962 18.04 11.14 -15.49
C SER A 962 18.61 10.30 -16.63
N LEU A 963 18.83 10.92 -17.78
CA LEU A 963 19.37 10.23 -18.94
C LEU A 963 20.74 9.63 -18.68
N ILE A 964 21.68 10.44 -18.19
CA ILE A 964 23.05 9.98 -18.01
C ILE A 964 23.14 8.90 -16.95
N PHE A 965 22.39 9.05 -15.88
CA PHE A 965 22.35 8.02 -14.83
C PHE A 965 21.71 6.72 -15.31
N ARG A 966 20.61 6.82 -16.06
CA ARG A 966 20.06 5.67 -16.75
C ARG A 966 21.09 4.97 -17.59
N ASN A 967 21.83 5.71 -18.40
CA ASN A 967 22.77 5.11 -19.32
C ASN A 967 23.98 4.54 -18.62
N VAL A 968 24.43 5.14 -17.52
CA VAL A 968 25.46 4.50 -16.70
C VAL A 968 24.99 3.11 -16.30
N TRP A 969 23.79 3.03 -15.72
CA TRP A 969 23.39 1.75 -15.15
C TRP A 969 22.82 0.80 -16.18
N LEU A 970 22.51 1.29 -17.39
CA LEU A 970 22.12 0.40 -18.48
C LEU A 970 23.35 -0.16 -19.16
N TYR A 971 24.29 0.72 -19.55
CA TYR A 971 25.55 0.26 -20.09
C TYR A 971 26.20 -0.74 -19.16
N ASN A 972 26.12 -0.54 -17.86
CA ASN A 972 26.72 -1.48 -16.93
C ASN A 972 26.08 -2.85 -17.01
N GLN A 973 24.75 -2.95 -17.11
CA GLN A 973 24.12 -4.25 -17.20
C GLN A 973 24.23 -4.90 -18.57
N ILE A 974 24.35 -4.11 -19.63
CA ILE A 974 24.50 -4.67 -20.96
C ILE A 974 25.94 -5.00 -21.28
N ALA A 975 26.86 -4.07 -21.05
CA ALA A 975 28.23 -4.23 -21.50
C ALA A 975 29.12 -4.91 -20.47
N LEU A 976 28.79 -4.84 -19.18
CA LEU A 976 29.69 -5.34 -18.15
C LEU A 976 29.13 -6.51 -17.36
N GLN A 977 27.90 -6.41 -16.90
CA GLN A 977 27.35 -7.45 -16.05
C GLN A 977 26.56 -8.50 -16.81
N LEU A 978 26.49 -8.41 -18.14
CA LEU A 978 25.70 -9.38 -18.89
C LEU A 978 26.41 -10.72 -19.02
N LYS A 979 27.74 -10.69 -19.14
CA LYS A 979 28.48 -11.95 -19.22
C LYS A 979 28.53 -12.69 -17.89
N ASN A 980 28.07 -12.08 -16.80
CA ASN A 980 28.13 -12.68 -15.48
C ASN A 980 26.80 -13.25 -15.03
N HIS A 981 25.84 -13.44 -15.93
CA HIS A 981 24.51 -13.88 -15.55
C HIS A 981 24.60 -15.16 -14.74
N ALA A 982 23.81 -15.26 -13.67
CA ALA A 982 23.95 -16.37 -12.75
C ALA A 982 23.48 -17.68 -13.37
N LEU A 983 22.52 -17.62 -14.29
CA LEU A 983 21.93 -18.82 -14.87
C LEU A 983 22.36 -19.06 -16.31
N CYS A 984 22.78 -18.01 -17.01
CA CYS A 984 23.02 -18.03 -18.44
C CYS A 984 24.42 -17.55 -18.81
N ASN A 985 25.47 -18.15 -18.25
CA ASN A 985 26.70 -17.44 -17.95
C ASN A 985 27.07 -16.35 -18.95
N ASN A 986 27.34 -16.69 -20.21
CA ASN A 986 27.59 -15.62 -21.18
C ASN A 986 26.72 -15.78 -22.41
N LYS A 987 25.81 -16.74 -22.39
CA LYS A 987 24.85 -16.91 -23.47
C LYS A 987 24.23 -15.58 -23.87
N LEU A 988 23.58 -14.92 -22.92
CA LEU A 988 22.95 -13.62 -23.18
C LEU A 988 23.94 -12.65 -23.78
N TYR A 989 25.20 -12.69 -23.34
CA TYR A 989 26.18 -11.75 -23.86
C TYR A 989 26.62 -12.09 -25.27
N LEU A 990 26.75 -13.38 -25.58
CA LEU A 990 27.07 -13.76 -26.96
C LEU A 990 25.94 -13.38 -27.90
N ASP A 991 24.69 -13.54 -27.45
CA ASP A 991 23.53 -13.07 -28.18
C ASP A 991 23.56 -11.56 -28.39
N ILE A 992 23.92 -10.78 -27.38
CA ILE A 992 24.05 -9.35 -27.59
C ILE A 992 25.13 -9.05 -28.60
N LEU A 993 26.26 -9.75 -28.55
CA LEU A 993 27.34 -9.46 -29.49
C LEU A 993 26.95 -9.76 -30.92
N LYS A 994 26.22 -10.84 -31.15
CA LYS A 994 25.75 -11.13 -32.50
C LYS A 994 24.60 -10.24 -32.93
N VAL A 995 23.74 -9.81 -32.00
CA VAL A 995 22.76 -8.78 -32.30
C VAL A 995 23.44 -7.49 -32.71
N LEU A 996 24.56 -7.15 -32.10
CA LEU A 996 25.32 -5.97 -32.46
C LEU A 996 26.06 -6.11 -33.77
N LYS A 997 26.56 -7.29 -34.10
CA LYS A 997 27.12 -7.51 -35.42
C LYS A 997 26.05 -7.29 -36.48
N HIS A 998 24.87 -7.87 -36.26
CA HIS A 998 23.73 -7.62 -37.14
C HIS A 998 23.47 -6.14 -37.31
N LEU A 999 23.35 -5.40 -36.21
CA LEU A 999 23.08 -3.97 -36.30
C LEU A 999 24.18 -3.25 -37.06
N LYS A 1000 25.42 -3.67 -36.86
CA LYS A 1000 26.53 -3.03 -37.53
C LYS A 1000 26.41 -3.18 -39.03
N THR A 1001 26.07 -4.39 -39.49
CA THR A 1001 25.97 -4.61 -40.93
C THR A 1001 24.67 -4.06 -41.52
N PHE A 1002 23.58 -4.07 -40.75
CA PHE A 1002 22.32 -3.54 -41.24
C PHE A 1002 22.41 -2.05 -41.50
N PHE A 1003 22.87 -1.28 -40.52
CA PHE A 1003 23.03 0.15 -40.67
C PHE A 1003 24.44 0.54 -41.08
N ASN A 1004 25.27 -0.44 -41.44
CA ASN A 1004 26.61 -0.16 -41.94
C ASN A 1004 27.34 0.79 -40.98
N LEU A 1005 27.50 0.29 -39.76
CA LEU A 1005 28.13 1.03 -38.67
C LEU A 1005 29.60 0.66 -38.60
N ASP A 1006 30.43 1.63 -38.23
CA ASP A 1006 31.88 1.47 -38.31
C ASP A 1006 32.45 0.63 -37.17
N ASN A 1007 31.70 0.37 -36.11
CA ASN A 1007 32.22 -0.35 -34.96
C ASN A 1007 31.10 -1.14 -34.33
N ILE A 1008 31.48 -2.14 -33.54
CA ILE A 1008 30.53 -2.81 -32.65
C ILE A 1008 30.33 -2.03 -31.36
N ASP A 1009 31.11 -0.97 -31.15
CA ASP A 1009 30.89 -0.02 -30.06
C ASP A 1009 29.83 1.01 -30.42
N THR A 1010 29.90 1.56 -31.62
CA THR A 1010 28.84 2.41 -32.13
C THR A 1010 27.57 1.63 -32.44
N ALA A 1011 27.64 0.30 -32.44
CA ALA A 1011 26.45 -0.52 -32.62
C ALA A 1011 25.75 -0.81 -31.33
N LEU A 1012 26.42 -0.61 -30.19
CA LEU A 1012 25.81 -0.70 -28.87
C LEU A 1012 25.17 0.61 -28.47
N THR A 1013 25.78 1.73 -28.86
CA THR A 1013 25.15 3.02 -28.70
C THR A 1013 23.79 3.04 -29.40
N LEU A 1014 23.66 2.32 -30.51
CA LEU A 1014 22.39 2.29 -31.23
C LEU A 1014 21.42 1.28 -30.61
N TYR A 1015 21.91 0.11 -30.23
CA TYR A 1015 21.04 -0.88 -29.62
C TYR A 1015 20.38 -0.36 -28.36
N MET A 1016 21.08 0.47 -27.59
CA MET A 1016 20.57 0.97 -26.33
C MET A 1016 19.79 2.25 -26.49
N ASN A 1017 19.56 2.68 -27.71
CA ASN A 1017 18.68 3.80 -27.99
C ASN A 1017 17.38 3.37 -28.65
N LEU A 1018 17.39 2.39 -29.52
CA LEU A 1018 16.14 2.06 -30.19
C LEU A 1018 15.24 1.24 -29.27
N PRO A 1019 13.93 1.35 -29.46
CA PRO A 1019 12.98 0.92 -28.43
C PRO A 1019 12.99 -0.58 -28.12
N MET A 1020 12.54 -0.89 -26.91
CA MET A 1020 12.45 -2.27 -26.47
C MET A 1020 11.32 -3.02 -27.15
N LEU A 1021 10.38 -2.29 -27.76
CA LEU A 1021 9.30 -2.94 -28.50
C LEU A 1021 9.85 -3.72 -29.68
N PHE A 1022 10.84 -3.15 -30.38
CA PHE A 1022 11.49 -3.80 -31.50
C PHE A 1022 12.66 -4.66 -31.07
N GLY A 1023 12.68 -5.12 -29.82
CA GLY A 1023 13.80 -5.90 -29.35
C GLY A 1023 15.04 -5.10 -29.06
N GLY A 1024 14.91 -3.79 -28.88
CA GLY A 1024 16.02 -2.94 -28.58
C GLY A 1024 16.35 -2.89 -27.10
N GLY A 1025 17.16 -1.89 -26.75
CA GLY A 1025 17.61 -1.71 -25.39
C GLY A 1025 17.10 -0.48 -24.68
N ASP A 1026 16.27 0.34 -25.31
CA ASP A 1026 15.81 1.58 -24.70
C ASP A 1026 14.54 1.33 -23.91
N PRO A 1027 14.57 1.40 -22.58
CA PRO A 1027 13.35 1.13 -21.82
C PRO A 1027 12.42 2.32 -21.73
N ASN A 1028 12.91 3.52 -21.98
CA ASN A 1028 12.14 4.75 -21.84
C ASN A 1028 12.03 5.38 -23.23
N LEU A 1029 10.83 5.28 -23.81
CA LEU A 1029 10.57 5.90 -25.10
C LEU A 1029 10.66 7.41 -25.00
N LEU A 1030 11.13 8.05 -26.06
CA LEU A 1030 11.45 9.45 -26.00
C LEU A 1030 10.22 10.32 -25.74
N TYR A 1031 9.03 9.76 -25.93
CA TYR A 1031 7.80 10.49 -25.69
C TYR A 1031 7.50 10.67 -24.22
N ARG A 1032 8.04 9.80 -23.37
CA ARG A 1032 7.77 9.87 -21.94
C ARG A 1032 8.54 11.01 -21.27
N SER A 1033 9.49 11.61 -21.95
CA SER A 1033 10.10 12.84 -21.46
C SER A 1033 9.19 14.04 -21.59
N PHE A 1034 8.03 13.90 -22.22
CA PHE A 1034 7.11 15.02 -22.43
C PHE A 1034 5.69 14.75 -21.95
N TYR A 1035 5.16 13.54 -22.10
CA TYR A 1035 3.89 13.21 -21.48
C TYR A 1035 3.92 11.75 -21.08
N ARG A 1036 3.26 11.43 -19.97
CA ARG A 1036 3.47 10.13 -19.37
C ARG A 1036 2.62 9.04 -19.99
N ARG A 1037 1.59 9.37 -20.77
CA ARG A 1037 0.65 8.37 -21.24
C ARG A 1037 0.45 8.50 -22.74
N THR A 1038 0.21 7.37 -23.40
CA THR A 1038 -0.18 7.38 -24.78
C THR A 1038 -1.15 6.24 -25.03
N PRO A 1039 -2.10 6.40 -25.94
CA PRO A 1039 -2.97 5.28 -26.30
C PRO A 1039 -2.31 4.26 -27.22
N ASP A 1040 -1.31 4.66 -28.02
CA ASP A 1040 -0.74 3.79 -29.05
C ASP A 1040 0.78 3.70 -28.87
N PHE A 1041 1.24 2.58 -28.32
CA PHE A 1041 2.68 2.41 -28.08
C PHE A 1041 3.47 2.19 -29.37
N LEU A 1042 2.87 1.59 -30.40
CA LEU A 1042 3.62 1.29 -31.62
C LEU A 1042 4.01 2.57 -32.34
N THR A 1043 3.11 3.54 -32.40
CA THR A 1043 3.46 4.79 -33.07
C THR A 1043 4.59 5.49 -32.33
N GLU A 1044 4.59 5.39 -31.00
CA GLU A 1044 5.66 6.00 -30.21
C GLU A 1044 6.96 5.27 -30.43
N ALA A 1045 6.93 3.94 -30.49
CA ALA A 1045 8.14 3.19 -30.78
C ALA A 1045 8.70 3.54 -32.16
N ILE A 1046 7.84 3.68 -33.16
CA ILE A 1046 8.31 3.97 -34.51
C ILE A 1046 8.83 5.39 -34.61
N VAL A 1047 8.17 6.34 -33.96
CA VAL A 1047 8.65 7.72 -33.96
C VAL A 1047 9.98 7.81 -33.23
N HIS A 1048 10.10 7.09 -32.11
CA HIS A 1048 11.35 7.01 -31.39
C HIS A 1048 12.47 6.51 -32.29
N SER A 1049 12.23 5.41 -32.99
CA SER A 1049 13.24 4.86 -33.89
C SER A 1049 13.62 5.85 -34.98
N VAL A 1050 12.64 6.56 -35.54
CA VAL A 1050 12.94 7.57 -36.56
C VAL A 1050 13.86 8.64 -35.99
N PHE A 1051 13.49 9.19 -34.83
CA PHE A 1051 14.24 10.26 -34.21
C PHE A 1051 15.66 9.83 -33.88
N ILE A 1052 15.79 8.62 -33.32
CA ILE A 1052 17.11 8.09 -32.98
C ILE A 1052 17.95 7.88 -34.23
N LEU A 1053 17.38 7.25 -35.24
CA LEU A 1053 18.12 7.01 -36.47
C LEU A 1053 18.55 8.29 -37.13
N SER A 1054 17.86 9.40 -36.88
CA SER A 1054 18.25 10.67 -37.46
C SER A 1054 19.68 11.07 -37.08
N TYR A 1055 20.17 10.56 -35.95
CA TYR A 1055 21.52 10.82 -35.48
C TYR A 1055 22.56 10.33 -36.48
N TYR A 1056 22.33 9.13 -37.03
CA TYR A 1056 23.25 8.55 -38.00
C TYR A 1056 22.91 8.99 -39.41
N THR A 1057 21.63 9.16 -39.71
CA THR A 1057 21.16 9.57 -41.02
C THR A 1057 21.15 11.09 -41.20
N ASN A 1058 21.35 11.84 -40.11
CA ASN A 1058 21.23 13.30 -40.10
C ASN A 1058 20.03 13.79 -40.90
N HIS A 1059 18.88 13.15 -40.71
CA HIS A 1059 17.61 13.77 -41.03
C HIS A 1059 17.33 14.90 -40.04
N ASP A 1060 16.51 15.86 -40.47
CA ASP A 1060 16.03 16.92 -39.59
C ASP A 1060 14.57 16.65 -39.22
N LEU A 1061 14.32 16.55 -37.92
CA LEU A 1061 13.00 16.22 -37.42
C LEU A 1061 12.03 17.38 -37.46
N LYS A 1062 12.52 18.62 -37.64
CA LYS A 1062 11.62 19.72 -37.89
C LYS A 1062 11.10 19.71 -39.32
N ASP A 1063 11.96 19.31 -40.27
CA ASP A 1063 11.55 19.27 -41.67
C ASP A 1063 10.79 17.99 -41.98
N LYS A 1064 9.96 18.05 -43.01
CA LYS A 1064 9.16 16.91 -43.43
C LYS A 1064 10.07 15.75 -43.83
N LEU A 1065 9.59 14.53 -43.65
CA LEU A 1065 10.36 13.38 -44.12
C LEU A 1065 10.67 13.53 -45.60
N GLN A 1066 11.91 13.22 -45.95
CA GLN A 1066 12.40 13.48 -47.29
C GLN A 1066 13.26 12.32 -47.75
N ASP A 1067 13.46 12.26 -49.07
CA ASP A 1067 14.49 11.40 -49.63
C ASP A 1067 15.87 11.94 -49.28
N LEU A 1068 16.75 11.03 -48.89
CA LEU A 1068 18.14 11.39 -48.63
C LEU A 1068 19.04 10.35 -49.29
N SER A 1069 20.27 10.75 -49.57
CA SER A 1069 21.22 9.88 -50.26
C SER A 1069 21.46 8.58 -49.54
N ASP A 1070 21.32 8.50 -48.21
CA ASP A 1070 21.44 7.25 -47.50
C ASP A 1070 20.07 6.82 -47.02
N ASP A 1071 19.80 5.53 -47.11
CA ASP A 1071 18.46 5.01 -46.97
C ASP A 1071 18.23 4.23 -45.68
N ARG A 1072 19.03 4.46 -44.66
CA ARG A 1072 18.94 3.64 -43.45
C ARG A 1072 17.58 3.74 -42.78
N LEU A 1073 16.95 4.91 -42.85
CA LEU A 1073 15.60 5.03 -42.31
C LEU A 1073 14.59 4.38 -43.23
N ASN A 1074 14.79 4.49 -44.55
CA ASN A 1074 13.96 3.74 -45.49
C ASN A 1074 14.07 2.24 -45.24
N LYS A 1075 15.29 1.73 -45.07
CA LYS A 1075 15.45 0.31 -44.78
C LYS A 1075 14.81 -0.07 -43.47
N PHE A 1076 14.95 0.77 -42.44
CA PHE A 1076 14.31 0.44 -41.18
C PHE A 1076 12.81 0.34 -41.34
N LEU A 1077 12.18 1.32 -41.99
CA LEU A 1077 10.73 1.33 -42.10
C LEU A 1077 10.25 0.19 -42.98
N THR A 1078 10.96 -0.10 -44.08
CA THR A 1078 10.58 -1.20 -44.94
C THR A 1078 10.62 -2.52 -44.22
N CYS A 1079 11.66 -2.80 -43.45
CA CYS A 1079 11.68 -4.02 -42.66
C CYS A 1079 10.57 -4.04 -41.61
N ILE A 1080 10.05 -2.87 -41.26
CA ILE A 1080 8.99 -2.79 -40.26
C ILE A 1080 7.64 -3.14 -40.88
N ILE A 1081 7.34 -2.58 -42.06
CA ILE A 1081 6.06 -2.80 -42.71
C ILE A 1081 6.02 -4.07 -43.55
N THR A 1082 7.17 -4.49 -44.07
CA THR A 1082 7.25 -5.66 -44.93
C THR A 1082 7.73 -6.84 -44.08
N PHE A 1083 6.90 -7.86 -43.96
CA PHE A 1083 7.26 -9.03 -43.17
C PHE A 1083 6.18 -10.09 -43.36
N ASP A 1084 6.55 -11.32 -43.02
CA ASP A 1084 5.65 -12.44 -43.24
C ASP A 1084 4.49 -12.40 -42.28
N LYS A 1085 3.30 -12.69 -42.81
CA LYS A 1085 2.09 -12.73 -42.02
C LYS A 1085 1.94 -14.10 -41.38
N ASN A 1086 1.76 -14.12 -40.08
CA ASN A 1086 1.56 -15.37 -39.37
C ASN A 1086 0.62 -15.16 -38.20
N PRO A 1087 -0.58 -14.65 -38.45
CA PRO A 1087 -1.52 -14.39 -37.35
C PRO A 1087 -2.00 -15.70 -36.72
N ASN A 1088 -2.00 -15.72 -35.40
CA ASN A 1088 -2.49 -16.87 -34.65
C ASN A 1088 -3.19 -16.37 -33.39
N ALA A 1089 -4.36 -16.96 -33.11
CA ALA A 1089 -5.17 -16.55 -31.97
C ALA A 1089 -5.31 -15.03 -31.93
N GLU A 1090 -5.90 -14.47 -32.98
CA GLU A 1090 -5.91 -13.03 -33.16
C GLU A 1090 -6.76 -12.35 -32.10
N PHE A 1091 -7.85 -12.98 -31.69
CA PHE A 1091 -8.88 -12.26 -30.95
C PHE A 1091 -8.69 -12.44 -29.45
N VAL A 1092 -8.38 -13.64 -29.01
CA VAL A 1092 -8.12 -13.88 -27.60
C VAL A 1092 -6.88 -13.12 -27.18
N THR A 1093 -6.01 -12.77 -28.14
CA THR A 1093 -4.80 -12.00 -27.86
C THR A 1093 -5.06 -10.50 -27.86
N LEU A 1094 -5.78 -9.99 -28.84
CA LEU A 1094 -6.20 -8.60 -28.81
C LEU A 1094 -7.10 -8.31 -27.62
N MET A 1095 -7.74 -9.32 -27.06
CA MET A 1095 -8.56 -9.11 -25.88
C MET A 1095 -7.70 -8.85 -24.67
N ARG A 1096 -6.74 -9.73 -24.39
CA ARG A 1096 -6.00 -9.60 -23.14
C ARG A 1096 -4.82 -8.63 -23.29
N ASP A 1097 -4.60 -8.09 -24.48
CA ASP A 1097 -3.70 -6.94 -24.66
C ASP A 1097 -4.12 -6.22 -25.94
N PRO A 1098 -5.07 -5.30 -25.84
CA PRO A 1098 -5.60 -4.65 -27.04
C PRO A 1098 -4.55 -3.95 -27.89
N GLN A 1099 -3.31 -3.89 -27.42
CA GLN A 1099 -2.23 -3.26 -28.17
C GLN A 1099 -1.19 -4.27 -28.61
N ALA A 1100 -1.52 -5.56 -28.57
CA ALA A 1100 -0.59 -6.59 -29.01
C ALA A 1100 -0.38 -6.51 -30.51
N LEU A 1101 0.80 -6.89 -30.97
CA LEU A 1101 1.12 -6.75 -32.38
C LEU A 1101 0.86 -8.01 -33.18
N GLY A 1102 1.34 -9.17 -32.73
CA GLY A 1102 1.08 -10.40 -33.47
C GLY A 1102 2.03 -10.66 -34.63
N SER A 1103 2.06 -11.91 -35.10
CA SER A 1103 3.02 -12.35 -36.12
C SER A 1103 4.44 -12.33 -35.58
N GLU A 1104 4.62 -12.54 -34.28
CA GLU A 1104 5.92 -12.51 -33.64
C GLU A 1104 6.66 -11.21 -33.93
N ARG A 1105 5.93 -10.11 -33.99
CA ARG A 1105 6.48 -8.81 -34.32
C ARG A 1105 6.75 -7.96 -33.10
N GLN A 1106 6.58 -8.52 -31.90
CA GLN A 1106 6.95 -7.83 -30.67
C GLN A 1106 7.49 -8.87 -29.70
N ALA A 1107 8.25 -8.38 -28.73
CA ALA A 1107 8.84 -9.25 -27.72
C ALA A 1107 7.76 -9.85 -26.83
N LYS A 1108 7.88 -11.13 -26.55
CA LYS A 1108 6.92 -11.73 -25.63
C LYS A 1108 7.28 -11.36 -24.21
N ILE A 1109 6.42 -11.75 -23.27
CA ILE A 1109 6.59 -11.40 -21.86
C ILE A 1109 6.34 -12.65 -21.04
N THR A 1110 6.71 -12.58 -19.76
CA THR A 1110 6.76 -13.76 -18.93
C THR A 1110 5.39 -14.42 -18.76
N SER A 1111 4.31 -13.62 -18.76
CA SER A 1111 2.99 -14.19 -18.57
C SER A 1111 2.62 -15.13 -19.71
N GLU A 1112 2.85 -14.70 -20.95
CA GLU A 1112 2.57 -15.56 -22.09
C GLU A 1112 3.46 -16.80 -22.10
N ILE A 1113 4.73 -16.63 -21.76
CA ILE A 1113 5.68 -17.73 -21.78
C ILE A 1113 5.32 -18.77 -20.75
N ASN A 1114 4.90 -18.33 -19.57
CA ASN A 1114 4.68 -19.22 -18.45
C ASN A 1114 3.23 -19.66 -18.32
N ARG A 1115 2.32 -19.12 -19.14
CA ARG A 1115 0.92 -19.46 -19.00
C ARG A 1115 0.66 -20.94 -19.22
N LEU A 1116 1.25 -21.54 -20.24
CA LEU A 1116 0.99 -22.93 -20.54
C LEU A 1116 1.61 -23.86 -19.50
N ALA A 1117 2.57 -23.39 -18.72
CA ALA A 1117 3.08 -24.16 -17.60
C ALA A 1117 2.26 -23.96 -16.34
N VAL A 1118 1.75 -22.74 -16.15
CA VAL A 1118 0.91 -22.46 -14.99
C VAL A 1118 -0.35 -23.32 -15.03
N THR A 1119 -0.96 -23.43 -16.20
CA THR A 1119 -2.18 -24.21 -16.32
C THR A 1119 -1.93 -25.69 -16.19
N GLU A 1120 -0.75 -26.17 -16.56
CA GLU A 1120 -0.42 -27.58 -16.40
C GLU A 1120 -0.03 -27.95 -14.99
N VAL A 1121 0.46 -27.00 -14.19
CA VAL A 1121 0.57 -27.29 -12.76
C VAL A 1121 -0.80 -27.15 -12.09
N LEU A 1122 -1.64 -26.21 -12.55
CA LEU A 1122 -2.95 -26.04 -11.96
C LEU A 1122 -3.88 -27.20 -12.29
N SER A 1123 -3.72 -27.81 -13.45
CA SER A 1123 -4.54 -28.95 -13.81
C SER A 1123 -4.39 -30.11 -12.85
N THR A 1124 -3.31 -30.13 -12.07
CA THR A 1124 -3.08 -31.17 -11.08
C THR A 1124 -3.41 -30.74 -9.67
N ALA A 1125 -3.87 -29.51 -9.47
CA ALA A 1125 -4.20 -29.02 -8.14
C ALA A 1125 -5.36 -29.84 -7.58
N PRO A 1126 -5.30 -30.26 -6.30
CA PRO A 1126 -6.44 -30.98 -5.73
C PRO A 1126 -7.71 -30.15 -5.65
N ASN A 1127 -7.62 -28.83 -5.64
CA ASN A 1127 -8.80 -27.98 -5.57
C ASN A 1127 -9.43 -27.87 -6.96
N LYS A 1128 -10.62 -28.44 -7.10
CA LYS A 1128 -11.22 -28.60 -8.42
C LYS A 1128 -11.59 -27.27 -9.07
N ILE A 1129 -11.75 -26.20 -8.30
CA ILE A 1129 -12.06 -24.91 -8.90
C ILE A 1129 -10.93 -24.47 -9.82
N PHE A 1130 -9.68 -24.69 -9.44
CA PHE A 1130 -8.55 -24.39 -10.31
C PHE A 1130 -8.23 -25.54 -11.25
N SER A 1131 -8.43 -26.78 -10.81
CA SER A 1131 -8.15 -27.92 -11.66
C SER A 1131 -8.97 -27.87 -12.94
N LYS A 1132 -10.30 -27.74 -12.81
CA LYS A 1132 -11.16 -27.78 -13.99
C LYS A 1132 -10.98 -26.54 -14.85
N SER A 1133 -10.79 -25.39 -14.22
CA SER A 1133 -10.50 -24.19 -14.98
C SER A 1133 -9.26 -24.37 -15.83
N ALA A 1134 -8.18 -24.87 -15.25
CA ALA A 1134 -6.93 -25.05 -15.98
C ALA A 1134 -7.02 -26.15 -17.01
N GLN A 1135 -7.82 -27.19 -16.76
CA GLN A 1135 -8.06 -28.22 -17.75
C GLN A 1135 -8.84 -27.74 -18.96
N HIS A 1136 -9.73 -26.76 -18.78
CA HIS A 1136 -10.50 -26.20 -19.89
C HIS A 1136 -9.90 -24.91 -20.42
N TYR A 1137 -8.76 -24.47 -19.88
CA TYR A 1137 -8.17 -23.20 -20.28
C TYR A 1137 -7.87 -23.11 -21.76
N THR A 1138 -7.20 -24.11 -22.34
CA THR A 1138 -6.85 -24.06 -23.76
C THR A 1138 -8.07 -24.08 -24.67
N THR A 1139 -9.05 -24.93 -24.38
CA THR A 1139 -10.29 -24.96 -25.13
C THR A 1139 -11.08 -23.67 -24.99
N THR A 1140 -11.05 -23.05 -23.82
CA THR A 1140 -11.80 -21.84 -23.58
C THR A 1140 -11.16 -20.64 -24.27
N GLU A 1141 -9.84 -20.61 -24.39
CA GLU A 1141 -9.25 -19.59 -25.23
C GLU A 1141 -9.38 -19.92 -26.71
N ILE A 1142 -9.64 -21.18 -27.06
CA ILE A 1142 -9.98 -21.51 -28.44
C ILE A 1142 -11.32 -20.94 -28.84
N ASP A 1143 -12.35 -21.07 -28.00
CA ASP A 1143 -13.68 -20.57 -28.33
C ASP A 1143 -13.89 -19.14 -27.87
N LEU A 1144 -13.18 -18.70 -26.84
CA LEU A 1144 -13.15 -17.28 -26.52
C LEU A 1144 -12.53 -16.52 -27.68
N ASN A 1145 -11.81 -17.20 -28.51
CA ASN A 1145 -11.31 -16.59 -29.72
C ASN A 1145 -12.34 -16.56 -30.83
N ASP A 1146 -13.30 -17.48 -30.82
CA ASP A 1146 -14.28 -17.57 -31.91
C ASP A 1146 -15.43 -16.60 -31.70
N ILE A 1147 -15.70 -16.20 -30.46
CA ILE A 1147 -16.87 -15.38 -30.14
C ILE A 1147 -16.97 -14.18 -31.07
N MET A 1148 -15.95 -13.33 -31.06
CA MET A 1148 -16.02 -12.05 -31.75
C MET A 1148 -15.36 -12.10 -33.12
N GLN A 1149 -15.10 -13.29 -33.65
CA GLN A 1149 -14.38 -13.48 -34.89
C GLN A 1149 -14.98 -12.71 -36.06
N ASN A 1150 -16.28 -12.83 -36.26
CA ASN A 1150 -16.94 -12.47 -37.51
C ASN A 1150 -17.48 -11.06 -37.51
N ILE A 1151 -16.95 -10.19 -36.65
CA ILE A 1151 -17.39 -8.80 -36.59
C ILE A 1151 -16.33 -8.01 -37.36
N GLU A 1152 -16.70 -7.60 -38.57
CA GLU A 1152 -15.79 -7.22 -39.64
C GLU A 1152 -14.85 -6.07 -39.28
N PRO A 1153 -15.32 -5.02 -38.59
CA PRO A 1153 -14.38 -4.04 -38.05
C PRO A 1153 -13.93 -4.47 -36.67
N THR A 1154 -12.64 -4.39 -36.36
CA THR A 1154 -12.14 -4.88 -35.09
C THR A 1154 -11.88 -3.72 -34.15
N TYR A 1155 -12.51 -3.76 -32.99
CA TYR A 1155 -12.28 -2.78 -31.93
C TYR A 1155 -11.64 -3.52 -30.77
N PRO A 1156 -10.30 -3.47 -30.63
CA PRO A 1156 -9.67 -4.26 -29.57
C PRO A 1156 -10.10 -3.89 -28.16
N HIS A 1157 -10.51 -2.64 -27.93
CA HIS A 1157 -10.97 -2.23 -26.60
C HIS A 1157 -12.39 -2.71 -26.32
N GLY A 1158 -13.26 -2.72 -27.32
CA GLY A 1158 -14.52 -3.41 -27.16
C GLY A 1158 -14.31 -4.89 -26.93
N LEU A 1159 -13.33 -5.47 -27.61
CA LEU A 1159 -12.94 -6.85 -27.35
C LEU A 1159 -12.48 -7.03 -25.92
N ARG A 1160 -11.77 -6.03 -25.38
CA ARG A 1160 -11.38 -6.03 -23.98
C ARG A 1160 -12.60 -6.06 -23.07
N VAL A 1161 -13.60 -5.23 -23.38
CA VAL A 1161 -14.80 -5.20 -22.55
C VAL A 1161 -15.52 -6.55 -22.60
N VAL A 1162 -15.65 -7.12 -23.80
CA VAL A 1162 -16.27 -8.44 -23.92
C VAL A 1162 -15.52 -9.44 -23.06
N TYR A 1163 -14.20 -9.37 -23.10
CA TYR A 1163 -13.33 -10.24 -22.33
C TYR A 1163 -13.59 -10.12 -20.84
N GLU A 1164 -13.66 -8.89 -20.33
CA GLU A 1164 -13.87 -8.66 -18.91
C GLU A 1164 -15.28 -9.01 -18.47
N SER A 1165 -16.24 -9.00 -19.39
CA SER A 1165 -17.60 -9.41 -19.06
C SER A 1165 -17.69 -10.91 -18.85
N LEU A 1166 -16.63 -11.65 -19.16
CA LEU A 1166 -16.69 -13.10 -19.14
C LEU A 1166 -15.88 -13.66 -17.97
N PRO A 1167 -16.23 -14.86 -17.49
CA PRO A 1167 -15.53 -15.41 -16.32
C PRO A 1167 -14.11 -15.88 -16.60
N PHE A 1168 -13.64 -15.80 -17.84
CA PHE A 1168 -12.25 -16.11 -18.14
C PHE A 1168 -11.32 -14.99 -17.71
N TYR A 1169 -11.79 -13.75 -17.77
CA TYR A 1169 -10.99 -12.63 -17.29
C TYR A 1169 -10.52 -12.86 -15.86
N LYS A 1170 -11.38 -13.41 -15.02
CA LYS A 1170 -11.04 -13.74 -13.63
C LYS A 1170 -10.35 -15.07 -13.50
N ALA A 1171 -10.60 -16.00 -14.41
CA ALA A 1171 -9.92 -17.28 -14.39
C ALA A 1171 -8.43 -17.10 -14.63
N GLU A 1172 -8.04 -16.19 -15.52
CA GLU A 1172 -6.64 -16.04 -15.86
C GLU A 1172 -5.98 -14.82 -15.22
N LYS A 1173 -6.66 -14.13 -14.31
CA LYS A 1173 -5.97 -13.30 -13.34
C LYS A 1173 -5.23 -14.11 -12.31
N ILE A 1174 -5.79 -15.26 -11.92
CA ILE A 1174 -5.09 -16.16 -11.03
C ILE A 1174 -3.93 -16.83 -11.73
N VAL A 1175 -4.06 -17.09 -13.03
CA VAL A 1175 -2.95 -17.63 -13.79
C VAL A 1175 -1.87 -16.58 -14.00
N ASN A 1176 -2.25 -15.36 -14.37
CA ASN A 1176 -1.25 -14.32 -14.55
C ASN A 1176 -0.48 -14.05 -13.28
N LEU A 1177 -1.11 -14.25 -12.12
CA LEU A 1177 -0.41 -14.05 -10.86
C LEU A 1177 0.57 -15.17 -10.58
N ILE A 1178 0.14 -16.42 -10.75
CA ILE A 1178 1.00 -17.55 -10.48
C ILE A 1178 2.17 -17.61 -11.44
N SER A 1179 2.03 -17.00 -12.62
CA SER A 1179 3.11 -17.04 -13.59
C SER A 1179 4.16 -15.97 -13.35
N GLY A 1180 3.99 -15.13 -12.34
CA GLY A 1180 4.99 -14.17 -11.95
C GLY A 1180 5.94 -14.69 -10.89
N THR A 1181 5.62 -15.80 -10.24
CA THR A 1181 6.51 -16.39 -9.26
C THR A 1181 7.74 -16.95 -9.94
N LYS A 1182 8.72 -17.33 -9.14
CA LYS A 1182 9.84 -18.11 -9.65
C LYS A 1182 9.62 -19.57 -9.28
N SER A 1183 10.05 -20.47 -10.16
CA SER A 1183 9.79 -21.89 -10.00
C SER A 1183 8.30 -22.18 -10.03
N ILE A 1184 7.65 -21.91 -11.16
CA ILE A 1184 6.24 -22.24 -11.29
C ILE A 1184 6.02 -23.73 -11.12
N THR A 1185 6.96 -24.55 -11.56
CA THR A 1185 6.76 -25.99 -11.54
C THR A 1185 6.71 -26.55 -10.11
N ASN A 1186 7.45 -25.96 -9.18
CA ASN A 1186 7.56 -26.51 -7.83
C ASN A 1186 6.52 -25.95 -6.88
N ILE A 1187 5.59 -25.12 -7.34
CA ILE A 1187 4.61 -24.45 -6.51
C ILE A 1187 3.94 -25.43 -5.57
N LEU A 1188 3.77 -26.68 -6.02
CA LEU A 1188 3.11 -27.72 -5.24
C LEU A 1188 4.11 -28.76 -4.75
N GLU A 1189 5.40 -28.41 -4.75
CA GLU A 1189 6.45 -29.37 -4.47
C GLU A 1189 7.16 -29.15 -3.14
N LYS A 1190 6.90 -28.02 -2.47
CA LYS A 1190 7.49 -27.73 -1.17
C LYS A 1190 9.00 -27.62 -1.24
N THR A 1191 9.50 -26.70 -2.06
CA THR A 1191 10.91 -26.37 -2.12
C THR A 1191 11.03 -24.91 -2.56
N SER A 1192 12.16 -24.31 -2.23
CA SER A 1192 12.51 -22.99 -2.74
C SER A 1192 13.41 -23.08 -3.96
N ALA A 1193 13.64 -24.30 -4.46
CA ALA A 1193 14.51 -24.52 -5.60
C ALA A 1193 13.77 -24.18 -6.89
N ILE A 1194 14.47 -23.53 -7.82
CA ILE A 1194 13.95 -23.29 -9.15
C ILE A 1194 14.18 -24.53 -9.99
N ASP A 1195 13.12 -25.05 -10.61
CA ASP A 1195 13.24 -26.22 -11.46
C ASP A 1195 14.03 -25.87 -12.71
N LEU A 1196 14.71 -26.87 -13.27
CA LEU A 1196 15.57 -26.61 -14.41
C LEU A 1196 14.76 -26.32 -15.67
N THR A 1197 13.55 -26.87 -15.77
CA THR A 1197 12.68 -26.51 -16.89
C THR A 1197 12.32 -25.04 -16.85
N ASP A 1198 12.06 -24.50 -15.66
CA ASP A 1198 11.83 -23.08 -15.52
C ASP A 1198 13.05 -22.26 -15.90
N ILE A 1199 14.25 -22.72 -15.53
CA ILE A 1199 15.46 -22.02 -15.95
C ILE A 1199 15.55 -22.01 -17.46
N ASP A 1200 15.30 -23.16 -18.11
CA ASP A 1200 15.43 -23.26 -19.56
C ASP A 1200 14.39 -22.40 -20.26
N ARG A 1201 13.17 -22.40 -19.75
CA ARG A 1201 12.14 -21.54 -20.32
C ARG A 1201 12.53 -20.08 -20.24
N ALA A 1202 13.02 -19.64 -19.07
CA ALA A 1202 13.44 -18.25 -18.93
C ALA A 1202 14.61 -17.94 -19.84
N THR A 1203 15.53 -18.89 -19.99
CA THR A 1203 16.71 -18.67 -20.82
C THR A 1203 16.33 -18.53 -22.29
N GLU A 1204 15.49 -19.43 -22.80
CA GLU A 1204 15.00 -19.30 -24.17
C GLU A 1204 14.27 -17.98 -24.35
N MET A 1205 13.41 -17.62 -23.41
CA MET A 1205 12.72 -16.35 -23.50
C MET A 1205 13.70 -15.21 -23.64
N MET A 1206 14.71 -15.17 -22.77
CA MET A 1206 15.64 -14.06 -22.79
C MET A 1206 16.42 -14.02 -24.09
N ARG A 1207 16.90 -15.17 -24.56
CA ARG A 1207 17.73 -15.16 -25.76
C ARG A 1207 16.93 -14.76 -26.98
N LYS A 1208 15.70 -15.26 -27.11
CA LYS A 1208 14.83 -14.82 -28.19
C LYS A 1208 14.57 -13.33 -28.10
N ASN A 1209 14.31 -12.81 -26.90
CA ASN A 1209 14.01 -11.40 -26.76
C ASN A 1209 15.21 -10.54 -27.14
N ILE A 1210 16.41 -10.97 -26.76
CA ILE A 1210 17.62 -10.23 -27.12
C ILE A 1210 17.78 -10.23 -28.63
N THR A 1211 17.61 -11.40 -29.26
CA THR A 1211 17.87 -11.51 -30.68
C THR A 1211 16.71 -11.04 -31.55
N LEU A 1212 15.61 -10.59 -30.95
CA LEU A 1212 14.45 -10.15 -31.72
C LEU A 1212 14.83 -9.16 -32.81
N LEU A 1213 15.77 -8.26 -32.52
CA LEU A 1213 16.13 -7.25 -33.49
C LEU A 1213 16.69 -7.85 -34.78
N ILE A 1214 17.26 -9.05 -34.76
CA ILE A 1214 17.73 -9.67 -35.99
C ILE A 1214 16.56 -10.09 -36.86
N ARG A 1215 15.50 -10.63 -36.24
CA ARG A 1215 14.33 -11.06 -36.99
C ARG A 1215 13.49 -9.87 -37.45
N ILE A 1216 13.28 -8.89 -36.58
CA ILE A 1216 12.50 -7.72 -36.95
C ILE A 1216 13.17 -6.93 -38.06
N LEU A 1217 14.48 -7.06 -38.24
CA LEU A 1217 15.22 -6.19 -39.13
C LEU A 1217 16.17 -6.98 -40.03
N PRO A 1218 15.67 -7.89 -40.86
CA PRO A 1218 16.58 -8.80 -41.57
C PRO A 1218 17.41 -8.06 -42.62
N LEU A 1219 18.60 -8.59 -42.87
CA LEU A 1219 19.49 -7.98 -43.86
C LEU A 1219 19.16 -8.40 -45.28
N ASP A 1220 18.36 -9.46 -45.46
CA ASP A 1220 18.22 -10.08 -46.75
C ASP A 1220 17.41 -9.20 -47.68
N CYS A 1221 17.97 -8.04 -48.02
CA CYS A 1221 17.31 -7.10 -48.92
C CYS A 1221 15.99 -6.61 -48.36
N ASN A 1222 15.81 -6.74 -47.04
CA ASN A 1222 14.57 -6.34 -46.39
C ASN A 1222 13.38 -7.10 -47.00
N ARG A 1223 13.55 -8.42 -47.07
CA ARG A 1223 12.54 -9.32 -47.62
C ARG A 1223 12.36 -9.09 -49.12
N ASP A 1224 13.46 -9.20 -49.85
CA ASP A 1224 13.47 -9.10 -51.31
C ASP A 1224 12.80 -7.84 -51.83
N LYS A 1225 12.69 -6.82 -50.98
CA LYS A 1225 12.18 -5.51 -51.40
C LYS A 1225 13.37 -4.71 -51.90
N ARG A 1226 13.78 -4.96 -53.14
CA ARG A 1226 14.85 -4.17 -53.73
C ARG A 1226 14.46 -2.72 -53.92
N GLU A 1227 13.16 -2.41 -53.96
CA GLU A 1227 12.68 -1.05 -53.86
C GLU A 1227 12.22 -0.82 -52.43
N ILE A 1228 12.90 0.08 -51.75
CA ILE A 1228 12.63 0.33 -50.34
C ILE A 1228 11.47 1.31 -50.23
N LEU A 1229 10.78 1.26 -49.09
CA LEU A 1229 9.66 2.16 -48.84
C LEU A 1229 10.05 3.62 -49.08
N SER A 1230 9.17 4.35 -49.76
CA SER A 1230 9.41 5.76 -50.02
C SER A 1230 8.93 6.61 -48.86
N MET A 1231 9.64 7.71 -48.60
CA MET A 1231 9.33 8.54 -47.44
C MET A 1231 8.66 9.86 -47.78
N GLU A 1232 8.50 10.18 -49.06
CA GLU A 1232 7.78 11.38 -49.44
C GLU A 1232 6.29 11.19 -49.18
N ASN A 1233 5.69 12.16 -48.48
CA ASN A 1233 4.28 12.15 -48.13
C ASN A 1233 3.90 10.95 -47.27
N LEU A 1234 4.84 10.43 -46.49
CA LEU A 1234 4.55 9.32 -45.59
C LEU A 1234 3.97 9.84 -44.28
N SER A 1235 2.99 9.13 -43.76
CA SER A 1235 2.42 9.40 -42.44
C SER A 1235 2.72 8.22 -41.54
N ILE A 1236 3.40 8.49 -40.42
CA ILE A 1236 3.84 7.42 -39.54
C ILE A 1236 2.67 6.71 -38.89
N THR A 1237 1.55 7.40 -38.69
CA THR A 1237 0.44 6.74 -38.01
C THR A 1237 -0.33 5.84 -38.96
N GLU A 1238 -0.40 6.20 -40.24
CA GLU A 1238 -0.90 5.27 -41.22
C GLU A 1238 0.00 4.05 -41.34
N LEU A 1239 1.31 4.27 -41.30
CA LEU A 1239 2.26 3.17 -41.27
C LEU A 1239 2.03 2.26 -40.06
N SER A 1240 1.79 2.85 -38.90
CA SER A 1240 1.54 2.07 -37.70
C SER A 1240 0.22 1.30 -37.79
N LYS A 1241 -0.83 1.97 -38.28
CA LYS A 1241 -2.07 1.31 -38.67
C LYS A 1241 -1.80 0.06 -39.50
N TYR A 1242 -1.06 0.24 -40.59
CA TYR A 1242 -0.77 -0.85 -41.51
C TYR A 1242 0.00 -1.96 -40.81
N VAL A 1243 1.00 -1.61 -40.02
CA VAL A 1243 1.80 -2.63 -39.36
C VAL A 1243 0.94 -3.45 -38.41
N ARG A 1244 0.05 -2.78 -37.68
CA ARG A 1244 -0.79 -3.50 -36.73
C ARG A 1244 -1.78 -4.40 -37.43
N GLU A 1245 -2.44 -3.91 -38.48
CA GLU A 1245 -3.39 -4.74 -39.21
C GLU A 1245 -2.69 -5.90 -39.90
N ARG A 1246 -1.66 -5.61 -40.67
CA ARG A 1246 -0.85 -6.64 -41.32
C ARG A 1246 -0.39 -7.69 -40.33
N SER A 1247 0.01 -7.28 -39.14
CA SER A 1247 0.47 -8.21 -38.13
C SER A 1247 -0.57 -9.25 -37.79
N TRP A 1248 -1.85 -8.96 -37.97
CA TRP A 1248 -2.93 -9.91 -37.75
C TRP A 1248 -3.62 -10.33 -39.04
N SER A 1249 -3.34 -9.65 -40.15
CA SER A 1249 -4.06 -9.81 -41.41
C SER A 1249 -5.41 -9.11 -41.38
N LEU A 1250 -5.80 -8.64 -40.20
CA LEU A 1250 -7.12 -8.06 -40.01
C LEU A 1250 -7.32 -6.89 -40.95
N SER A 1251 -8.40 -6.91 -41.72
CA SER A 1251 -8.64 -5.86 -42.69
C SER A 1251 -8.82 -4.50 -42.04
N ASN A 1252 -9.30 -4.47 -40.80
CA ASN A 1252 -9.62 -3.22 -40.13
C ASN A 1252 -9.42 -3.41 -38.64
N ILE A 1253 -8.72 -2.47 -38.02
CA ILE A 1253 -8.66 -2.36 -36.56
C ILE A 1253 -8.95 -0.92 -36.22
N VAL A 1254 -10.00 -0.69 -35.46
CA VAL A 1254 -10.43 0.67 -35.12
C VAL A 1254 -10.20 0.87 -33.64
N GLY A 1255 -10.11 2.14 -33.24
CA GLY A 1255 -9.69 2.42 -31.88
C GLY A 1255 -8.22 2.72 -31.81
N VAL A 1256 -7.43 1.68 -31.55
CA VAL A 1256 -6.09 1.78 -31.00
C VAL A 1256 -5.25 2.89 -31.63
N THR A 1257 -5.08 2.87 -32.94
CA THR A 1257 -4.10 3.74 -33.57
C THR A 1257 -4.35 5.20 -33.21
N SER A 1258 -3.32 5.89 -32.76
CA SER A 1258 -3.40 7.30 -32.47
C SER A 1258 -2.09 7.97 -32.89
N PRO A 1259 -2.10 9.20 -33.32
CA PRO A 1259 -0.83 9.85 -33.68
C PRO A 1259 0.14 9.92 -32.53
N SER A 1260 1.32 10.46 -32.81
CA SER A 1260 2.28 10.83 -31.78
C SER A 1260 2.25 12.34 -31.68
N ILE A 1261 2.12 12.87 -30.47
CA ILE A 1261 2.17 14.32 -30.31
C ILE A 1261 3.59 14.80 -30.58
N MET A 1262 4.58 14.04 -30.12
CA MET A 1262 5.98 14.36 -30.39
C MET A 1262 6.25 14.47 -31.88
N TYR A 1263 5.79 13.49 -32.65
CA TYR A 1263 5.99 13.56 -34.10
C TYR A 1263 5.02 14.54 -34.74
N THR A 1264 3.76 14.52 -34.31
CA THR A 1264 2.72 15.30 -35.00
C THR A 1264 3.01 16.78 -34.94
N MET A 1265 3.47 17.28 -33.79
CA MET A 1265 3.55 18.72 -33.57
C MET A 1265 4.93 19.24 -33.87
N ASP A 1266 5.00 20.28 -34.68
CA ASP A 1266 6.24 20.95 -35.02
C ASP A 1266 6.38 22.18 -34.14
N ILE A 1267 7.55 22.33 -33.52
CA ILE A 1267 7.70 23.30 -32.44
C ILE A 1267 8.14 24.64 -33.00
N LYS A 1268 7.42 25.70 -32.63
CA LYS A 1268 7.76 27.05 -33.04
C LYS A 1268 7.84 27.93 -31.80
N TYR A 1269 8.55 29.04 -31.95
CA TYR A 1269 8.77 29.96 -30.85
C TYR A 1269 8.29 31.37 -31.17
N THR A 1270 7.61 31.58 -32.29
CA THR A 1270 7.04 32.87 -32.65
C THR A 1270 5.77 32.63 -33.43
N THR A 1271 4.91 33.64 -33.49
CA THR A 1271 3.67 33.56 -34.26
C THR A 1271 3.87 34.27 -35.60
N SER A 1272 3.90 33.49 -36.68
CA SER A 1272 4.02 34.05 -38.02
C SER A 1272 2.62 34.22 -38.62
N THR A 1273 2.58 34.50 -39.92
CA THR A 1273 1.31 34.71 -40.60
C THR A 1273 0.40 33.49 -40.52
N ILE A 1274 0.98 32.30 -40.30
CA ILE A 1274 0.19 31.07 -40.24
C ILE A 1274 -0.91 31.19 -39.19
N SER A 1275 -0.57 31.70 -38.01
CA SER A 1275 -1.55 31.91 -36.95
C SER A 1275 -2.30 30.63 -36.61
N SER A 1276 -1.60 29.51 -36.59
CA SER A 1276 -2.18 28.21 -36.28
C SER A 1276 -1.50 27.60 -35.07
N GLY A 1277 -2.01 26.46 -34.64
CA GLY A 1277 -1.37 25.69 -33.60
C GLY A 1277 -1.83 26.04 -32.21
N ILE A 1278 -1.59 25.11 -31.30
CA ILE A 1278 -1.74 25.33 -29.87
C ILE A 1278 -0.71 26.36 -29.44
N ILE A 1279 -1.07 27.21 -28.49
CA ILE A 1279 -0.17 28.24 -27.97
C ILE A 1279 0.04 27.98 -26.49
N ILE A 1280 1.28 27.76 -26.09
CA ILE A 1280 1.61 27.59 -24.68
C ILE A 1280 2.40 28.83 -24.26
N GLU A 1281 1.91 29.54 -23.25
CA GLU A 1281 2.45 30.82 -22.83
C GLU A 1281 2.89 30.73 -21.39
N LYS A 1282 3.92 31.50 -21.05
CA LYS A 1282 4.43 31.58 -19.68
C LYS A 1282 3.77 32.75 -19.00
N TYR A 1283 3.11 32.50 -17.87
CA TYR A 1283 2.40 33.56 -17.18
C TYR A 1283 3.25 34.16 -16.06
N ASN A 1284 4.26 33.44 -15.59
CA ASN A 1284 5.25 34.01 -14.68
C ASN A 1284 5.88 35.25 -15.29
N VAL A 1285 6.59 36.03 -14.49
CA VAL A 1285 7.36 37.16 -14.97
C VAL A 1285 8.86 36.91 -14.93
N ASN A 1286 9.31 35.83 -14.30
CA ASN A 1286 10.74 35.54 -14.17
C ASN A 1286 11.12 34.46 -15.17
N SER A 1287 12.29 34.64 -15.80
CA SER A 1287 12.69 33.78 -16.91
C SER A 1287 12.75 32.31 -16.51
N LEU A 1288 13.15 32.03 -15.28
CA LEU A 1288 13.26 30.65 -14.86
C LEU A 1288 12.09 30.29 -13.96
N THR A 1289 11.32 29.30 -14.36
CA THR A 1289 10.16 28.90 -13.58
C THR A 1289 10.29 27.54 -12.92
N ARG A 1290 11.47 26.95 -12.85
CA ARG A 1290 11.60 25.72 -12.09
C ARG A 1290 11.60 26.01 -10.59
N GLY A 1291 10.81 25.24 -9.85
CA GLY A 1291 10.64 25.50 -8.45
C GLY A 1291 9.95 26.80 -8.13
N GLU A 1292 8.99 27.21 -8.96
CA GLU A 1292 8.12 28.35 -8.70
C GLU A 1292 6.67 27.87 -8.74
N ARG A 1293 5.75 28.79 -8.52
CA ARG A 1293 4.33 28.56 -8.76
C ARG A 1293 3.80 29.69 -9.61
N GLY A 1294 2.66 29.44 -10.22
CA GLY A 1294 2.04 30.41 -11.08
C GLY A 1294 0.55 30.52 -10.84
N PRO A 1295 -0.07 31.51 -11.48
CA PRO A 1295 -1.51 31.72 -11.25
C PRO A 1295 -2.36 30.57 -11.72
N THR A 1296 -1.98 29.93 -12.81
CA THR A 1296 -2.83 28.98 -13.50
C THR A 1296 -3.21 27.81 -12.57
N LYS A 1297 -4.33 27.17 -12.88
CA LYS A 1297 -4.74 25.96 -12.20
C LYS A 1297 -3.87 24.80 -12.65
N PRO A 1298 -3.55 23.85 -11.77
CA PRO A 1298 -2.73 22.72 -12.18
C PRO A 1298 -3.39 21.94 -13.29
N TRP A 1299 -2.55 21.40 -14.18
CA TRP A 1299 -3.02 20.61 -15.32
C TRP A 1299 -2.93 19.14 -14.92
N VAL A 1300 -4.03 18.60 -14.45
CA VAL A 1300 -4.29 17.17 -14.48
C VAL A 1300 -4.98 16.90 -15.79
N GLY A 1301 -4.42 16.01 -16.61
CA GLY A 1301 -5.04 15.74 -17.87
C GLY A 1301 -6.10 14.68 -17.72
N SER A 1302 -7.34 15.10 -17.50
CA SER A 1302 -8.42 14.17 -17.23
C SER A 1302 -9.20 13.95 -18.51
N SER A 1303 -9.61 12.70 -18.71
CA SER A 1303 -10.37 12.29 -19.88
C SER A 1303 -11.78 12.83 -19.74
N THR A 1304 -12.30 13.44 -20.80
CA THR A 1304 -13.69 13.87 -20.80
C THR A 1304 -14.58 12.67 -20.51
N GLN A 1305 -15.56 12.87 -19.62
CA GLN A 1305 -16.21 11.75 -18.98
C GLN A 1305 -17.09 10.99 -19.97
N GLU A 1306 -17.57 9.83 -19.50
CA GLU A 1306 -18.47 8.97 -20.26
C GLU A 1306 -19.91 9.34 -19.91
N LYS A 1307 -20.50 10.13 -20.79
CA LYS A 1307 -21.77 10.79 -20.52
C LYS A 1307 -22.93 9.79 -20.57
N LYS A 1308 -23.51 9.51 -19.41
CA LYS A 1308 -24.53 8.48 -19.32
C LYS A 1308 -25.59 8.89 -18.32
N THR A 1309 -26.74 8.22 -18.39
CA THR A 1309 -27.83 8.43 -17.46
C THR A 1309 -27.91 7.22 -16.54
N MET A 1310 -27.78 7.45 -15.25
CA MET A 1310 -27.87 6.38 -14.28
C MET A 1310 -29.35 6.16 -13.92
N PRO A 1311 -29.88 4.95 -14.05
CA PRO A 1311 -31.29 4.73 -13.73
C PRO A 1311 -31.54 4.68 -12.24
N VAL A 1312 -32.81 4.72 -11.89
CA VAL A 1312 -33.21 4.82 -10.48
C VAL A 1312 -33.53 3.42 -9.96
N TYR A 1313 -32.76 2.99 -8.96
CA TYR A 1313 -33.04 1.77 -8.23
C TYR A 1313 -32.13 1.74 -7.02
N ASN A 1314 -32.23 0.69 -6.23
CA ASN A 1314 -31.53 0.61 -4.96
C ASN A 1314 -30.13 0.02 -5.12
N ARG A 1315 -29.14 0.86 -5.40
CA ARG A 1315 -27.79 0.38 -5.68
C ARG A 1315 -27.29 -0.57 -4.60
N GLN A 1316 -27.55 -0.24 -3.34
CA GLN A 1316 -26.94 -0.95 -2.23
C GLN A 1316 -27.45 -2.38 -2.13
N VAL A 1317 -28.46 -2.73 -2.91
CA VAL A 1317 -29.01 -4.07 -2.90
C VAL A 1317 -28.07 -5.02 -3.63
N LEU A 1318 -27.26 -4.48 -4.55
CA LEU A 1318 -26.32 -5.27 -5.34
C LEU A 1318 -24.92 -5.10 -4.79
N THR A 1319 -24.19 -6.22 -4.68
CA THR A 1319 -22.80 -6.17 -4.25
C THR A 1319 -21.97 -5.53 -5.35
N LYS A 1320 -20.83 -4.95 -4.98
CA LYS A 1320 -20.04 -4.20 -5.94
C LYS A 1320 -19.59 -5.08 -7.10
N LYS A 1321 -19.50 -6.39 -6.87
CA LYS A 1321 -19.13 -7.33 -7.92
C LYS A 1321 -20.36 -7.72 -8.71
N GLN A 1322 -21.43 -6.94 -8.59
CA GLN A 1322 -22.62 -7.10 -9.41
C GLN A 1322 -22.84 -5.80 -10.15
N ARG A 1323 -22.45 -4.70 -9.51
CA ARG A 1323 -22.68 -3.37 -10.03
C ARG A 1323 -21.76 -3.01 -11.20
N ASP A 1324 -20.56 -3.58 -11.24
CA ASP A 1324 -19.65 -3.36 -12.35
C ASP A 1324 -19.74 -4.46 -13.40
N GLN A 1325 -20.42 -5.57 -13.10
CA GLN A 1325 -20.86 -6.51 -14.12
C GLN A 1325 -22.03 -5.98 -14.94
N ILE A 1326 -22.80 -5.05 -14.38
CA ILE A 1326 -23.83 -4.35 -15.13
C ILE A 1326 -23.24 -3.24 -15.97
N ASP A 1327 -22.33 -2.46 -15.41
CA ASP A 1327 -21.67 -1.41 -16.18
C ASP A 1327 -20.82 -1.96 -17.31
N LEU A 1328 -20.42 -3.22 -17.25
CA LEU A 1328 -19.75 -3.86 -18.37
C LEU A 1328 -20.75 -4.25 -19.45
N LEU A 1329 -21.79 -4.99 -19.06
CA LEU A 1329 -22.84 -5.36 -20.00
C LEU A 1329 -23.52 -4.15 -20.60
N ALA A 1330 -23.63 -3.06 -19.85
CA ALA A 1330 -24.18 -1.84 -20.41
C ALA A 1330 -23.22 -1.24 -21.42
N LYS A 1331 -21.92 -1.30 -21.15
CA LYS A 1331 -20.94 -0.83 -22.11
C LYS A 1331 -20.99 -1.64 -23.40
N LEU A 1332 -21.26 -2.94 -23.31
CA LEU A 1332 -21.44 -3.76 -24.50
C LEU A 1332 -22.74 -3.45 -25.23
N ASP A 1333 -23.83 -3.18 -24.51
CA ASP A 1333 -25.02 -2.61 -25.13
C ASP A 1333 -24.65 -1.39 -25.94
N TRP A 1334 -23.74 -0.57 -25.42
CA TRP A 1334 -23.35 0.66 -26.09
C TRP A 1334 -22.51 0.39 -27.33
N VAL A 1335 -21.42 -0.36 -27.18
CA VAL A 1335 -20.44 -0.51 -28.25
C VAL A 1335 -21.01 -1.34 -29.39
N TYR A 1336 -21.68 -2.44 -29.05
CA TYR A 1336 -22.07 -3.45 -30.03
C TYR A 1336 -23.56 -3.53 -30.25
N ALA A 1337 -24.26 -2.41 -30.16
CA ALA A 1337 -25.69 -2.43 -30.40
C ALA A 1337 -25.99 -2.73 -31.87
N SER A 1338 -25.05 -2.47 -32.76
CA SER A 1338 -25.29 -2.58 -34.20
C SER A 1338 -25.03 -3.97 -34.76
N ILE A 1339 -24.50 -4.90 -33.96
CA ILE A 1339 -24.25 -6.22 -34.52
C ILE A 1339 -25.58 -6.92 -34.80
N ASP A 1340 -25.56 -7.81 -35.78
CA ASP A 1340 -26.79 -8.41 -36.26
C ASP A 1340 -27.44 -9.31 -35.23
N ASN A 1341 -26.73 -9.62 -34.15
CA ASN A 1341 -27.07 -10.72 -33.26
C ASN A 1341 -27.31 -10.18 -31.86
N LYS A 1342 -27.53 -8.87 -31.74
CA LYS A 1342 -27.44 -8.23 -30.44
C LYS A 1342 -28.46 -8.77 -29.45
N ASP A 1343 -29.70 -8.96 -29.90
CA ASP A 1343 -30.71 -9.47 -28.97
C ASP A 1343 -30.24 -10.77 -28.33
N GLU A 1344 -29.85 -11.75 -29.15
CA GLU A 1344 -29.29 -12.99 -28.61
C GLU A 1344 -28.00 -12.73 -27.86
N PHE A 1345 -27.18 -11.81 -28.37
CA PHE A 1345 -25.89 -11.54 -27.73
C PHE A 1345 -26.07 -11.17 -26.28
N MET A 1346 -26.76 -10.07 -26.01
CA MET A 1346 -26.93 -9.63 -24.63
C MET A 1346 -27.97 -10.45 -23.89
N GLU A 1347 -28.77 -11.26 -24.59
CA GLU A 1347 -29.65 -12.19 -23.90
C GLU A 1347 -28.84 -13.32 -23.25
N GLU A 1348 -28.04 -14.03 -24.03
CA GLU A 1348 -27.18 -15.07 -23.47
C GLU A 1348 -26.12 -14.51 -22.55
N LEU A 1349 -25.61 -13.31 -22.84
CA LEU A 1349 -24.57 -12.68 -22.04
C LEU A 1349 -25.10 -12.05 -20.77
N SER A 1350 -26.39 -11.75 -20.69
CA SER A 1350 -27.03 -11.25 -19.48
C SER A 1350 -27.54 -12.36 -18.58
N ILE A 1351 -28.16 -13.41 -19.14
CA ILE A 1351 -28.53 -14.57 -18.35
C ILE A 1351 -27.32 -15.35 -17.83
N GLY A 1352 -26.26 -15.44 -18.62
CA GLY A 1352 -25.11 -16.22 -18.22
C GLY A 1352 -24.41 -15.65 -17.02
N THR A 1353 -24.24 -14.33 -17.00
CA THR A 1353 -23.48 -13.68 -15.94
C THR A 1353 -24.39 -13.20 -14.80
N LEU A 1354 -25.37 -12.34 -15.13
CA LEU A 1354 -26.21 -11.73 -14.11
C LEU A 1354 -27.26 -12.70 -13.59
N GLY A 1355 -27.84 -13.51 -14.46
CA GLY A 1355 -28.95 -14.36 -14.09
C GLY A 1355 -30.30 -13.76 -14.41
N LEU A 1356 -30.36 -12.45 -14.70
CA LEU A 1356 -31.58 -11.81 -15.16
C LEU A 1356 -31.76 -12.14 -16.62
N THR A 1357 -32.79 -11.60 -17.29
CA THR A 1357 -32.91 -11.86 -18.72
C THR A 1357 -33.12 -10.61 -19.54
N TYR A 1358 -32.08 -9.80 -19.69
CA TYR A 1358 -31.95 -8.75 -20.69
C TYR A 1358 -33.14 -7.80 -20.85
N GLU A 1359 -34.24 -8.06 -20.17
CA GLU A 1359 -35.30 -7.06 -20.07
C GLU A 1359 -35.50 -6.67 -18.64
N LYS A 1360 -35.29 -7.60 -17.72
CA LYS A 1360 -35.12 -7.30 -16.33
C LYS A 1360 -33.76 -6.68 -16.04
N ALA A 1361 -32.79 -6.84 -16.94
CA ALA A 1361 -31.45 -6.31 -16.79
C ALA A 1361 -31.27 -4.98 -17.52
N LYS A 1362 -31.96 -4.80 -18.63
CA LYS A 1362 -31.87 -3.55 -19.37
C LYS A 1362 -32.32 -2.39 -18.49
N LYS A 1363 -33.14 -2.70 -17.49
CA LYS A 1363 -33.65 -1.67 -16.60
C LYS A 1363 -32.52 -1.04 -15.79
N LEU A 1364 -31.51 -1.83 -15.42
CA LEU A 1364 -30.41 -1.35 -14.60
C LEU A 1364 -29.26 -0.78 -15.40
N PHE A 1365 -29.18 -1.09 -16.69
CA PHE A 1365 -28.07 -0.63 -17.51
C PHE A 1365 -28.09 0.88 -17.59
N PRO A 1366 -26.99 1.57 -17.27
CA PRO A 1366 -26.90 2.99 -17.62
C PRO A 1366 -26.99 3.16 -19.12
N GLN A 1367 -27.69 4.19 -19.55
CA GLN A 1367 -27.92 4.46 -20.95
C GLN A 1367 -26.98 5.57 -21.40
N TYR A 1368 -26.12 5.26 -22.36
CA TYR A 1368 -25.03 6.13 -22.75
C TYR A 1368 -25.56 7.16 -23.73
N LEU A 1369 -25.40 8.43 -23.37
CA LEU A 1369 -25.73 9.53 -24.26
C LEU A 1369 -24.59 9.85 -25.22
N SER A 1370 -23.41 9.29 -24.99
CA SER A 1370 -22.27 9.52 -25.86
C SER A 1370 -22.39 8.63 -27.09
N VAL A 1371 -22.32 9.27 -28.26
CA VAL A 1371 -22.43 8.53 -29.52
C VAL A 1371 -21.16 7.72 -29.78
N ASN A 1372 -20.00 8.31 -29.54
CA ASN A 1372 -18.72 7.73 -29.93
C ASN A 1372 -18.11 7.00 -28.74
N TYR A 1373 -18.12 5.66 -28.82
CA TYR A 1373 -17.37 4.85 -27.85
C TYR A 1373 -15.89 4.83 -28.16
N LEU A 1374 -15.50 5.02 -29.42
CA LEU A 1374 -14.10 5.08 -29.76
C LEU A 1374 -13.39 6.17 -28.97
N HIS A 1375 -14.09 7.28 -28.71
CA HIS A 1375 -13.53 8.42 -28.01
C HIS A 1375 -13.75 8.37 -26.51
N ARG A 1376 -14.74 7.62 -26.04
CA ARG A 1376 -15.25 7.77 -24.67
C ARG A 1376 -15.32 6.49 -23.88
N LEU A 1377 -15.08 5.34 -24.50
CA LEU A 1377 -15.11 4.10 -23.74
C LEU A 1377 -14.06 4.15 -22.65
N THR A 1378 -14.46 3.86 -21.43
CA THR A 1378 -13.53 3.68 -20.33
C THR A 1378 -13.40 2.19 -20.07
N VAL A 1379 -12.17 1.69 -20.11
CA VAL A 1379 -11.91 0.28 -19.94
C VAL A 1379 -10.50 0.12 -19.42
N SER A 1380 -10.22 -0.99 -18.76
CA SER A 1380 -8.92 -1.27 -18.17
C SER A 1380 -7.78 -0.83 -19.07
N SER A 1381 -7.90 -1.10 -20.37
CA SER A 1381 -6.81 -0.99 -21.32
C SER A 1381 -6.54 0.42 -21.79
N ARG A 1382 -7.32 1.41 -21.38
CA ARG A 1382 -7.22 2.75 -21.92
C ARG A 1382 -6.80 3.73 -20.83
N PRO A 1383 -5.95 4.71 -21.14
CA PRO A 1383 -5.53 5.68 -20.10
C PRO A 1383 -6.73 6.42 -19.51
N CYS A 1384 -6.73 6.53 -18.18
CA CYS A 1384 -7.76 7.32 -17.51
C CYS A 1384 -7.44 8.81 -17.55
N GLU A 1385 -6.17 9.15 -17.54
CA GLU A 1385 -5.74 10.55 -17.53
C GLU A 1385 -4.45 10.68 -18.32
N PHE A 1386 -4.10 11.91 -18.68
CA PHE A 1386 -3.01 12.20 -19.61
C PHE A 1386 -2.10 13.30 -19.07
N PRO A 1387 -1.35 13.01 -18.02
CA PRO A 1387 -0.52 14.04 -17.38
C PRO A 1387 0.71 14.38 -18.20
N ALA A 1388 1.32 15.52 -17.87
CA ALA A 1388 2.58 15.89 -18.48
C ALA A 1388 3.73 15.24 -17.72
N SER A 1389 4.93 15.26 -18.32
CA SER A 1389 6.15 14.86 -17.63
C SER A 1389 6.74 16.07 -16.91
N ILE A 1390 6.08 16.43 -15.83
CA ILE A 1390 6.24 17.73 -15.20
C ILE A 1390 5.57 17.57 -13.84
N PRO A 1391 6.20 17.95 -12.73
CA PRO A 1391 5.47 17.93 -11.46
C PRO A 1391 4.28 18.87 -11.53
N ALA A 1392 3.18 18.47 -10.89
CA ALA A 1392 1.92 19.18 -11.06
C ALA A 1392 2.07 20.67 -10.81
N TYR A 1393 2.75 21.05 -9.72
CA TYR A 1393 2.86 22.46 -9.38
C TYR A 1393 3.33 23.29 -10.55
N ARG A 1394 4.29 22.78 -11.32
CA ARG A 1394 4.88 23.58 -12.35
C ARG A 1394 3.93 23.88 -13.51
N THR A 1395 2.96 22.99 -13.74
CA THR A 1395 1.97 23.27 -14.77
C THR A 1395 1.27 24.59 -14.51
N THR A 1396 1.20 25.01 -13.25
CA THR A 1396 0.51 26.23 -12.90
C THR A 1396 1.21 27.47 -13.41
N ASN A 1397 2.33 27.35 -14.12
CA ASN A 1397 3.00 28.51 -14.67
C ASN A 1397 2.59 28.88 -16.08
N TYR A 1398 1.93 27.97 -16.81
CA TYR A 1398 1.70 28.16 -18.24
C TYR A 1398 0.22 28.13 -18.55
N HIS A 1399 -0.14 28.94 -19.54
CA HIS A 1399 -1.50 29.08 -20.05
C HIS A 1399 -1.51 28.53 -21.47
N PHE A 1400 -2.40 27.58 -21.74
CA PHE A 1400 -2.51 26.98 -23.07
C PHE A 1400 -3.79 27.39 -23.77
N ASP A 1401 -3.66 27.77 -25.03
CA ASP A 1401 -4.77 28.13 -25.90
C ASP A 1401 -4.84 27.14 -27.04
N THR A 1402 -5.90 26.34 -27.07
CA THR A 1402 -6.18 25.41 -28.15
C THR A 1402 -7.15 25.98 -29.18
N SER A 1403 -7.47 27.25 -29.10
CA SER A 1403 -8.44 27.87 -29.98
C SER A 1403 -8.03 27.80 -31.45
N PRO A 1404 -6.79 28.16 -31.81
CA PRO A 1404 -6.43 28.19 -33.23
C PRO A 1404 -6.44 26.84 -33.92
N ILE A 1405 -6.41 25.74 -33.19
CA ILE A 1405 -6.39 24.42 -33.81
C ILE A 1405 -7.80 23.86 -33.89
N ASN A 1406 -8.72 24.36 -33.08
CA ASN A 1406 -10.12 23.98 -33.23
C ASN A 1406 -10.73 24.64 -34.46
N ARG A 1407 -10.16 25.77 -34.89
CA ARG A 1407 -10.59 26.39 -36.13
C ARG A 1407 -10.18 25.58 -37.35
N ILE A 1408 -8.99 25.00 -37.33
CA ILE A 1408 -8.50 24.19 -38.43
C ILE A 1408 -9.05 22.77 -38.36
N LEU A 1409 -9.08 22.19 -37.18
CA LEU A 1409 -9.61 20.85 -37.03
C LEU A 1409 -11.13 20.81 -37.14
N THR A 1410 -11.79 21.98 -37.17
CA THR A 1410 -13.24 22.02 -37.34
C THR A 1410 -13.59 22.15 -38.81
N GLU A 1411 -13.03 23.12 -39.51
CA GLU A 1411 -13.42 23.38 -40.88
C GLU A 1411 -12.98 22.25 -41.81
N LYS A 1412 -12.31 21.23 -41.27
CA LYS A 1412 -11.89 20.10 -42.09
C LYS A 1412 -12.62 18.84 -41.67
N TYR A 1413 -12.71 18.58 -40.37
CA TYR A 1413 -13.45 17.44 -39.84
C TYR A 1413 -14.77 17.85 -39.19
N GLY A 1414 -15.16 19.11 -39.33
CA GLY A 1414 -16.45 19.54 -38.84
C GLY A 1414 -16.54 19.47 -37.33
N ASP A 1415 -17.40 18.60 -36.84
CA ASP A 1415 -17.49 18.35 -35.41
C ASP A 1415 -17.46 16.85 -35.16
N GLU A 1416 -16.83 16.13 -36.06
CA GLU A 1416 -16.63 14.69 -35.94
C GLU A 1416 -15.43 14.42 -35.03
N ASP A 1417 -15.44 13.27 -34.38
CA ASP A 1417 -14.33 12.90 -33.52
C ASP A 1417 -13.15 12.47 -34.36
N ILE A 1418 -12.00 13.09 -34.13
CA ILE A 1418 -10.79 12.79 -34.89
C ILE A 1418 -9.86 11.98 -34.02
N ASP A 1419 -8.76 11.52 -34.58
CA ASP A 1419 -7.88 10.58 -33.91
C ASP A 1419 -6.59 11.32 -33.60
N ILE A 1420 -6.61 12.13 -32.55
CA ILE A 1420 -5.44 12.68 -31.90
C ILE A 1420 -5.86 13.06 -30.48
N VAL A 1421 -5.23 12.46 -29.48
CA VAL A 1421 -5.66 12.73 -28.11
C VAL A 1421 -5.52 14.21 -27.82
N PHE A 1422 -6.59 14.83 -27.34
CA PHE A 1422 -6.58 16.27 -27.09
C PHE A 1422 -5.70 16.60 -25.88
N GLN A 1423 -5.86 15.86 -24.79
CA GLN A 1423 -5.08 16.11 -23.58
C GLN A 1423 -3.59 16.09 -23.86
N ASN A 1424 -3.11 15.09 -24.60
CA ASN A 1424 -1.68 14.92 -24.77
C ASN A 1424 -1.05 16.06 -25.55
N CYS A 1425 -1.80 16.80 -26.35
CA CYS A 1425 -1.22 17.98 -26.98
C CYS A 1425 -0.84 19.02 -25.94
N ILE A 1426 -1.74 19.26 -24.98
CA ILE A 1426 -1.47 20.20 -23.90
C ILE A 1426 -0.36 19.66 -23.00
N SER A 1427 -0.43 18.38 -22.65
CA SER A 1427 0.66 17.79 -21.88
C SER A 1427 2.00 17.98 -22.57
N PHE A 1428 2.05 17.74 -23.88
CA PHE A 1428 3.29 17.91 -24.63
C PHE A 1428 3.78 19.33 -24.57
N GLY A 1429 2.90 20.31 -24.79
CA GLY A 1429 3.34 21.70 -24.74
C GLY A 1429 3.84 22.11 -23.36
N LEU A 1430 3.14 21.66 -22.32
CA LEU A 1430 3.56 21.97 -20.96
C LEU A 1430 4.93 21.40 -20.65
N SER A 1431 5.17 20.13 -20.96
CA SER A 1431 6.48 19.54 -20.72
C SER A 1431 7.56 20.19 -21.58
N LEU A 1432 7.22 20.50 -22.82
CA LEU A 1432 8.09 21.22 -23.72
C LEU A 1432 8.56 22.53 -23.13
N MET A 1433 7.71 23.18 -22.35
CA MET A 1433 8.10 24.41 -21.70
C MET A 1433 9.24 24.19 -20.71
N SER A 1434 9.20 23.12 -19.92
CA SER A 1434 10.26 22.77 -18.98
C SER A 1434 11.55 22.38 -19.68
N VAL A 1435 11.44 21.47 -20.64
CA VAL A 1435 12.61 20.85 -21.24
C VAL A 1435 13.42 21.92 -21.97
N VAL A 1436 12.76 22.89 -22.58
CA VAL A 1436 13.49 23.95 -23.26
C VAL A 1436 14.31 24.79 -22.29
N GLU A 1437 13.78 25.14 -21.13
CA GLU A 1437 14.53 25.87 -20.13
C GLU A 1437 15.62 25.03 -19.50
N GLN A 1438 15.45 23.72 -19.43
CA GLN A 1438 16.54 22.88 -18.96
C GLN A 1438 17.77 23.04 -19.84
N PHE A 1439 17.59 23.03 -21.16
CA PHE A 1439 18.70 23.06 -22.08
C PHE A 1439 19.11 24.47 -22.48
N THR A 1440 18.30 25.48 -22.18
CA THR A 1440 18.61 26.85 -22.55
C THR A 1440 18.83 27.78 -21.38
N ASN A 1441 18.45 27.40 -20.16
CA ASN A 1441 18.50 28.27 -19.00
C ASN A 1441 17.61 29.49 -19.17
N VAL A 1442 16.59 29.38 -20.01
CA VAL A 1442 15.54 30.38 -20.15
C VAL A 1442 14.25 29.65 -20.50
N CYS A 1443 13.16 30.01 -19.83
CA CYS A 1443 11.86 29.50 -20.23
C CYS A 1443 11.34 30.30 -21.42
N PRO A 1444 10.88 29.65 -22.49
CA PRO A 1444 10.34 30.40 -23.61
C PRO A 1444 9.12 31.20 -23.20
N ASN A 1445 9.01 32.40 -23.77
CA ASN A 1445 7.84 33.21 -23.50
C ASN A 1445 6.57 32.50 -23.96
N ARG A 1446 6.64 31.88 -25.14
CA ARG A 1446 5.59 30.98 -25.59
C ARG A 1446 6.16 30.04 -26.64
N ILE A 1447 5.50 28.91 -26.82
CA ILE A 1447 5.82 27.95 -27.87
C ILE A 1447 4.52 27.63 -28.60
N ILE A 1448 4.56 27.60 -29.93
CA ILE A 1448 3.40 27.24 -30.71
C ILE A 1448 3.59 25.85 -31.31
N LEU A 1449 2.66 24.95 -31.06
CA LEU A 1449 2.64 23.61 -31.63
C LEU A 1449 1.78 23.66 -32.88
N ILE A 1450 2.35 23.29 -34.02
CA ILE A 1450 1.67 23.30 -35.31
C ILE A 1450 1.55 21.84 -35.76
N PRO A 1451 0.36 21.29 -35.92
CA PRO A 1451 0.24 19.85 -36.17
C PRO A 1451 0.53 19.49 -37.62
N LYS A 1452 0.90 18.23 -37.81
CA LYS A 1452 0.95 17.61 -39.13
C LYS A 1452 -0.44 17.03 -39.40
N LEU A 1453 -1.17 17.66 -40.31
CA LEU A 1453 -2.54 17.20 -40.55
C LEU A 1453 -2.54 15.79 -41.12
N ASN A 1454 -1.59 15.49 -42.00
CA ASN A 1454 -1.35 14.13 -42.48
C ASN A 1454 -1.55 13.12 -41.39
N GLU A 1455 -1.00 13.38 -40.21
CA GLU A 1455 -1.05 12.43 -39.12
C GLU A 1455 -2.41 12.32 -38.47
N ILE A 1456 -3.33 13.23 -38.78
CA ILE A 1456 -4.62 13.30 -38.11
C ILE A 1456 -5.66 12.72 -39.05
N HIS A 1457 -6.48 11.82 -38.53
CA HIS A 1457 -7.50 11.13 -39.30
C HIS A 1457 -8.83 11.14 -38.55
N LEU A 1458 -9.91 10.94 -39.29
CA LEU A 1458 -11.24 10.81 -38.70
C LEU A 1458 -11.31 9.57 -37.82
N MET A 1459 -12.05 9.67 -36.73
CA MET A 1459 -12.35 8.53 -35.86
C MET A 1459 -13.85 8.59 -35.59
N LYS A 1460 -14.64 7.85 -36.37
CA LYS A 1460 -16.07 7.87 -36.24
C LYS A 1460 -16.49 6.47 -35.81
N PRO A 1461 -17.63 6.32 -35.14
CA PRO A 1461 -18.02 5.01 -34.64
C PRO A 1461 -18.46 4.11 -35.77
N PRO A 1462 -17.88 2.93 -35.88
CA PRO A 1462 -18.22 2.05 -37.01
C PRO A 1462 -19.60 1.44 -36.87
N ILE A 1463 -20.01 0.66 -37.87
CA ILE A 1463 -21.16 -0.22 -37.77
C ILE A 1463 -20.61 -1.64 -37.79
N PHE A 1464 -20.93 -2.41 -36.76
CA PHE A 1464 -20.31 -3.72 -36.58
C PHE A 1464 -21.14 -4.77 -37.29
N THR A 1465 -20.65 -5.20 -38.44
CA THR A 1465 -21.30 -6.25 -39.21
C THR A 1465 -21.01 -7.61 -38.61
N GLY A 1466 -21.84 -8.58 -38.93
CA GLY A 1466 -21.60 -9.96 -38.54
C GLY A 1466 -22.25 -10.32 -37.22
N ASP A 1467 -22.37 -11.61 -36.99
CA ASP A 1467 -22.95 -12.12 -35.77
C ASP A 1467 -21.88 -12.39 -34.74
N VAL A 1468 -22.32 -12.61 -33.51
CA VAL A 1468 -21.50 -13.17 -32.47
C VAL A 1468 -21.73 -14.68 -32.48
N ASP A 1469 -20.69 -15.44 -32.17
CA ASP A 1469 -20.81 -16.89 -32.10
C ASP A 1469 -21.45 -17.22 -30.76
N ILE A 1470 -22.78 -17.33 -30.75
CA ILE A 1470 -23.53 -17.42 -29.50
C ILE A 1470 -23.36 -18.76 -28.81
N HIS A 1471 -23.11 -19.83 -29.54
CA HIS A 1471 -22.81 -21.11 -28.92
C HIS A 1471 -21.40 -21.16 -28.34
N LYS A 1472 -20.48 -20.38 -28.91
CA LYS A 1472 -19.15 -20.21 -28.33
C LYS A 1472 -19.19 -19.29 -27.11
N LEU A 1473 -20.03 -18.26 -27.15
CA LEU A 1473 -20.20 -17.37 -26.02
C LEU A 1473 -20.66 -18.11 -24.79
N LYS A 1474 -21.58 -19.06 -24.95
CA LYS A 1474 -22.01 -19.91 -23.87
C LYS A 1474 -20.98 -20.95 -23.47
N GLN A 1475 -20.12 -21.37 -24.40
CA GLN A 1475 -19.06 -22.30 -24.04
C GLN A 1475 -18.12 -21.68 -23.01
N VAL A 1476 -17.74 -20.41 -23.20
CA VAL A 1476 -16.87 -19.75 -22.24
C VAL A 1476 -17.55 -19.67 -20.89
N ILE A 1477 -18.80 -19.23 -20.86
CA ILE A 1477 -19.52 -19.08 -19.60
C ILE A 1477 -19.66 -20.40 -18.89
N GLN A 1478 -19.87 -21.49 -19.64
CA GLN A 1478 -20.06 -22.80 -19.02
C GLN A 1478 -18.75 -23.42 -18.55
N LYS A 1479 -17.67 -23.29 -19.33
CA LYS A 1479 -16.43 -23.95 -18.96
C LYS A 1479 -15.66 -23.15 -17.92
N GLN A 1480 -16.00 -21.88 -17.73
CA GLN A 1480 -15.40 -21.05 -16.70
C GLN A 1480 -16.46 -20.58 -15.70
N HIS A 1481 -17.39 -21.48 -15.36
CA HIS A 1481 -18.51 -21.11 -14.51
C HIS A 1481 -18.11 -20.87 -13.07
N MET A 1482 -17.00 -21.45 -12.61
CA MET A 1482 -16.60 -21.30 -11.22
C MET A 1482 -16.13 -19.90 -10.87
N PHE A 1483 -15.78 -19.09 -11.87
CA PHE A 1483 -15.37 -17.71 -11.65
C PHE A 1483 -16.46 -16.73 -12.03
N LEU A 1484 -17.68 -17.21 -12.18
CA LEU A 1484 -18.79 -16.34 -12.50
C LEU A 1484 -19.15 -15.50 -11.28
N PRO A 1485 -19.64 -14.28 -11.49
CA PRO A 1485 -20.03 -13.46 -10.33
C PRO A 1485 -21.30 -14.00 -9.69
N ASP A 1486 -21.79 -13.33 -8.66
CA ASP A 1486 -23.03 -13.72 -8.02
C ASP A 1486 -24.20 -13.36 -8.92
N LYS A 1487 -25.19 -14.24 -8.95
CA LYS A 1487 -26.38 -14.00 -9.76
C LYS A 1487 -27.29 -13.02 -9.03
N ILE A 1488 -27.78 -12.01 -9.73
CA ILE A 1488 -28.78 -11.13 -9.15
C ILE A 1488 -30.01 -11.98 -8.94
N SER A 1489 -30.29 -12.35 -7.69
CA SER A 1489 -31.26 -13.38 -7.40
C SER A 1489 -32.68 -12.83 -7.42
N LEU A 1490 -33.64 -13.62 -6.95
CA LEU A 1490 -35.04 -13.26 -7.01
C LEU A 1490 -35.52 -12.48 -5.80
N THR A 1491 -34.95 -12.72 -4.62
CA THR A 1491 -35.20 -11.91 -3.43
C THR A 1491 -34.30 -10.68 -3.42
N GLN A 1492 -33.70 -10.37 -4.57
CA GLN A 1492 -32.78 -9.25 -4.67
C GLN A 1492 -33.19 -8.35 -5.82
N TYR A 1493 -34.02 -8.86 -6.73
CA TYR A 1493 -34.51 -8.06 -7.84
C TYR A 1493 -35.81 -7.35 -7.51
N VAL A 1494 -36.70 -8.02 -6.78
CA VAL A 1494 -37.95 -7.39 -6.37
C VAL A 1494 -37.73 -6.17 -5.48
N GLU A 1495 -36.65 -6.15 -4.71
CA GLU A 1495 -36.34 -5.02 -3.85
C GLU A 1495 -35.31 -4.08 -4.47
N LEU A 1496 -34.96 -4.29 -5.74
CA LEU A 1496 -34.27 -3.25 -6.48
C LEU A 1496 -35.23 -2.14 -6.88
N PHE A 1497 -36.49 -2.50 -7.10
CA PHE A 1497 -37.50 -1.58 -7.61
C PHE A 1497 -37.10 -1.08 -9.00
N ASN B 130 -50.94 19.51 40.75
CA ASN B 130 -50.90 18.06 40.89
C ASN B 130 -50.24 17.42 39.66
N ILE B 131 -50.46 18.03 38.50
CA ILE B 131 -49.85 17.59 37.25
C ILE B 131 -48.66 18.50 36.95
N THR B 132 -48.41 19.45 37.85
CA THR B 132 -47.17 20.21 37.81
C THR B 132 -46.27 19.75 38.95
N ALA B 133 -46.82 18.96 39.87
CA ALA B 133 -46.05 18.35 40.94
C ALA B 133 -45.70 16.92 40.58
N ARG B 134 -46.70 16.13 40.20
CA ARG B 134 -46.48 14.76 39.78
C ARG B 134 -45.54 14.72 38.58
N LEU B 135 -45.59 15.76 37.75
CA LEU B 135 -44.68 15.88 36.63
C LEU B 135 -43.29 16.33 37.04
N ASP B 136 -43.15 16.97 38.19
CA ASP B 136 -41.85 17.42 38.65
C ASP B 136 -41.07 16.33 39.38
N ARG B 137 -41.77 15.42 40.06
CA ARG B 137 -41.11 14.27 40.70
C ARG B 137 -40.58 13.28 39.69
N ILE B 138 -41.18 13.21 38.50
CA ILE B 138 -40.61 12.43 37.40
C ILE B 138 -39.43 13.13 36.76
N ASP B 139 -39.37 14.46 36.82
CA ASP B 139 -38.26 15.22 36.28
C ASP B 139 -37.07 15.29 37.22
N GLU B 140 -37.20 14.77 38.44
CA GLU B 140 -36.07 14.68 39.35
C GLU B 140 -35.40 13.31 39.32
N LYS B 141 -36.15 12.25 39.02
CA LYS B 141 -35.59 10.94 38.76
C LYS B 141 -34.98 10.86 37.37
N LEU B 142 -35.23 11.86 36.53
CA LEU B 142 -34.63 11.96 35.22
C LEU B 142 -33.33 12.75 35.22
N SER B 143 -33.01 13.42 36.32
CA SER B 143 -31.74 14.10 36.47
C SER B 143 -30.74 13.30 37.28
N GLU B 144 -31.19 12.33 38.07
CA GLU B 144 -30.31 11.45 38.82
C GLU B 144 -30.14 10.09 38.15
N ILE B 145 -30.92 9.80 37.11
CA ILE B 145 -30.59 8.71 36.20
C ILE B 145 -29.62 9.19 35.14
N LEU B 146 -29.61 10.48 34.83
CA LEU B 146 -28.63 11.06 33.94
C LEU B 146 -27.45 11.66 34.70
N GLY B 147 -27.44 11.47 36.02
CA GLY B 147 -26.28 11.81 36.81
C GLY B 147 -25.49 10.57 37.14
N MET B 148 -26.21 9.49 37.43
CA MET B 148 -25.58 8.19 37.66
C MET B 148 -25.06 7.55 36.39
N LEU B 149 -25.50 8.02 35.22
CA LEU B 149 -25.06 7.48 33.95
C LEU B 149 -24.00 8.35 33.29
N HIS B 150 -24.02 9.66 33.54
CA HIS B 150 -22.93 10.54 33.13
C HIS B 150 -21.76 10.44 34.08
N THR B 151 -21.82 9.54 35.06
CA THR B 151 -20.78 9.32 36.04
C THR B 151 -20.10 7.96 35.93
N LEU B 152 -20.73 6.98 35.27
CA LEU B 152 -20.16 5.65 35.18
C LEU B 152 -18.87 5.65 34.38
N VAL B 153 -17.90 4.88 34.86
CA VAL B 153 -16.67 4.58 34.17
C VAL B 153 -16.63 3.08 33.95
N VAL B 154 -16.19 2.68 32.77
CA VAL B 154 -16.10 1.29 32.37
C VAL B 154 -14.63 0.94 32.16
N ALA B 155 -14.21 -0.15 32.77
CA ALA B 155 -12.87 -0.69 32.63
C ALA B 155 -12.89 -1.73 31.53
N SER B 156 -12.03 -1.57 30.54
CA SER B 156 -11.92 -2.49 29.42
C SER B 156 -11.61 -3.89 29.91
N ALA B 157 -12.21 -4.90 29.28
CA ALA B 157 -11.92 -6.27 29.65
C ALA B 157 -10.45 -6.57 29.42
N GLY B 158 -9.88 -7.39 30.29
CA GLY B 158 -8.47 -7.66 30.23
C GLY B 158 -8.11 -8.89 31.02
N PRO B 159 -6.82 -9.24 31.00
CA PRO B 159 -6.36 -10.41 31.76
C PRO B 159 -6.61 -10.25 33.25
N THR B 160 -6.88 -11.36 33.91
CA THR B 160 -7.07 -11.39 35.35
C THR B 160 -5.73 -11.06 36.02
N SER B 161 -5.74 -10.79 37.32
CA SER B 161 -4.50 -10.58 38.07
C SER B 161 -3.59 -11.80 38.07
N ALA B 162 -4.14 -13.00 38.25
CA ALA B 162 -3.37 -14.22 38.04
C ALA B 162 -3.03 -14.33 36.57
N ARG B 163 -3.69 -13.52 35.75
CA ARG B 163 -3.48 -13.48 34.32
C ARG B 163 -3.57 -14.89 33.76
N ASP B 164 -4.63 -15.58 34.18
CA ASP B 164 -5.07 -16.83 33.57
C ASP B 164 -6.53 -16.68 33.20
N GLY B 165 -6.79 -15.94 32.14
CA GLY B 165 -8.15 -15.70 31.69
C GLY B 165 -8.47 -14.23 31.57
N ILE B 166 -9.65 -13.97 31.06
CA ILE B 166 -10.15 -12.62 30.85
C ILE B 166 -11.22 -12.35 31.89
N ARG B 167 -11.29 -11.11 32.36
CA ARG B 167 -12.38 -10.66 33.21
C ARG B 167 -13.17 -9.58 32.48
N ASP B 168 -14.49 -9.65 32.63
CA ASP B 168 -15.40 -8.85 31.84
C ASP B 168 -15.07 -7.37 31.96
N ALA B 169 -15.63 -6.59 31.05
CA ALA B 169 -15.64 -5.14 31.18
C ALA B 169 -16.36 -4.80 32.48
N MET B 170 -15.75 -3.96 33.30
CA MET B 170 -16.23 -3.70 34.64
C MET B 170 -16.79 -2.31 34.71
N ILE B 171 -18.06 -2.19 35.05
CA ILE B 171 -18.74 -0.90 35.06
C ILE B 171 -18.92 -0.49 36.51
N GLY B 172 -18.61 0.77 36.81
CA GLY B 172 -18.78 1.25 38.17
C GLY B 172 -18.79 2.76 38.24
N LEU B 173 -19.29 3.27 39.36
CA LEU B 173 -19.35 4.70 39.57
C LEU B 173 -17.95 5.31 39.49
N ARG B 174 -17.90 6.58 39.10
CA ARG B 174 -16.62 7.26 38.95
C ARG B 174 -15.74 7.08 40.17
N GLU B 175 -16.17 7.61 41.31
CA GLU B 175 -15.30 7.66 42.49
C GLU B 175 -14.88 6.27 42.92
N GLU B 176 -15.82 5.32 42.89
CA GLU B 176 -15.49 3.93 43.20
C GLU B 176 -14.56 3.33 42.15
N MET B 177 -14.38 3.99 41.01
CA MET B 177 -13.41 3.56 40.01
C MET B 177 -12.06 4.22 40.19
N ILE B 178 -12.00 5.37 40.85
CA ILE B 178 -10.74 6.07 41.10
C ILE B 178 -10.08 5.58 42.38
N GLU B 179 -10.77 4.77 43.17
CA GLU B 179 -10.15 4.06 44.29
C GLU B 179 -9.71 2.66 43.93
N LYS B 180 -10.40 2.01 42.97
CA LYS B 180 -9.96 0.69 42.54
C LYS B 180 -8.69 0.77 41.71
N ILE B 181 -8.46 1.89 41.02
CA ILE B 181 -7.15 2.12 40.42
C ILE B 181 -6.12 2.39 41.49
N ARG B 182 -6.46 3.23 42.47
CA ARG B 182 -5.51 3.59 43.52
C ARG B 182 -5.14 2.39 44.37
N THR B 183 -6.11 1.54 44.67
CA THR B 183 -5.87 0.30 45.42
C THR B 183 -5.08 -0.71 44.61
N GLU B 184 -4.93 -0.50 43.31
CA GLU B 184 -4.32 -1.47 42.41
C GLU B 184 -5.13 -2.76 42.39
N ALA B 185 -6.42 -2.64 42.70
CA ALA B 185 -7.35 -3.75 42.54
C ALA B 185 -7.53 -4.09 41.06
N LEU B 186 -7.62 -3.08 40.20
CA LEU B 186 -7.51 -3.27 38.76
C LEU B 186 -6.08 -2.93 38.35
N MET B 187 -5.35 -3.95 37.93
CA MET B 187 -3.96 -3.74 37.51
C MET B 187 -3.91 -2.76 36.35
N THR B 188 -3.23 -1.63 36.56
CA THR B 188 -3.06 -0.64 35.52
C THR B 188 -1.70 0.02 35.68
N ASN B 189 -1.01 0.26 34.57
CA ASN B 189 0.23 1.01 34.59
C ASN B 189 -0.04 2.47 34.26
N ASP B 190 0.78 3.34 34.85
CA ASP B 190 0.56 4.79 34.78
C ASP B 190 -0.74 5.15 35.51
N ARG B 191 -0.84 4.64 36.74
CA ARG B 191 -2.06 4.78 37.51
C ARG B 191 -2.36 6.23 37.87
N LEU B 192 -1.34 7.04 38.13
CA LEU B 192 -1.56 8.44 38.49
C LEU B 192 -2.17 9.23 37.35
N GLU B 193 -1.69 9.00 36.12
CA GLU B 193 -2.34 9.59 34.96
C GLU B 193 -3.79 9.16 34.84
N ALA B 194 -4.06 7.88 35.13
CA ALA B 194 -5.43 7.39 35.09
C ALA B 194 -6.31 8.12 36.10
N MET B 195 -5.87 8.19 37.36
CA MET B 195 -6.67 8.89 38.36
C MET B 195 -6.87 10.35 37.95
N ALA B 196 -5.80 11.01 37.51
CA ALA B 196 -5.90 12.41 37.14
C ALA B 196 -6.86 12.64 36.00
N ARG B 197 -6.85 11.78 34.99
CA ARG B 197 -7.71 11.98 33.82
C ARG B 197 -9.16 11.62 34.11
N LEU B 198 -9.41 10.58 34.91
CA LEU B 198 -10.81 10.31 35.29
C LEU B 198 -11.39 11.48 36.05
N ARG B 199 -10.61 12.08 36.95
CA ARG B 199 -10.98 13.36 37.53
C ARG B 199 -10.79 14.46 36.48
N ASN B 200 -11.71 15.43 36.48
CA ASN B 200 -11.66 16.50 35.49
C ASN B 200 -10.48 17.41 35.82
N GLU B 201 -9.28 16.84 35.69
CA GLU B 201 -8.07 17.44 36.22
C GLU B 201 -6.93 17.26 35.21
N GLU B 202 -6.00 18.20 35.24
CA GLU B 202 -4.83 18.19 34.36
C GLU B 202 -3.60 17.79 35.17
N SER B 203 -2.91 16.74 34.72
CA SER B 203 -1.78 16.18 35.44
C SER B 203 -0.52 16.95 35.09
N GLU B 204 0.64 16.46 35.52
CA GLU B 204 1.92 17.08 35.24
C GLU B 204 2.49 16.62 33.90
N LYS B 205 2.52 15.31 33.64
CA LYS B 205 2.97 14.84 32.34
C LYS B 205 2.07 15.35 31.24
N MET B 206 0.76 15.40 31.48
CA MET B 206 -0.16 15.93 30.47
C MET B 206 0.03 17.42 30.29
N ALA B 207 0.30 18.14 31.38
CA ALA B 207 0.60 19.57 31.27
C ALA B 207 1.97 19.78 30.64
N LYS B 208 2.91 18.88 30.90
CA LYS B 208 4.23 18.96 30.28
C LYS B 208 4.12 18.78 28.76
N ASP B 209 3.30 17.82 28.32
CA ASP B 209 3.26 17.43 26.92
C ASP B 209 2.51 18.45 26.06
N THR B 210 1.66 19.26 26.68
CA THR B 210 0.91 20.26 25.94
C THR B 210 1.33 21.69 26.25
N SER B 211 2.42 21.89 26.98
CA SER B 211 2.76 23.22 27.43
C SER B 211 3.17 24.11 26.27
N ASP B 212 2.97 25.42 26.45
CA ASP B 212 3.34 26.38 25.41
C ASP B 212 4.83 26.31 25.12
N GLU B 213 5.65 26.18 26.15
CA GLU B 213 7.08 26.03 25.99
C GLU B 213 7.52 24.66 26.48
N VAL B 214 8.40 24.02 25.71
CA VAL B 214 8.89 22.68 26.00
C VAL B 214 10.31 22.80 26.54
N SER B 215 10.58 22.10 27.63
CA SER B 215 11.83 22.26 28.35
C SER B 215 12.85 21.21 27.92
N LEU B 216 14.08 21.67 27.69
CA LEU B 216 15.15 20.78 27.26
C LEU B 216 15.63 19.93 28.43
N ASN B 217 15.79 18.63 28.20
CA ASN B 217 16.34 17.76 29.21
C ASN B 217 17.82 18.08 29.41
N PRO B 218 18.41 17.69 30.54
CA PRO B 218 19.78 18.14 30.84
C PRO B 218 20.82 17.77 29.80
N THR B 219 20.74 16.57 29.23
CA THR B 219 21.67 16.18 28.17
C THR B 219 21.35 16.81 26.82
N SER B 220 20.10 17.13 26.55
CA SER B 220 19.74 17.90 25.36
C SER B 220 20.13 19.35 25.47
N GLU B 221 20.42 19.84 26.67
CA GLU B 221 21.06 21.14 26.82
C GLU B 221 22.54 21.07 26.48
N LYS B 222 23.20 19.97 26.85
CA LYS B 222 24.58 19.75 26.41
C LYS B 222 24.65 19.70 24.90
N LEU B 223 23.83 18.85 24.29
CA LEU B 223 23.82 18.74 22.83
C LEU B 223 23.58 20.10 22.20
N ASN B 224 22.58 20.83 22.69
CA ASN B 224 22.26 22.13 22.12
C ASN B 224 23.39 23.12 22.31
N ASN B 225 24.16 23.03 23.39
CA ASN B 225 25.31 23.89 23.56
C ASN B 225 26.43 23.54 22.59
N LEU B 226 26.63 22.26 22.27
CA LEU B 226 27.64 21.89 21.29
C LEU B 226 27.24 22.28 19.88
N LEU B 227 25.96 22.33 19.57
CA LEU B 227 25.46 22.79 18.28
C LEU B 227 25.41 24.30 18.20
N GLU B 228 26.15 25.00 19.05
CA GLU B 228 26.08 26.45 19.08
C GLU B 228 27.42 27.05 19.50
N ASN C 130 -47.18 24.64 28.15
CA ASN C 130 -46.46 24.09 29.30
C ASN C 130 -46.58 22.57 29.30
N ILE C 131 -47.70 22.06 29.78
CA ILE C 131 -47.99 20.64 29.67
C ILE C 131 -48.07 20.33 28.18
N THR C 132 -47.41 19.25 27.76
CA THR C 132 -47.11 18.90 26.37
C THR C 132 -45.83 19.59 25.91
N ALA C 133 -45.25 20.42 26.77
CA ALA C 133 -43.90 20.93 26.52
C ALA C 133 -42.91 20.41 27.55
N ARG C 134 -43.39 20.03 28.74
CA ARG C 134 -42.52 19.38 29.70
C ARG C 134 -42.26 17.94 29.31
N LEU C 135 -43.28 17.27 28.75
CA LEU C 135 -43.04 15.94 28.20
C LEU C 135 -42.05 15.98 27.04
N ASP C 136 -41.90 17.11 26.36
CA ASP C 136 -40.82 17.22 25.39
C ASP C 136 -39.46 17.06 26.05
N ARG C 137 -39.25 17.69 27.21
CA ARG C 137 -38.01 17.52 27.94
C ARG C 137 -37.86 16.09 28.44
N ILE C 138 -38.94 15.52 28.98
CA ILE C 138 -38.86 14.14 29.46
C ILE C 138 -38.49 13.20 28.32
N ASP C 139 -39.03 13.45 27.13
CA ASP C 139 -38.69 12.67 25.94
C ASP C 139 -37.23 12.87 25.55
N GLU C 140 -36.76 14.11 25.50
CA GLU C 140 -35.39 14.37 25.05
C GLU C 140 -34.37 13.82 26.03
N LYS C 141 -34.72 13.71 27.31
CA LYS C 141 -33.80 13.16 28.29
C LYS C 141 -33.89 11.64 28.34
N LEU C 142 -35.10 11.10 28.27
CA LEU C 142 -35.27 9.65 28.24
C LEU C 142 -34.70 9.03 26.98
N SER C 143 -34.48 9.82 25.93
CA SER C 143 -33.75 9.37 24.75
C SER C 143 -32.26 9.30 25.01
N GLU C 144 -31.72 10.28 25.72
CA GLU C 144 -30.31 10.27 26.09
C GLU C 144 -30.00 9.11 27.02
N ILE C 145 -30.91 8.80 27.94
CA ILE C 145 -30.73 7.61 28.76
C ILE C 145 -30.64 6.37 27.89
N LEU C 146 -31.47 6.29 26.83
CA LEU C 146 -31.44 5.15 25.93
C LEU C 146 -30.10 5.04 25.23
N GLY C 147 -29.60 6.17 24.73
CA GLY C 147 -28.29 6.16 24.10
C GLY C 147 -27.20 5.65 25.03
N MET C 148 -27.19 6.17 26.27
CA MET C 148 -26.24 5.69 27.28
C MET C 148 -26.33 4.18 27.42
N LEU C 149 -27.51 3.69 27.81
CA LEU C 149 -27.65 2.29 28.16
C LEU C 149 -27.44 1.38 26.98
N HIS C 150 -27.65 1.88 25.75
CA HIS C 150 -27.37 1.06 24.58
C HIS C 150 -25.88 0.92 24.37
N THR C 151 -25.18 2.07 24.31
CA THR C 151 -23.73 1.99 24.15
C THR C 151 -23.11 1.14 25.25
N LEU C 152 -23.74 1.09 26.41
CA LEU C 152 -23.23 0.24 27.47
C LEU C 152 -23.50 -1.24 27.22
N VAL C 153 -24.60 -1.59 26.56
CA VAL C 153 -24.82 -2.99 26.19
C VAL C 153 -23.86 -3.41 25.09
N VAL C 154 -23.67 -2.56 24.09
CA VAL C 154 -22.80 -2.90 22.98
C VAL C 154 -21.38 -3.14 23.48
N ALA C 155 -20.88 -2.25 24.33
CA ALA C 155 -19.53 -2.39 24.87
C ALA C 155 -19.40 -3.49 25.90
N SER C 156 -20.48 -3.83 26.60
CA SER C 156 -20.43 -4.84 27.65
C SER C 156 -20.61 -6.25 27.09
N ALA C 157 -20.85 -6.38 25.79
CA ALA C 157 -20.95 -7.68 25.12
C ALA C 157 -19.71 -7.82 24.26
N GLY C 158 -18.62 -8.31 24.84
CA GLY C 158 -17.33 -8.26 24.19
C GLY C 158 -16.59 -9.57 24.26
N PRO C 159 -15.26 -9.51 24.40
CA PRO C 159 -14.45 -10.72 24.23
C PRO C 159 -14.90 -11.85 25.11
N THR C 160 -15.44 -11.56 26.30
CA THR C 160 -15.83 -12.59 27.23
C THR C 160 -17.27 -13.05 27.04
N SER C 161 -18.08 -12.30 26.30
CA SER C 161 -19.39 -12.77 25.85
C SER C 161 -19.30 -13.64 24.62
N ALA C 162 -18.51 -13.23 23.62
CA ALA C 162 -18.24 -14.11 22.51
C ALA C 162 -17.67 -15.45 22.99
N ARG C 163 -16.82 -15.42 24.01
CA ARG C 163 -16.27 -16.66 24.55
C ARG C 163 -17.37 -17.54 25.15
N ASP C 164 -18.31 -16.95 25.86
CA ASP C 164 -19.31 -17.72 26.57
C ASP C 164 -20.59 -17.93 25.76
N GLY C 165 -20.60 -17.52 24.49
CA GLY C 165 -21.74 -17.73 23.63
C GLY C 165 -22.94 -16.93 24.07
N ILE C 166 -22.70 -15.68 24.44
CA ILE C 166 -23.73 -14.81 24.97
C ILE C 166 -23.90 -13.54 24.16
N ARG C 167 -22.98 -13.25 23.24
CA ARG C 167 -23.01 -11.96 22.56
C ARG C 167 -24.26 -11.81 21.70
N ASP C 168 -24.71 -12.89 21.07
CA ASP C 168 -25.87 -12.79 20.18
C ASP C 168 -27.14 -12.54 20.96
N ALA C 169 -27.26 -13.09 22.17
CA ALA C 169 -28.39 -12.77 23.03
C ALA C 169 -28.35 -11.34 23.51
N MET C 170 -27.20 -10.66 23.41
CA MET C 170 -27.11 -9.30 23.91
C MET C 170 -27.26 -8.29 22.79
N ILE C 171 -26.77 -8.61 21.59
CA ILE C 171 -26.93 -7.70 20.46
C ILE C 171 -28.07 -8.11 19.52
N GLY C 172 -28.61 -9.30 19.68
CA GLY C 172 -29.82 -9.70 18.97
C GLY C 172 -29.54 -10.23 17.58
N LEU C 173 -30.33 -11.22 17.19
CA LEU C 173 -30.17 -11.86 15.88
C LEU C 173 -30.47 -10.87 14.77
N ARG C 174 -29.81 -11.07 13.63
CA ARG C 174 -29.93 -10.14 12.52
C ARG C 174 -30.23 -10.86 11.22
N GLU C 175 -30.23 -10.13 10.10
CA GLU C 175 -30.80 -10.65 8.86
C GLU C 175 -30.17 -11.98 8.45
N GLU C 176 -28.87 -11.97 8.18
CA GLU C 176 -28.22 -13.15 7.59
C GLU C 176 -28.33 -14.38 8.44
N MET C 177 -28.57 -14.27 9.74
CA MET C 177 -28.79 -15.43 10.59
C MET C 177 -30.24 -15.88 10.61
N ILE C 178 -31.20 -14.97 10.59
CA ILE C 178 -32.59 -15.35 10.46
C ILE C 178 -32.86 -15.98 9.11
N GLU C 179 -32.24 -15.48 8.05
CA GLU C 179 -32.35 -16.11 6.73
C GLU C 179 -31.94 -17.57 6.80
N LYS C 180 -30.81 -17.84 7.44
CA LYS C 180 -30.39 -19.22 7.62
C LYS C 180 -31.40 -20.01 8.43
N ILE C 181 -31.98 -19.43 9.49
CA ILE C 181 -32.97 -20.19 10.24
C ILE C 181 -34.17 -20.53 9.37
N ARG C 182 -34.61 -19.60 8.51
CA ARG C 182 -35.70 -19.95 7.58
C ARG C 182 -35.28 -21.10 6.68
N THR C 183 -34.15 -20.94 5.98
CA THR C 183 -33.74 -21.95 5.02
C THR C 183 -33.67 -23.30 5.71
N GLU C 184 -33.35 -23.31 7.00
CA GLU C 184 -33.44 -24.53 7.77
C GLU C 184 -34.88 -24.94 8.00
N ALA C 185 -35.79 -23.96 8.12
CA ALA C 185 -37.21 -24.26 8.32
C ALA C 185 -37.84 -24.89 7.09
N LEU C 186 -37.18 -24.87 5.94
CA LEU C 186 -37.73 -25.41 4.71
C LEU C 186 -37.05 -26.72 4.33
N ASN D 130 -51.12 16.27 20.63
CA ASN D 130 -51.81 15.70 21.77
C ASN D 130 -50.83 15.30 22.87
N ILE D 131 -51.35 15.10 24.08
CA ILE D 131 -50.54 14.67 25.20
C ILE D 131 -50.67 13.16 25.43
N THR D 132 -51.44 12.47 24.61
CA THR D 132 -51.48 11.02 24.61
C THR D 132 -50.60 10.41 23.53
N ALA D 133 -50.26 11.18 22.51
CA ALA D 133 -49.23 10.79 21.56
C ALA D 133 -47.84 11.04 22.08
N ARG D 134 -47.72 11.73 23.23
CA ARG D 134 -46.45 11.91 23.91
C ARG D 134 -46.36 11.13 25.21
N LEU D 135 -47.48 10.73 25.79
CA LEU D 135 -47.52 9.89 26.98
C LEU D 135 -47.56 8.42 26.60
N ASP D 136 -47.48 8.13 25.30
CA ASP D 136 -47.45 6.76 24.81
C ASP D 136 -46.11 6.51 24.14
N ARG D 137 -45.50 7.57 23.62
CA ARG D 137 -44.13 7.51 23.17
C ARG D 137 -43.17 7.33 24.33
N ILE D 138 -43.52 7.86 25.50
CA ILE D 138 -42.69 7.72 26.69
C ILE D 138 -42.71 6.29 27.20
N ASP D 139 -43.91 5.70 27.31
CA ASP D 139 -44.01 4.35 27.82
C ASP D 139 -43.31 3.33 26.93
N GLU D 140 -43.23 3.58 25.63
CA GLU D 140 -42.51 2.72 24.71
C GLU D 140 -41.03 3.05 24.66
N LYS D 141 -40.66 4.30 24.91
CA LYS D 141 -39.27 4.68 25.11
C LYS D 141 -38.76 4.27 26.48
N LEU D 142 -39.65 4.20 27.46
CA LEU D 142 -39.32 3.83 28.83
C LEU D 142 -39.35 2.31 29.02
N SER D 143 -39.87 1.58 28.04
CA SER D 143 -39.77 0.13 28.03
C SER D 143 -38.55 -0.37 27.26
N GLU D 144 -38.00 0.45 26.35
CA GLU D 144 -36.69 0.14 25.80
C GLU D 144 -35.63 0.18 26.89
N ILE D 145 -35.66 1.22 27.73
CA ILE D 145 -34.68 1.35 28.81
C ILE D 145 -34.75 0.17 29.76
N LEU D 146 -35.94 -0.30 30.08
CA LEU D 146 -36.12 -1.40 30.99
C LEU D 146 -35.78 -2.75 30.37
N GLY D 147 -35.55 -2.80 29.07
CA GLY D 147 -35.15 -4.03 28.42
C GLY D 147 -33.66 -4.07 28.23
N MET D 148 -33.06 -2.89 28.10
CA MET D 148 -31.61 -2.76 28.05
C MET D 148 -30.97 -2.75 29.42
N LEU D 149 -31.75 -2.71 30.49
CA LEU D 149 -31.22 -2.91 31.82
C LEU D 149 -31.29 -4.36 32.26
N HIS D 150 -32.21 -5.14 31.72
CA HIS D 150 -32.26 -6.57 31.99
C HIS D 150 -31.13 -7.32 31.32
N THR D 151 -30.78 -6.95 30.08
CA THR D 151 -29.64 -7.57 29.41
C THR D 151 -28.36 -7.37 30.22
N LEU D 152 -28.07 -6.12 30.60
CA LEU D 152 -26.85 -5.82 31.32
C LEU D 152 -26.80 -6.52 32.67
N VAL D 153 -27.91 -6.50 33.41
CA VAL D 153 -27.93 -7.12 34.72
C VAL D 153 -27.84 -8.65 34.64
N VAL D 154 -28.45 -9.28 33.63
CA VAL D 154 -28.36 -10.72 33.53
C VAL D 154 -27.02 -11.20 32.98
N ALA D 155 -26.39 -10.42 32.11
CA ALA D 155 -25.05 -10.78 31.64
C ALA D 155 -24.05 -10.69 32.79
N SER D 156 -24.06 -9.55 33.49
CA SER D 156 -23.13 -9.31 34.59
C SER D 156 -23.34 -10.31 35.71
N ALA D 157 -24.60 -10.61 36.03
CA ALA D 157 -24.92 -11.51 37.12
C ALA D 157 -24.65 -12.96 36.71
N GLY D 158 -23.97 -13.71 37.57
CA GLY D 158 -23.60 -15.07 37.28
C GLY D 158 -22.18 -15.36 37.73
N PRO D 159 -21.37 -16.02 36.89
CA PRO D 159 -21.60 -16.67 35.59
C PRO D 159 -21.65 -18.20 35.69
N THR D 160 -21.70 -18.86 34.53
CA THR D 160 -21.62 -20.32 34.40
C THR D 160 -22.92 -20.99 34.81
N SER D 161 -23.84 -20.24 35.40
CA SER D 161 -25.20 -20.71 35.63
C SER D 161 -26.23 -19.64 35.29
N ALA D 162 -25.81 -18.38 35.17
CA ALA D 162 -26.62 -17.33 34.59
C ALA D 162 -26.25 -17.06 33.14
N ARG D 163 -25.16 -17.64 32.65
CA ARG D 163 -24.79 -17.57 31.24
C ARG D 163 -25.01 -18.88 30.51
N ASP D 164 -24.80 -20.02 31.15
CA ASP D 164 -25.22 -21.28 30.54
C ASP D 164 -26.70 -21.25 30.19
N GLY D 165 -27.49 -20.53 30.99
CA GLY D 165 -28.91 -20.36 30.72
C GLY D 165 -29.25 -19.30 29.69
N ILE D 166 -28.29 -18.47 29.30
CA ILE D 166 -28.47 -17.56 28.19
C ILE D 166 -28.08 -18.23 26.87
N ARG D 167 -27.53 -19.44 26.94
CA ARG D 167 -27.20 -20.23 25.76
C ARG D 167 -28.21 -21.32 25.51
N ASP D 168 -28.60 -22.07 26.53
CA ASP D 168 -29.69 -23.03 26.39
C ASP D 168 -30.95 -22.34 25.92
N ALA D 169 -31.23 -21.16 26.48
CA ALA D 169 -32.45 -20.44 26.12
C ALA D 169 -32.34 -19.79 24.74
N MET D 170 -31.14 -19.68 24.18
CA MET D 170 -30.98 -19.26 22.80
C MET D 170 -31.06 -20.44 21.84
N ILE D 171 -30.62 -21.63 22.25
CA ILE D 171 -30.98 -22.83 21.52
C ILE D 171 -32.49 -22.93 21.41
N GLY D 172 -33.18 -22.67 22.52
CA GLY D 172 -34.63 -22.63 22.48
C GLY D 172 -35.16 -21.57 21.53
N LEU D 173 -34.56 -20.38 21.54
CA LEU D 173 -34.99 -19.34 20.62
C LEU D 173 -34.92 -19.82 19.18
N ARG D 174 -33.76 -20.34 18.77
CA ARG D 174 -33.61 -20.76 17.38
C ARG D 174 -34.55 -21.91 17.05
N GLU D 175 -34.65 -22.91 17.93
CA GLU D 175 -35.42 -24.10 17.60
C GLU D 175 -36.92 -23.90 17.75
N GLU D 176 -37.35 -22.78 18.33
CA GLU D 176 -38.76 -22.44 18.36
C GLU D 176 -39.12 -21.36 17.34
N MET D 177 -38.14 -20.63 16.83
CA MET D 177 -38.35 -19.75 15.70
C MET D 177 -38.58 -20.53 14.41
N ILE D 178 -37.87 -21.64 14.24
CA ILE D 178 -38.11 -22.53 13.12
C ILE D 178 -39.47 -23.20 13.19
N GLU D 179 -39.99 -23.42 14.40
CA GLU D 179 -41.28 -24.07 14.57
C GLU D 179 -42.45 -23.14 14.31
N LYS D 180 -42.30 -21.85 14.56
CA LYS D 180 -43.34 -20.87 14.24
C LYS D 180 -43.32 -20.49 12.77
N ILE D 181 -42.27 -20.84 12.04
CA ILE D 181 -42.10 -20.38 10.67
C ILE D 181 -42.50 -21.44 9.65
N ARG D 182 -42.14 -22.70 9.87
CA ARG D 182 -42.56 -23.79 9.01
C ARG D 182 -44.06 -24.05 9.09
N THR D 183 -44.77 -23.33 9.96
CA THR D 183 -46.21 -23.46 10.07
C THR D 183 -46.89 -22.13 9.78
N GLU D 184 -46.44 -21.45 8.73
CA GLU D 184 -47.04 -20.19 8.32
C GLU D 184 -46.88 -19.99 6.82
N ILE E 131 -54.50 11.52 32.77
CA ILE E 131 -53.12 11.96 32.67
C ILE E 131 -52.38 11.69 33.97
N THR E 132 -53.09 11.81 35.10
CA THR E 132 -52.49 11.53 36.39
C THR E 132 -52.05 10.07 36.46
N ALA E 133 -52.89 9.15 35.99
CA ALA E 133 -52.51 7.75 35.97
C ALA E 133 -51.30 7.51 35.08
N ARG E 134 -51.25 8.16 33.91
CA ARG E 134 -50.11 8.00 33.02
C ARG E 134 -48.83 8.45 33.71
N LEU E 135 -48.86 9.62 34.37
CA LEU E 135 -47.65 10.14 35.01
C LEU E 135 -47.25 9.26 36.20
N ASP E 136 -48.23 8.74 36.93
CA ASP E 136 -47.94 7.86 38.04
C ASP E 136 -47.25 6.60 37.52
N ARG E 137 -47.74 6.07 36.40
CA ARG E 137 -47.12 4.88 35.83
C ARG E 137 -45.73 5.17 35.31
N ILE E 138 -45.50 6.36 34.76
CA ILE E 138 -44.17 6.75 34.32
C ILE E 138 -43.22 6.77 35.52
N ASP E 139 -43.66 7.40 36.61
CA ASP E 139 -42.81 7.51 37.80
C ASP E 139 -42.54 6.15 38.43
N GLU E 140 -43.55 5.27 38.48
CA GLU E 140 -43.36 3.95 39.08
C GLU E 140 -42.36 3.11 38.30
N LYS E 141 -42.26 3.31 36.98
CA LYS E 141 -41.26 2.65 36.17
C LYS E 141 -39.91 3.35 36.19
N LEU E 142 -39.88 4.67 36.36
CA LEU E 142 -38.62 5.38 36.51
C LEU E 142 -37.98 5.17 37.87
N SER E 143 -38.74 4.72 38.86
CA SER E 143 -38.17 4.36 40.15
C SER E 143 -37.83 2.88 40.19
N GLU E 144 -38.08 2.17 39.09
CA GLU E 144 -37.75 0.76 38.98
C GLU E 144 -36.61 0.61 38.00
N ILE E 145 -36.44 1.61 37.15
CA ILE E 145 -35.20 1.72 36.38
C ILE E 145 -34.03 1.90 37.32
N LEU E 146 -34.18 2.75 38.33
CA LEU E 146 -33.11 3.05 39.28
C LEU E 146 -32.71 1.79 40.05
N GLY E 147 -33.69 1.01 40.47
CA GLY E 147 -33.40 -0.22 41.18
C GLY E 147 -32.51 -1.14 40.36
N MET E 148 -32.79 -1.25 39.07
CA MET E 148 -31.91 -1.99 38.18
C MET E 148 -30.62 -1.26 37.93
N LEU E 149 -30.67 0.07 37.76
CA LEU E 149 -29.47 0.83 37.48
C LEU E 149 -28.53 0.91 38.67
N HIS E 150 -29.00 0.58 39.87
CA HIS E 150 -28.12 0.40 41.02
C HIS E 150 -27.62 -1.03 41.15
N THR E 151 -28.44 -2.01 40.81
CA THR E 151 -27.99 -3.39 40.79
C THR E 151 -26.94 -3.61 39.71
N LEU E 152 -26.78 -2.67 38.79
CA LEU E 152 -25.81 -2.76 37.72
C LEU E 152 -24.43 -2.28 38.16
N VAL E 153 -24.36 -1.15 38.84
CA VAL E 153 -23.09 -0.57 39.25
C VAL E 153 -22.62 -1.21 40.56
N VAL E 154 -23.37 -2.20 41.04
CA VAL E 154 -22.97 -2.94 42.23
C VAL E 154 -22.40 -4.29 41.77
N ALA E 155 -23.04 -4.89 40.78
CA ALA E 155 -22.60 -6.18 40.27
C ALA E 155 -21.45 -6.00 39.29
N ARG E 174 -33.80 -13.80 33.05
CA ARG E 174 -33.41 -13.92 31.65
C ARG E 174 -34.65 -13.88 30.77
N GLU E 175 -35.77 -14.33 31.34
CA GLU E 175 -37.03 -14.39 30.61
C GLU E 175 -37.33 -13.03 29.97
N GLU E 176 -37.21 -11.96 30.74
CA GLU E 176 -37.37 -10.62 30.19
C GLU E 176 -36.29 -10.31 29.17
N MET E 177 -35.05 -10.72 29.43
CA MET E 177 -34.01 -10.56 28.42
C MET E 177 -34.37 -11.35 27.16
N ILE E 178 -34.70 -12.63 27.31
CA ILE E 178 -35.13 -13.40 26.15
C ILE E 178 -36.64 -13.31 26.03
N GLU E 179 -37.10 -12.11 25.73
CA GLU E 179 -38.38 -11.87 25.06
C GLU E 179 -38.21 -10.69 24.12
N LYS E 180 -37.15 -9.91 24.37
CA LYS E 180 -36.78 -8.81 23.50
C LYS E 180 -35.99 -9.28 22.29
N ILE E 181 -35.19 -10.34 22.44
CA ILE E 181 -34.61 -10.96 21.26
C ILE E 181 -35.72 -11.51 20.37
N ARG E 182 -36.45 -12.50 20.87
CA ARG E 182 -37.46 -13.16 20.05
C ARG E 182 -38.40 -12.16 19.39
N THR E 183 -38.80 -11.12 20.11
CA THR E 183 -39.71 -10.15 19.52
C THR E 183 -39.08 -9.40 18.36
N GLU E 184 -37.88 -8.84 18.55
CA GLU E 184 -37.25 -8.08 17.46
C GLU E 184 -36.82 -8.98 16.32
N ALA E 185 -36.30 -10.16 16.65
CA ALA E 185 -35.93 -11.15 15.65
C ALA E 185 -37.15 -11.55 14.85
N LEU E 186 -38.28 -11.74 15.52
CA LEU E 186 -39.51 -12.03 14.83
C LEU E 186 -39.96 -10.87 13.94
N MET E 187 -39.78 -9.63 14.40
CA MET E 187 -40.13 -8.48 13.57
C MET E 187 -39.27 -8.40 12.31
N THR E 188 -37.96 -8.57 12.41
CA THR E 188 -37.11 -8.60 11.23
C THR E 188 -37.31 -9.83 10.37
N ASN E 189 -37.73 -10.95 10.96
CA ASN E 189 -38.13 -12.11 10.18
C ASN E 189 -39.36 -11.82 9.34
N ASP E 190 -40.41 -11.32 9.99
CA ASP E 190 -41.63 -10.97 9.26
C ASP E 190 -41.39 -9.84 8.28
N ARG E 191 -40.35 -9.04 8.47
CA ARG E 191 -39.92 -8.08 7.47
C ARG E 191 -39.10 -8.72 6.36
N LEU E 192 -38.45 -9.86 6.62
CA LEU E 192 -37.80 -10.65 5.60
C LEU E 192 -38.79 -11.42 4.74
N GLU E 193 -39.94 -11.81 5.30
CA GLU E 193 -40.94 -12.58 4.58
C GLU E 193 -41.91 -11.67 3.83
N ALA E 194 -41.73 -10.36 3.96
CA ALA E 194 -42.37 -9.40 3.08
C ALA E 194 -41.66 -9.32 1.74
N MET E 195 -40.33 -9.48 1.74
CA MET E 195 -39.58 -9.58 0.50
C MET E 195 -39.75 -10.93 -0.17
N ALA E 196 -40.05 -11.97 0.59
CA ALA E 196 -40.26 -13.31 0.05
C ALA E 196 -41.65 -13.49 -0.54
N ARG E 197 -42.58 -12.60 -0.27
CA ARG E 197 -43.89 -12.62 -0.91
C ARG E 197 -43.90 -11.84 -2.22
N LEU E 198 -43.01 -10.87 -2.40
CA LEU E 198 -42.94 -10.15 -3.66
C LEU E 198 -42.30 -10.99 -4.76
N ARG E 199 -41.43 -11.92 -4.38
CA ARG E 199 -40.80 -12.80 -5.35
C ARG E 199 -41.82 -13.80 -5.88
N Y6L F . -13.28 20.02 -33.13
C Y6L F . -14.59 17.99 -32.80
O Y6L F . -7.99 7.26 -27.94
C1 Y6L F . -13.25 18.57 -33.26
C10 Y6L F . -7.57 20.99 -30.69
C11 Y6L F . -8.72 20.29 -31.02
C12 Y6L F . -11.13 16.17 -31.24
C13 Y6L F . -11.17 14.74 -30.78
C14 Y6L F . -9.58 12.60 -28.70
C15 Y6L F . -9.16 11.17 -28.53
C16 Y6L F . -8.75 10.43 -29.60
C17 Y6L F . -8.35 9.11 -29.44
C18 Y6L F . -8.35 8.55 -28.18
C19 Y6L F . -8.26 6.28 -28.96
C2 Y6L F . -13.07 18.20 -34.73
C20 Y6L F . -7.26 6.18 -30.05
C21 Y6L F . -7.36 5.12 -29.01
C22 Y6L F . -8.77 9.31 -27.08
C23 Y6L F . -9.16 9.40 -24.73
C24 Y6L F . -9.16 10.62 -27.24
C25 Y6L F . -12.18 16.67 -31.99
C3 Y6L F . -12.13 17.99 -32.43
C4 Y6L F . -11.00 18.74 -32.10
C5 Y6L F . -9.99 18.17 -31.33
C6 Y6L F . -8.77 18.91 -30.97
C7 Y6L F . -7.60 18.23 -30.61
C8 Y6L F . -6.44 18.92 -30.30
C9 Y6L F . -6.45 20.28 -30.35
F Y6L F . -5.32 20.96 -30.03
N1 Y6L F . -10.04 16.88 -30.93
N2 Y6L F . -10.05 14.32 -30.18
N3 Y6L F . -9.88 12.97 -29.95
O1 Y6L F . -8.74 8.67 -25.87
O2 Y6L F . -9.63 13.37 -27.75
O3 Y6L F . -12.14 14.03 -31.00
H4 Y6L F . -13.38 20.51 -34.01
H1 Y6L F . -14.70 16.93 -33.05
H2 Y6L F . -15.43 18.51 -33.25
H Y6L F . -14.72 18.07 -31.72
H11 Y6L F . -7.55 22.08 -30.72
H12 Y6L F . -9.61 20.85 -31.29
H15 Y6L F . -8.75 10.87 -30.59
H16 Y6L F . -8.04 8.52 -30.30
H17 Y6L F . -9.33 6.18 -29.14
H6 Y6L F . -13.06 17.14 -34.90
H7 Y6L F . -13.87 18.61 -35.35
H5 Y6L F . -12.14 18.60 -35.14
H18 Y6L F . -7.58 5.98 -31.07
H19 Y6L F . -6.41 6.84 -30.09
H20 Y6L F . -7.74 4.13 -29.26
H21 Y6L F . -6.59 5.01 -28.24
H22 Y6L F . -8.63 10.34 -24.61
H23 Y6L F . -9.11 8.83 -23.81
H24 Y6L F . -10.22 9.61 -24.94
H25 Y6L F . -9.49 11.24 -26.42
H26 Y6L F . -13.03 16.04 -32.23
H8 Y6L F . -10.89 19.78 -32.41
H9 Y6L F . -7.59 17.14 -30.59
H10 Y6L F . -5.54 18.38 -30.01
H13 Y6L F . -9.29 14.91 -29.87
H14 Y6L F . -9.99 12.35 -30.74
#